data_1NBK
# 
_entry.id   1NBK 
# 
_audit_conform.dict_name       mmcif_pdbx.dic 
_audit_conform.dict_version    5.396 
_audit_conform.dict_location   http://mmcif.pdb.org/dictionaries/ascii/mmcif_pdbx.dic 
# 
loop_
_database_2.database_id 
_database_2.database_code 
_database_2.pdbx_database_accession 
_database_2.pdbx_DOI 
PDB   1NBK         pdb_00001nbk 10.2210/pdb1nbk/pdb 
RCSB  RCSB017743   ?            ?                   
WWPDB D_1000017743 ?            ?                   
# 
loop_
_pdbx_audit_revision_history.ordinal 
_pdbx_audit_revision_history.data_content_type 
_pdbx_audit_revision_history.major_revision 
_pdbx_audit_revision_history.minor_revision 
_pdbx_audit_revision_history.revision_date 
1 'Structure model' 1 0 2003-12-03 
2 'Structure model' 1 1 2008-04-28 
3 'Structure model' 1 2 2011-07-13 
4 'Structure model' 1 3 2022-02-23 
5 'Structure model' 1 4 2024-05-29 
6 'Structure model' 1 5 2024-09-18 
# 
_pdbx_audit_revision_details.ordinal             1 
_pdbx_audit_revision_details.revision_ordinal    1 
_pdbx_audit_revision_details.data_content_type   'Structure model' 
_pdbx_audit_revision_details.provider            repository 
_pdbx_audit_revision_details.type                'Initial release' 
_pdbx_audit_revision_details.description         ? 
_pdbx_audit_revision_details.details             ? 
# 
loop_
_pdbx_audit_revision_group.ordinal 
_pdbx_audit_revision_group.revision_ordinal 
_pdbx_audit_revision_group.data_content_type 
_pdbx_audit_revision_group.group 
1 2 'Structure model' 'Version format compliance' 
2 3 'Structure model' 'Version format compliance' 
3 4 'Structure model' 'Database references'       
4 4 'Structure model' 'Derived calculations'      
5 5 'Structure model' 'Data collection'           
6 6 'Structure model' 'Source and taxonomy'       
7 6 'Structure model' 'Structure summary'         
# 
loop_
_pdbx_audit_revision_category.ordinal 
_pdbx_audit_revision_category.revision_ordinal 
_pdbx_audit_revision_category.data_content_type 
_pdbx_audit_revision_category.category 
1 4 'Structure model' database_2            
2 4 'Structure model' pdbx_struct_assembly  
3 4 'Structure model' pdbx_struct_oper_list 
4 4 'Structure model' struct_site           
5 5 'Structure model' chem_comp_atom        
6 5 'Structure model' chem_comp_bond        
7 6 'Structure model' chem_comp             
8 6 'Structure model' pdbx_entity_src_syn   
# 
loop_
_pdbx_audit_revision_item.ordinal 
_pdbx_audit_revision_item.revision_ordinal 
_pdbx_audit_revision_item.data_content_type 
_pdbx_audit_revision_item.item 
1 4 'Structure model' '_database_2.pdbx_DOI'                
2 4 'Structure model' '_database_2.pdbx_database_accession' 
3 4 'Structure model' '_struct_site.pdbx_auth_asym_id'      
4 4 'Structure model' '_struct_site.pdbx_auth_comp_id'      
5 4 'Structure model' '_struct_site.pdbx_auth_seq_id'       
6 6 'Structure model' '_chem_comp.mon_nstd_flag'            
7 6 'Structure model' '_chem_comp.pdbx_synonyms'            
# 
_pdbx_database_status.status_code                     REL 
_pdbx_database_status.entry_id                        1NBK 
_pdbx_database_status.recvd_initial_deposition_date   2002-12-03 
_pdbx_database_status.deposit_site                    RCSB 
_pdbx_database_status.process_site                    PDBJ 
_pdbx_database_status.SG_entry                        . 
_pdbx_database_status.pdb_format_compatible           Y 
_pdbx_database_status.status_code_mr                  ? 
_pdbx_database_status.status_code_sf                  ? 
_pdbx_database_status.status_code_cs                  ? 
_pdbx_database_status.status_code_nmr_data            ? 
_pdbx_database_status.methods_development_category    ? 
# 
loop_
_audit_author.name 
_audit_author.pdbx_ordinal 
'Matsugami, A.' 1 
'Kobayashi, S.' 2 
'Ouhashi, K.'   3 
'Uesugi, S.'    4 
'Yamamoto, R.'  5 
'Taira, K.'     6 
'Nishikawa, S.' 7 
'Kumar, P.K.R.' 8 
'Katahira, M.'  9 
# 
_citation.id                        primary 
_citation.title                     'Structural Basis of the Highly Efficient Trapping of the HIV Tat Protein by an RNA Aptamer' 
_citation.journal_abbrev            Structure 
_citation.journal_volume            11 
_citation.page_first                533 
_citation.page_last                 545 
_citation.year                      2003 
_citation.journal_id_ASTM           STRUE6 
_citation.country                   UK 
_citation.journal_id_ISSN           0969-2126 
_citation.journal_id_CSD            2005 
_citation.book_publisher            ? 
_citation.pdbx_database_id_PubMed   12737819 
_citation.pdbx_database_id_DOI      '10.1016/S0969-2126(03)00069-8' 
# 
loop_
_citation_author.citation_id 
_citation_author.name 
_citation_author.ordinal 
_citation_author.identifier_ORCID 
primary 'Matsugami, A.' 1 ? 
primary 'Kobayashi, S.' 2 ? 
primary 'Ouhashi, K.'   3 ? 
primary 'Uesugi, S.'    4 ? 
primary 'Yamamoto, R.'  5 ? 
primary 'Taira, K.'     6 ? 
primary 'Nishikawa, S.' 7 ? 
primary 'Kumar, P.K.R.' 8 ? 
primary 'Katahira, M.'  9 ? 
# 
loop_
_entity.id 
_entity.type 
_entity.src_method 
_entity.pdbx_description 
_entity.formula_weight 
_entity.pdbx_number_of_molecules 
_entity.pdbx_ec 
_entity.pdbx_mutation 
_entity.pdbx_fragment 
_entity.details 
1 polymer     syn 'RNA aptamer'                        10921.535 1 ? ? ? ? 
2 non-polymer syn '2-AMINO-5-GUANIDINO-PENTANOIC ACID' 175.209   2 ? ? ? ? 
# 
_entity_poly.entity_id                      1 
_entity_poly.type                           polyribonucleotide 
_entity_poly.nstd_linkage                   no 
_entity_poly.nstd_monomer                   no 
_entity_poly.pdbx_seq_one_letter_code       GGGAGCUUGAUCCCGGAAACGGUCGAUCGCUCCC 
_entity_poly.pdbx_seq_one_letter_code_can   GGGAGCUUGAUCCCGGAAACGGUCGAUCGCUCCC 
_entity_poly.pdbx_strand_id                 A 
_entity_poly.pdbx_target_identifier         ? 
# 
_pdbx_entity_nonpoly.entity_id   2 
_pdbx_entity_nonpoly.name        '2-AMINO-5-GUANIDINO-PENTANOIC ACID' 
_pdbx_entity_nonpoly.comp_id     GND 
# 
loop_
_entity_poly_seq.entity_id 
_entity_poly_seq.num 
_entity_poly_seq.mon_id 
_entity_poly_seq.hetero 
1 1  G n 
1 2  G n 
1 3  G n 
1 4  A n 
1 5  G n 
1 6  C n 
1 7  U n 
1 8  U n 
1 9  G n 
1 10 A n 
1 11 U n 
1 12 C n 
1 13 C n 
1 14 C n 
1 15 G n 
1 16 G n 
1 17 A n 
1 18 A n 
1 19 A n 
1 20 C n 
1 21 G n 
1 22 G n 
1 23 U n 
1 24 C n 
1 25 G n 
1 26 A n 
1 27 U n 
1 28 C n 
1 29 G n 
1 30 C n 
1 31 U n 
1 32 C n 
1 33 C n 
1 34 C n 
# 
_pdbx_entity_src_syn.entity_id              1 
_pdbx_entity_src_syn.pdbx_src_id            1 
_pdbx_entity_src_syn.pdbx_alt_source_flag   sample 
_pdbx_entity_src_syn.pdbx_beg_seq_num       ? 
_pdbx_entity_src_syn.pdbx_end_seq_num       ? 
_pdbx_entity_src_syn.organism_scientific    'synthetic construct' 
_pdbx_entity_src_syn.organism_common_name   ? 
_pdbx_entity_src_syn.ncbi_taxonomy_id       32630 
_pdbx_entity_src_syn.details                ? 
# 
loop_
_chem_comp.id 
_chem_comp.type 
_chem_comp.mon_nstd_flag 
_chem_comp.name 
_chem_comp.pdbx_synonyms 
_chem_comp.formula 
_chem_comp.formula_weight 
A   'RNA linking'       y "ADENOSINE-5'-MONOPHOSPHATE"         ?                                   'C10 H14 N5 O7 P' 347.221 
C   'RNA linking'       y "CYTIDINE-5'-MONOPHOSPHATE"          ?                                   'C9 H14 N3 O8 P'  323.197 
G   'RNA linking'       y "GUANOSINE-5'-MONOPHOSPHATE"         ?                                   'C10 H14 N5 O8 P' 363.221 
GND 'L-peptide linking' n '2-AMINO-5-GUANIDINO-PENTANOIC ACID' 'L-argininium(2+); L-argininediium' 'C6 H15 N4 O2 1'  175.209 
U   'RNA linking'       y "URIDINE-5'-MONOPHOSPHATE"           ?                                   'C9 H13 N2 O9 P'  324.181 
# 
loop_
_pdbx_poly_seq_scheme.asym_id 
_pdbx_poly_seq_scheme.entity_id 
_pdbx_poly_seq_scheme.seq_id 
_pdbx_poly_seq_scheme.mon_id 
_pdbx_poly_seq_scheme.ndb_seq_num 
_pdbx_poly_seq_scheme.pdb_seq_num 
_pdbx_poly_seq_scheme.auth_seq_num 
_pdbx_poly_seq_scheme.pdb_mon_id 
_pdbx_poly_seq_scheme.auth_mon_id 
_pdbx_poly_seq_scheme.pdb_strand_id 
_pdbx_poly_seq_scheme.pdb_ins_code 
_pdbx_poly_seq_scheme.hetero 
A 1 1  G 1  1  1  G G A . n 
A 1 2  G 2  2  2  G G A . n 
A 1 3  G 3  3  3  G G A . n 
A 1 4  A 4  4  4  A A A . n 
A 1 5  G 5  5  5  G G A . n 
A 1 6  C 6  6  6  C C A . n 
A 1 7  U 7  7  7  U U A . n 
A 1 8  U 8  8  8  U U A . n 
A 1 9  G 9  9  9  G G A . n 
A 1 10 A 10 10 10 A A A . n 
A 1 11 U 11 11 11 U U A . n 
A 1 12 C 12 12 12 C C A . n 
A 1 13 C 13 13 13 C C A . n 
A 1 14 C 14 14 14 C C A . n 
A 1 15 G 15 15 15 G G A . n 
A 1 16 G 16 16 16 G G A . n 
A 1 17 A 17 17 17 A A A . n 
A 1 18 A 18 18 18 A A A . n 
A 1 19 A 19 19 19 A A A . n 
A 1 20 C 20 20 20 C C A . n 
A 1 21 G 21 21 21 G G A . n 
A 1 22 G 22 22 22 G G A . n 
A 1 23 U 23 23 23 U U A . n 
A 1 24 C 24 24 24 C C A . n 
A 1 25 G 25 25 25 G G A . n 
A 1 26 A 26 26 26 A A A . n 
A 1 27 U 27 27 27 U U A . n 
A 1 28 C 28 28 28 C C A . n 
A 1 29 G 29 29 29 G G A . n 
A 1 30 C 30 30 30 C C A . n 
A 1 31 U 31 31 31 U U A . n 
A 1 32 C 32 32 32 C C A . n 
A 1 33 C 33 33 33 C C A . n 
A 1 34 C 34 34 34 C C A . n 
# 
loop_
_pdbx_nonpoly_scheme.asym_id 
_pdbx_nonpoly_scheme.entity_id 
_pdbx_nonpoly_scheme.mon_id 
_pdbx_nonpoly_scheme.ndb_seq_num 
_pdbx_nonpoly_scheme.pdb_seq_num 
_pdbx_nonpoly_scheme.auth_seq_num 
_pdbx_nonpoly_scheme.pdb_mon_id 
_pdbx_nonpoly_scheme.auth_mon_id 
_pdbx_nonpoly_scheme.pdb_strand_id 
_pdbx_nonpoly_scheme.pdb_ins_code 
B 2 GND 1 35 35 GND ARG A . 
C 2 GND 1 36 36 GND ARG A . 
# 
_exptl.entry_id          1NBK 
_exptl.method            'SOLUTION NMR' 
_exptl.crystals_number   ? 
# 
_exptl_crystal.id                    1 
_exptl_crystal.density_meas          ? 
_exptl_crystal.density_Matthews      ? 
_exptl_crystal.density_percent_sol   ? 
_exptl_crystal.description           ? 
# 
_diffrn.id                     1 
_diffrn.ambient_temp           ? 
_diffrn.ambient_temp_details   ? 
_diffrn.crystal_id             1 
# 
_diffrn_radiation.diffrn_id                        1 
_diffrn_radiation.wavelength_id                    1 
_diffrn_radiation.pdbx_monochromatic_or_laue_m_l   M 
_diffrn_radiation.monochromator                    ? 
_diffrn_radiation.pdbx_diffrn_protocol             'SINGLE WAVELENGTH' 
_diffrn_radiation.pdbx_scattering_type             ? 
# 
_diffrn_radiation_wavelength.id           1 
_diffrn_radiation_wavelength.wavelength   . 
_diffrn_radiation_wavelength.wt           1.0 
# 
_struct.entry_id                  1NBK 
_struct.title                     'The structure of RNA aptamer for HIV Tat complexed with two argininamide molecules' 
_struct.pdbx_model_details        ? 
_struct.pdbx_CASP_flag            ? 
_struct.pdbx_model_type_details   ? 
# 
_struct_keywords.entry_id        1NBK 
_struct_keywords.pdbx_keywords   RNA 
_struct_keywords.text            'RNA-LIGANDS COMPLEX, BASE TRIPLE, RNA APTAMER, HIV TAT, RNA' 
# 
loop_
_struct_asym.id 
_struct_asym.pdbx_blank_PDB_chainid_flag 
_struct_asym.pdbx_modified 
_struct_asym.entity_id 
_struct_asym.details 
A N N 1 ? 
B N N 2 ? 
C N N 2 ? 
# 
_struct_ref.id                         1 
_struct_ref.entity_id                  1 
_struct_ref.db_name                    PDB 
_struct_ref.db_code                    1NBK 
_struct_ref.pdbx_db_accession          1NBK 
_struct_ref.pdbx_db_isoform            ? 
_struct_ref.pdbx_seq_one_letter_code   ? 
_struct_ref.pdbx_align_begin           ? 
# 
_struct_ref_seq.align_id                      1 
_struct_ref_seq.ref_id                        1 
_struct_ref_seq.pdbx_PDB_id_code              1NBK 
_struct_ref_seq.pdbx_strand_id                A 
_struct_ref_seq.seq_align_beg                 1 
_struct_ref_seq.pdbx_seq_align_beg_ins_code   ? 
_struct_ref_seq.seq_align_end                 34 
_struct_ref_seq.pdbx_seq_align_end_ins_code   ? 
_struct_ref_seq.pdbx_db_accession             1NBK 
_struct_ref_seq.db_align_beg                  1 
_struct_ref_seq.pdbx_db_align_beg_ins_code    ? 
_struct_ref_seq.db_align_end                  34 
_struct_ref_seq.pdbx_db_align_end_ins_code    ? 
_struct_ref_seq.pdbx_auth_seq_align_beg       1 
_struct_ref_seq.pdbx_auth_seq_align_end       34 
# 
_pdbx_struct_assembly.id                   1 
_pdbx_struct_assembly.details              author_defined_assembly 
_pdbx_struct_assembly.method_details       ? 
_pdbx_struct_assembly.oligomeric_details   monomeric 
_pdbx_struct_assembly.oligomeric_count     1 
# 
_pdbx_struct_assembly_gen.assembly_id       1 
_pdbx_struct_assembly_gen.oper_expression   1 
_pdbx_struct_assembly_gen.asym_id_list      A,B,C 
# 
_pdbx_struct_oper_list.id                   1 
_pdbx_struct_oper_list.type                 'identity operation' 
_pdbx_struct_oper_list.name                 1_555 
_pdbx_struct_oper_list.symmetry_operation   x,y,z 
_pdbx_struct_oper_list.matrix[1][1]         1.0000000000 
_pdbx_struct_oper_list.matrix[1][2]         0.0000000000 
_pdbx_struct_oper_list.matrix[1][3]         0.0000000000 
_pdbx_struct_oper_list.vector[1]            0.0000000000 
_pdbx_struct_oper_list.matrix[2][1]         0.0000000000 
_pdbx_struct_oper_list.matrix[2][2]         1.0000000000 
_pdbx_struct_oper_list.matrix[2][3]         0.0000000000 
_pdbx_struct_oper_list.vector[2]            0.0000000000 
_pdbx_struct_oper_list.matrix[3][1]         0.0000000000 
_pdbx_struct_oper_list.matrix[3][2]         0.0000000000 
_pdbx_struct_oper_list.matrix[3][3]         1.0000000000 
_pdbx_struct_oper_list.vector[3]            0.0000000000 
# 
loop_
_struct_conn.id 
_struct_conn.conn_type_id 
_struct_conn.pdbx_leaving_atom_flag 
_struct_conn.pdbx_PDB_id 
_struct_conn.ptnr1_label_asym_id 
_struct_conn.ptnr1_label_comp_id 
_struct_conn.ptnr1_label_seq_id 
_struct_conn.ptnr1_label_atom_id 
_struct_conn.pdbx_ptnr1_label_alt_id 
_struct_conn.pdbx_ptnr1_PDB_ins_code 
_struct_conn.pdbx_ptnr1_standard_comp_id 
_struct_conn.ptnr1_symmetry 
_struct_conn.ptnr2_label_asym_id 
_struct_conn.ptnr2_label_comp_id 
_struct_conn.ptnr2_label_seq_id 
_struct_conn.ptnr2_label_atom_id 
_struct_conn.pdbx_ptnr2_label_alt_id 
_struct_conn.pdbx_ptnr2_PDB_ins_code 
_struct_conn.ptnr1_auth_asym_id 
_struct_conn.ptnr1_auth_comp_id 
_struct_conn.ptnr1_auth_seq_id 
_struct_conn.ptnr2_auth_asym_id 
_struct_conn.ptnr2_auth_comp_id 
_struct_conn.ptnr2_auth_seq_id 
_struct_conn.ptnr2_symmetry 
_struct_conn.pdbx_ptnr3_label_atom_id 
_struct_conn.pdbx_ptnr3_label_seq_id 
_struct_conn.pdbx_ptnr3_label_comp_id 
_struct_conn.pdbx_ptnr3_label_asym_id 
_struct_conn.pdbx_ptnr3_label_alt_id 
_struct_conn.pdbx_ptnr3_PDB_ins_code 
_struct_conn.details 
_struct_conn.pdbx_dist_value 
_struct_conn.pdbx_value_order 
_struct_conn.pdbx_role 
hydrog1  hydrog ? ? A G 1  N1 ? ? ? 1_555 A C 34 N3 ? ? A G 1  A C 34 1_555 ? ? ? ? ? ? WATSON-CRICK  ? ? ? 
hydrog2  hydrog ? ? A G 1  N2 ? ? ? 1_555 A C 34 O2 ? ? A G 1  A C 34 1_555 ? ? ? ? ? ? WATSON-CRICK  ? ? ? 
hydrog3  hydrog ? ? A G 1  O6 ? ? ? 1_555 A C 34 N4 ? ? A G 1  A C 34 1_555 ? ? ? ? ? ? WATSON-CRICK  ? ? ? 
hydrog4  hydrog ? ? A G 2  N1 ? ? ? 1_555 A C 33 N3 ? ? A G 2  A C 33 1_555 ? ? ? ? ? ? WATSON-CRICK  ? ? ? 
hydrog5  hydrog ? ? A G 2  N2 ? ? ? 1_555 A C 33 O2 ? ? A G 2  A C 33 1_555 ? ? ? ? ? ? WATSON-CRICK  ? ? ? 
hydrog6  hydrog ? ? A G 2  O6 ? ? ? 1_555 A C 33 N4 ? ? A G 2  A C 33 1_555 ? ? ? ? ? ? WATSON-CRICK  ? ? ? 
hydrog7  hydrog ? ? A G 3  N1 ? ? ? 1_555 A C 32 N3 ? ? A G 3  A C 32 1_555 ? ? ? ? ? ? WATSON-CRICK  ? ? ? 
hydrog8  hydrog ? ? A G 3  N2 ? ? ? 1_555 A C 32 O2 ? ? A G 3  A C 32 1_555 ? ? ? ? ? ? WATSON-CRICK  ? ? ? 
hydrog9  hydrog ? ? A G 3  O6 ? ? ? 1_555 A C 32 N4 ? ? A G 3  A C 32 1_555 ? ? ? ? ? ? WATSON-CRICK  ? ? ? 
hydrog10 hydrog ? ? A A 4  N1 ? ? ? 1_555 A U 31 N3 ? ? A A 4  A U 31 1_555 ? ? ? ? ? ? WATSON-CRICK  ? ? ? 
hydrog11 hydrog ? ? A A 4  N6 ? ? ? 1_555 A U 31 O4 ? ? A A 4  A U 31 1_555 ? ? ? ? ? ? WATSON-CRICK  ? ? ? 
hydrog12 hydrog ? ? A G 5  N1 ? ? ? 1_555 A C 30 N3 ? ? A G 5  A C 30 1_555 ? ? ? ? ? ? WATSON-CRICK  ? ? ? 
hydrog13 hydrog ? ? A G 5  N2 ? ? ? 1_555 A C 30 O2 ? ? A G 5  A C 30 1_555 ? ? ? ? ? ? WATSON-CRICK  ? ? ? 
hydrog14 hydrog ? ? A G 5  O6 ? ? ? 1_555 A C 30 N4 ? ? A G 5  A C 30 1_555 ? ? ? ? ? ? WATSON-CRICK  ? ? ? 
hydrog15 hydrog ? ? A C 6  N3 ? ? ? 1_555 A G 29 N1 ? ? A C 6  A G 29 1_555 ? ? ? ? ? ? WATSON-CRICK  ? ? ? 
hydrog16 hydrog ? ? A C 6  N4 ? ? ? 1_555 A G 29 O6 ? ? A C 6  A G 29 1_555 ? ? ? ? ? ? WATSON-CRICK  ? ? ? 
hydrog17 hydrog ? ? A C 6  O2 ? ? ? 1_555 A G 29 N2 ? ? A C 6  A G 29 1_555 ? ? ? ? ? ? WATSON-CRICK  ? ? ? 
hydrog18 hydrog ? ? A U 7  N3 ? ? ? 1_555 A A 10 N7 ? ? A U 7  A A 10 1_555 ? ? ? ? ? ? HOOGSTEEN     ? ? ? 
hydrog19 hydrog ? ? A U 7  O4 ? ? ? 1_555 A A 10 N6 ? ? A U 7  A A 10 1_555 ? ? ? ? ? ? HOOGSTEEN     ? ? ? 
hydrog20 hydrog ? ? A G 9  N1 ? ? ? 1_555 A C 28 N3 ? ? A G 9  A C 28 1_555 ? ? ? ? ? ? WATSON-CRICK  ? ? ? 
hydrog21 hydrog ? ? A G 9  N2 ? ? ? 1_555 A C 28 O2 ? ? A G 9  A C 28 1_555 ? ? ? ? ? ? WATSON-CRICK  ? ? ? 
hydrog22 hydrog ? ? A G 9  O6 ? ? ? 1_555 A C 28 N4 ? ? A G 9  A C 28 1_555 ? ? ? ? ? ? WATSON-CRICK  ? ? ? 
hydrog23 hydrog ? ? A A 10 N1 ? ? ? 1_555 A U 27 N3 ? ? A A 10 A U 27 1_555 ? ? ? ? ? ? WATSON-CRICK  ? ? ? 
hydrog24 hydrog ? ? A A 10 N6 ? ? ? 1_555 A U 27 O4 ? ? A A 10 A U 27 1_555 ? ? ? ? ? ? WATSON-CRICK  ? ? ? 
hydrog25 hydrog ? ? A U 11 N3 ? ? ? 1_555 A A 26 N1 ? ? A U 11 A A 26 1_555 ? ? ? ? ? ? WATSON-CRICK  ? ? ? 
hydrog26 hydrog ? ? A U 11 O4 ? ? ? 1_555 A A 26 N6 ? ? A U 11 A A 26 1_555 ? ? ? ? ? ? WATSON-CRICK  ? ? ? 
hydrog27 hydrog ? ? A C 12 N3 ? ? ? 1_555 A G 25 N1 ? ? A C 12 A G 25 1_555 ? ? ? ? ? ? WATSON-CRICK  ? ? ? 
hydrog28 hydrog ? ? A C 12 N4 ? ? ? 1_555 A G 25 O6 ? ? A C 12 A G 25 1_555 ? ? ? ? ? ? WATSON-CRICK  ? ? ? 
hydrog29 hydrog ? ? A C 12 O2 ? ? ? 1_555 A G 25 N2 ? ? A C 12 A G 25 1_555 ? ? ? ? ? ? WATSON-CRICK  ? ? ? 
hydrog30 hydrog ? ? A C 13 N3 ? ? ? 1_555 A G 22 N1 ? ? A C 13 A G 22 1_555 ? ? ? ? ? ? WATSON-CRICK  ? ? ? 
hydrog31 hydrog ? ? A C 13 N4 ? ? ? 1_555 A G 22 O6 ? ? A C 13 A G 22 1_555 ? ? ? ? ? ? WATSON-CRICK  ? ? ? 
hydrog32 hydrog ? ? A C 13 O2 ? ? ? 1_555 A G 22 N2 ? ? A C 13 A G 22 1_555 ? ? ? ? ? ? WATSON-CRICK  ? ? ? 
hydrog33 hydrog ? ? A C 14 N3 ? ? ? 1_555 A G 21 N1 ? ? A C 14 A G 21 1_555 ? ? ? ? ? ? WATSON-CRICK  ? ? ? 
hydrog34 hydrog ? ? A C 14 N4 ? ? ? 1_555 A G 21 O6 ? ? A C 14 A G 21 1_555 ? ? ? ? ? ? WATSON-CRICK  ? ? ? 
hydrog35 hydrog ? ? A C 14 O2 ? ? ? 1_555 A G 21 N2 ? ? A C 14 A G 21 1_555 ? ? ? ? ? ? WATSON-CRICK  ? ? ? 
hydrog36 hydrog ? ? A G 15 N1 ? ? ? 1_555 A C 20 N3 ? ? A G 15 A C 20 1_555 ? ? ? ? ? ? WATSON-CRICK  ? ? ? 
hydrog37 hydrog ? ? A G 15 N2 ? ? ? 1_555 A C 20 O2 ? ? A G 15 A C 20 1_555 ? ? ? ? ? ? WATSON-CRICK  ? ? ? 
hydrog38 hydrog ? ? A G 15 O6 ? ? ? 1_555 A C 20 N4 ? ? A G 15 A C 20 1_555 ? ? ? ? ? ? WATSON-CRICK  ? ? ? 
hydrog39 hydrog ? ? A G 15 N1 ? ? ? 1_555 A G 21 N3 ? ? A G 15 A G 21 1_555 ? ? ? ? ? ? 'G-G MISPAIR' ? ? ? 
hydrog40 hydrog ? ? A G 16 N2 ? ? ? 1_555 A A 19 N7 ? ? A G 16 A A 19 1_555 ? ? ? ? ? ? TYPE_11_PAIR  ? ? ? 
hydrog41 hydrog ? ? A G 16 N3 ? ? ? 1_555 A A 19 N6 ? ? A G 16 A A 19 1_555 ? ? ? ? ? ? TYPE_11_PAIR  ? ? ? 
hydrog42 hydrog ? ? A U 23 N3 ? ? ? 1_555 A A 26 N7 ? ? A U 23 A A 26 1_555 ? ? ? ? ? ? HOOGSTEEN     ? ? ? 
hydrog43 hydrog ? ? A U 23 O4 ? ? ? 1_555 A A 26 N6 ? ? A U 23 A A 26 1_555 ? ? ? ? ? ? HOOGSTEEN     ? ? ? 
# 
_struct_conn_type.id          hydrog 
_struct_conn_type.criteria    ? 
_struct_conn_type.reference   ? 
# 
loop_
_struct_site.id 
_struct_site.pdbx_evidence_code 
_struct_site.pdbx_auth_asym_id 
_struct_site.pdbx_auth_comp_id 
_struct_site.pdbx_auth_seq_id 
_struct_site.pdbx_auth_ins_code 
_struct_site.pdbx_num_residues 
_struct_site.details 
AC1 Software A GND 35 ? 6 'BINDING SITE FOR RESIDUE GND A 35' 
AC2 Software A GND 36 ? 7 'BINDING SITE FOR RESIDUE GND A 36' 
# 
loop_
_struct_site_gen.id 
_struct_site_gen.site_id 
_struct_site_gen.pdbx_num_res 
_struct_site_gen.label_comp_id 
_struct_site_gen.label_asym_id 
_struct_site_gen.label_seq_id 
_struct_site_gen.pdbx_auth_ins_code 
_struct_site_gen.auth_comp_id 
_struct_site_gen.auth_asym_id 
_struct_site_gen.auth_seq_id 
_struct_site_gen.label_atom_id 
_struct_site_gen.label_alt_id 
_struct_site_gen.symmetry 
_struct_site_gen.details 
1  AC1 6 C A 6  ? C A 6  . ? 1_555 ? 
2  AC1 6 U A 7  ? U A 7  . ? 1_555 ? 
3  AC1 6 G A 9  ? G A 9  . ? 1_555 ? 
4  AC1 6 U A 27 ? U A 27 . ? 1_555 ? 
5  AC1 6 C A 28 ? C A 28 . ? 1_555 ? 
6  AC1 6 G A 29 ? G A 29 . ? 1_555 ? 
7  AC2 7 U A 7  ? U A 7  . ? 1_555 ? 
8  AC2 7 A A 10 ? A A 10 . ? 1_555 ? 
9  AC2 7 U A 11 ? U A 11 . ? 1_555 ? 
10 AC2 7 C A 12 ? C A 12 . ? 1_555 ? 
11 AC2 7 G A 22 ? G A 22 . ? 1_555 ? 
12 AC2 7 U A 23 ? U A 23 . ? 1_555 ? 
13 AC2 7 G A 25 ? G A 25 . ? 1_555 ? 
# 
loop_
_pdbx_validate_close_contact.id 
_pdbx_validate_close_contact.PDB_model_num 
_pdbx_validate_close_contact.auth_atom_id_1 
_pdbx_validate_close_contact.auth_asym_id_1 
_pdbx_validate_close_contact.auth_comp_id_1 
_pdbx_validate_close_contact.auth_seq_id_1 
_pdbx_validate_close_contact.PDB_ins_code_1 
_pdbx_validate_close_contact.label_alt_id_1 
_pdbx_validate_close_contact.auth_atom_id_2 
_pdbx_validate_close_contact.auth_asym_id_2 
_pdbx_validate_close_contact.auth_comp_id_2 
_pdbx_validate_close_contact.auth_seq_id_2 
_pdbx_validate_close_contact.PDB_ins_code_2 
_pdbx_validate_close_contact.label_alt_id_2 
_pdbx_validate_close_contact.dist 
1  1 H21   A G 16 ? ? OP2   A A   19 ? ? 1.39 
2  1 O6    A G 2  ? ? H41   A C   33 ? ? 1.42 
3  1 N7    A G 25 ? ? HH22  A GND 36 ? ? 1.47 
4  1 H41   A C 12 ? ? O6    A G   25 ? ? 1.48 
5  1 H41   A C 6  ? ? O6    A G   29 ? ? 1.48 
6  1 O6    A G 9  ? ? H41   A C   28 ? ? 1.51 
7  1 O6    A G 15 ? ? H41   A C   20 ? ? 1.51 
8  1 H41   A C 13 ? ? O6    A G   22 ? ? 1.53 
9  1 "O2'" A A 26 ? ? "H5'" A U   27 ? ? 1.57 
10 1 O6    A G 3  ? ? H41   A C   32 ? ? 1.58 
# 
loop_
_pdbx_validate_rmsd_angle.id 
_pdbx_validate_rmsd_angle.PDB_model_num 
_pdbx_validate_rmsd_angle.auth_atom_id_1 
_pdbx_validate_rmsd_angle.auth_asym_id_1 
_pdbx_validate_rmsd_angle.auth_comp_id_1 
_pdbx_validate_rmsd_angle.auth_seq_id_1 
_pdbx_validate_rmsd_angle.PDB_ins_code_1 
_pdbx_validate_rmsd_angle.label_alt_id_1 
_pdbx_validate_rmsd_angle.auth_atom_id_2 
_pdbx_validate_rmsd_angle.auth_asym_id_2 
_pdbx_validate_rmsd_angle.auth_comp_id_2 
_pdbx_validate_rmsd_angle.auth_seq_id_2 
_pdbx_validate_rmsd_angle.PDB_ins_code_2 
_pdbx_validate_rmsd_angle.label_alt_id_2 
_pdbx_validate_rmsd_angle.auth_atom_id_3 
_pdbx_validate_rmsd_angle.auth_asym_id_3 
_pdbx_validate_rmsd_angle.auth_comp_id_3 
_pdbx_validate_rmsd_angle.auth_seq_id_3 
_pdbx_validate_rmsd_angle.PDB_ins_code_3 
_pdbx_validate_rmsd_angle.label_alt_id_3 
_pdbx_validate_rmsd_angle.angle_value 
_pdbx_validate_rmsd_angle.angle_target_value 
_pdbx_validate_rmsd_angle.angle_deviation 
_pdbx_validate_rmsd_angle.angle_standard_deviation 
_pdbx_validate_rmsd_angle.linker_flag 
1  1 N7 A G 1  ? ? C8 A G 1  ? ? N9 A G 1  ? ? 117.66 113.10 4.56  0.50 N 
2  1 C8 A G 1  ? ? N9 A G 1  ? ? C4 A G 1  ? ? 103.72 106.40 -2.68 0.40 N 
3  1 N7 A G 2  ? ? C8 A G 2  ? ? N9 A G 2  ? ? 117.61 113.10 4.51  0.50 N 
4  1 C8 A G 2  ? ? N9 A G 2  ? ? C4 A G 2  ? ? 103.71 106.40 -2.69 0.40 N 
5  1 N7 A G 3  ? ? C8 A G 3  ? ? N9 A G 3  ? ? 117.63 113.10 4.53  0.50 N 
6  1 C8 A G 3  ? ? N9 A G 3  ? ? C4 A G 3  ? ? 103.76 106.40 -2.64 0.40 N 
7  1 N7 A A 4  ? ? C8 A A 4  ? ? N9 A A 4  ? ? 117.51 113.80 3.71  0.50 N 
8  1 N7 A G 5  ? ? C8 A G 5  ? ? N9 A G 5  ? ? 117.64 113.10 4.54  0.50 N 
9  1 C8 A G 5  ? ? N9 A G 5  ? ? C4 A G 5  ? ? 103.78 106.40 -2.62 0.40 N 
10 1 N7 A G 9  ? ? C8 A G 9  ? ? N9 A G 9  ? ? 117.47 113.10 4.37  0.50 N 
11 1 C8 A G 9  ? ? N9 A G 9  ? ? C4 A G 9  ? ? 103.64 106.40 -2.76 0.40 N 
12 1 N7 A A 10 ? ? C8 A A 10 ? ? N9 A A 10 ? ? 117.50 113.80 3.70  0.50 N 
13 1 N7 A G 15 ? ? C8 A G 15 ? ? N9 A G 15 ? ? 117.66 113.10 4.56  0.50 N 
14 1 C8 A G 15 ? ? N9 A G 15 ? ? C4 A G 15 ? ? 103.79 106.40 -2.61 0.40 N 
15 1 N7 A G 16 ? ? C8 A G 16 ? ? N9 A G 16 ? ? 117.60 113.10 4.50  0.50 N 
16 1 C8 A G 16 ? ? N9 A G 16 ? ? C4 A G 16 ? ? 103.77 106.40 -2.63 0.40 N 
17 1 N7 A A 17 ? ? C8 A A 17 ? ? N9 A A 17 ? ? 117.60 113.80 3.80  0.50 N 
18 1 N7 A A 18 ? ? C8 A A 18 ? ? N9 A A 18 ? ? 117.64 113.80 3.84  0.50 N 
19 1 N7 A A 19 ? ? C8 A A 19 ? ? N9 A A 19 ? ? 117.65 113.80 3.85  0.50 N 
20 1 N7 A G 21 ? ? C8 A G 21 ? ? N9 A G 21 ? ? 117.62 113.10 4.52  0.50 N 
21 1 C8 A G 21 ? ? N9 A G 21 ? ? C4 A G 21 ? ? 103.78 106.40 -2.62 0.40 N 
22 1 N7 A G 22 ? ? C8 A G 22 ? ? N9 A G 22 ? ? 117.69 113.10 4.59  0.50 N 
23 1 C8 A G 22 ? ? N9 A G 22 ? ? C4 A G 22 ? ? 103.78 106.40 -2.62 0.40 N 
24 1 N7 A G 25 ? ? C8 A G 25 ? ? N9 A G 25 ? ? 117.64 113.10 4.54  0.50 N 
25 1 C8 A G 25 ? ? N9 A G 25 ? ? C4 A G 25 ? ? 103.70 106.40 -2.70 0.40 N 
26 1 N7 A A 26 ? ? C8 A A 26 ? ? N9 A A 26 ? ? 117.50 113.80 3.70  0.50 N 
27 1 N7 A G 29 ? ? C8 A G 29 ? ? N9 A G 29 ? ? 117.65 113.10 4.55  0.50 N 
28 1 C8 A G 29 ? ? N9 A G 29 ? ? C4 A G 29 ? ? 103.72 106.40 -2.68 0.40 N 
# 
_pdbx_nmr_ensemble.entry_id                             1NBK 
_pdbx_nmr_ensemble.conformers_calculated_total_number   ? 
_pdbx_nmr_ensemble.conformers_submitted_total_number    1 
_pdbx_nmr_ensemble.conformer_selection_criteria         ? 
# 
_pdbx_nmr_representative.entry_id             1NBK 
_pdbx_nmr_representative.conformer_id         1 
_pdbx_nmr_representative.selection_criteria   'lowest energy' 
# 
loop_
_pdbx_nmr_sample_details.solution_id 
_pdbx_nmr_sample_details.contents 
_pdbx_nmr_sample_details.solvent_system 
_pdbx_nmr_sample_details.label 
_pdbx_nmr_sample_details.type 
_pdbx_nmr_sample_details.details 
1 '1.7mM RNA U-15N,13C; 6.8mM argininamide; 10mM sodium phosphate buffer; 30mM NaCl; 0.1mM EDTA' '95% H2O/5% D2O' ? ? ? 
2 '1.7mM RNA U-15N,13C; 6.8mM argininamide; 10mM sodium phosphate buffer; 30mM NaCl; 0.1mM EDTA' '100% D2O'       ? ? ? 
3 '1.7mM RNA; 6.8mM argininamide; 10mM sodium phosphate buffer; 30mM NaCl; 0.1mM EDTA'           '95% H2O/5% D2O' ? ? ? 
4 '1.7mM RNA; 6.8mM argininamide; 10mM sodium phosphate buffer; 30mM NaCl; 0.1mM EDTA'           '100% D2O'       ? ? ? 
# 
loop_
_pdbx_nmr_exptl_sample_conditions.conditions_id 
_pdbx_nmr_exptl_sample_conditions.temperature 
_pdbx_nmr_exptl_sample_conditions.pressure 
_pdbx_nmr_exptl_sample_conditions.pH 
_pdbx_nmr_exptl_sample_conditions.ionic_strength 
_pdbx_nmr_exptl_sample_conditions.pressure_units 
_pdbx_nmr_exptl_sample_conditions.temperature_units 
_pdbx_nmr_exptl_sample_conditions.label 
_pdbx_nmr_exptl_sample_conditions.pH_units 
_pdbx_nmr_exptl_sample_conditions.ionic_strength_units 
1 278 ambient 6.7 ? ? K ? ? ? 
2 308 ambient 6.7 ? ? K ? ? ? 
# 
loop_
_pdbx_nmr_exptl.experiment_id 
_pdbx_nmr_exptl.solution_id 
_pdbx_nmr_exptl.conditions_id 
_pdbx_nmr_exptl.type 
1  1 1 3D_15N-separated_NOESY                
2  2 2 3D_13C-separated_NOESY                
3  3 1 '2D NOESY'                            
4  4 2 '2D NOESY'                            
5  4 2 '2D TOCSY'                            
6  4 2 DQF-COSY                              
7  4 2 '1H-31P HetCor'                       
8  2 2 'spin echo difference CT 1H-13C HSQC' 
9  1 1 HNN-COSY                              
10 2 2 HNN-COSY                              
# 
_pdbx_nmr_refine.entry_id           1NBK 
_pdbx_nmr_refine.method             'simulated annealing' 
_pdbx_nmr_refine.details            ? 
_pdbx_nmr_refine.software_ordinal   1 
# 
loop_
_pdbx_nmr_software.name 
_pdbx_nmr_software.version 
_pdbx_nmr_software.classification 
_pdbx_nmr_software.authors 
_pdbx_nmr_software.ordinal 
X-PLOR 3.851 'structure solution' Brunger 1 
X-PLOR 3.851 refinement           Brunger 2 
# 
loop_
_chem_comp_atom.comp_id 
_chem_comp_atom.atom_id 
_chem_comp_atom.type_symbol 
_chem_comp_atom.pdbx_aromatic_flag 
_chem_comp_atom.pdbx_stereo_config 
_chem_comp_atom.pdbx_ordinal 
A   OP3    O N N 1   
A   P      P N N 2   
A   OP1    O N N 3   
A   OP2    O N N 4   
A   "O5'"  O N N 5   
A   "C5'"  C N N 6   
A   "C4'"  C N R 7   
A   "O4'"  O N N 8   
A   "C3'"  C N S 9   
A   "O3'"  O N N 10  
A   "C2'"  C N R 11  
A   "O2'"  O N N 12  
A   "C1'"  C N R 13  
A   N9     N Y N 14  
A   C8     C Y N 15  
A   N7     N Y N 16  
A   C5     C Y N 17  
A   C6     C Y N 18  
A   N6     N N N 19  
A   N1     N Y N 20  
A   C2     C Y N 21  
A   N3     N Y N 22  
A   C4     C Y N 23  
A   HOP3   H N N 24  
A   HOP2   H N N 25  
A   "H5'"  H N N 26  
A   "H5''" H N N 27  
A   "H4'"  H N N 28  
A   "H3'"  H N N 29  
A   "HO3'" H N N 30  
A   "H2'"  H N N 31  
A   "HO2'" H N N 32  
A   "H1'"  H N N 33  
A   H8     H N N 34  
A   H61    H N N 35  
A   H62    H N N 36  
A   H2     H N N 37  
C   OP3    O N N 38  
C   P      P N N 39  
C   OP1    O N N 40  
C   OP2    O N N 41  
C   "O5'"  O N N 42  
C   "C5'"  C N N 43  
C   "C4'"  C N R 44  
C   "O4'"  O N N 45  
C   "C3'"  C N S 46  
C   "O3'"  O N N 47  
C   "C2'"  C N R 48  
C   "O2'"  O N N 49  
C   "C1'"  C N R 50  
C   N1     N N N 51  
C   C2     C N N 52  
C   O2     O N N 53  
C   N3     N N N 54  
C   C4     C N N 55  
C   N4     N N N 56  
C   C5     C N N 57  
C   C6     C N N 58  
C   HOP3   H N N 59  
C   HOP2   H N N 60  
C   "H5'"  H N N 61  
C   "H5''" H N N 62  
C   "H4'"  H N N 63  
C   "H3'"  H N N 64  
C   "HO3'" H N N 65  
C   "H2'"  H N N 66  
C   "HO2'" H N N 67  
C   "H1'"  H N N 68  
C   H41    H N N 69  
C   H42    H N N 70  
C   H5     H N N 71  
C   H6     H N N 72  
G   OP3    O N N 73  
G   P      P N N 74  
G   OP1    O N N 75  
G   OP2    O N N 76  
G   "O5'"  O N N 77  
G   "C5'"  C N N 78  
G   "C4'"  C N R 79  
G   "O4'"  O N N 80  
G   "C3'"  C N S 81  
G   "O3'"  O N N 82  
G   "C2'"  C N R 83  
G   "O2'"  O N N 84  
G   "C1'"  C N R 85  
G   N9     N Y N 86  
G   C8     C Y N 87  
G   N7     N Y N 88  
G   C5     C Y N 89  
G   C6     C N N 90  
G   O6     O N N 91  
G   N1     N N N 92  
G   C2     C N N 93  
G   N2     N N N 94  
G   N3     N N N 95  
G   C4     C Y N 96  
G   HOP3   H N N 97  
G   HOP2   H N N 98  
G   "H5'"  H N N 99  
G   "H5''" H N N 100 
G   "H4'"  H N N 101 
G   "H3'"  H N N 102 
G   "HO3'" H N N 103 
G   "H2'"  H N N 104 
G   "HO2'" H N N 105 
G   "H1'"  H N N 106 
G   H8     H N N 107 
G   H1     H N N 108 
G   H21    H N N 109 
G   H22    H N N 110 
GND CA     C N S 111 
GND CB     C N N 112 
GND CG     C N N 113 
GND CD     C N N 114 
GND NE     N N N 115 
GND CZ     C N N 116 
GND NH1    N N N 117 
GND NH2    N N N 118 
GND C      C N N 119 
GND OXT    O N N 120 
GND O      O N N 121 
GND N      N N N 122 
GND HA     H N N 123 
GND HB1    H N N 124 
GND HB2    H N N 125 
GND HG1    H N N 126 
GND HG2    H N N 127 
GND HD1    H N N 128 
GND HD2    H N N 129 
GND HE     H N N 130 
GND HH11   H N N 131 
GND HH21   H N N 132 
GND HH22   H N N 133 
GND HXT    H N N 134 
GND HN1    H N N 135 
GND HN2    H N N 136 
GND HN3    H N N 137 
U   OP3    O N N 138 
U   P      P N N 139 
U   OP1    O N N 140 
U   OP2    O N N 141 
U   "O5'"  O N N 142 
U   "C5'"  C N N 143 
U   "C4'"  C N R 144 
U   "O4'"  O N N 145 
U   "C3'"  C N S 146 
U   "O3'"  O N N 147 
U   "C2'"  C N R 148 
U   "O2'"  O N N 149 
U   "C1'"  C N R 150 
U   N1     N N N 151 
U   C2     C N N 152 
U   O2     O N N 153 
U   N3     N N N 154 
U   C4     C N N 155 
U   O4     O N N 156 
U   C5     C N N 157 
U   C6     C N N 158 
U   HOP3   H N N 159 
U   HOP2   H N N 160 
U   "H5'"  H N N 161 
U   "H5''" H N N 162 
U   "H4'"  H N N 163 
U   "H3'"  H N N 164 
U   "HO3'" H N N 165 
U   "H2'"  H N N 166 
U   "HO2'" H N N 167 
U   "H1'"  H N N 168 
U   H3     H N N 169 
U   H5     H N N 170 
U   H6     H N N 171 
# 
loop_
_chem_comp_bond.comp_id 
_chem_comp_bond.atom_id_1 
_chem_comp_bond.atom_id_2 
_chem_comp_bond.value_order 
_chem_comp_bond.pdbx_aromatic_flag 
_chem_comp_bond.pdbx_stereo_config 
_chem_comp_bond.pdbx_ordinal 
A   OP3   P      sing N N 1   
A   OP3   HOP3   sing N N 2   
A   P     OP1    doub N N 3   
A   P     OP2    sing N N 4   
A   P     "O5'"  sing N N 5   
A   OP2   HOP2   sing N N 6   
A   "O5'" "C5'"  sing N N 7   
A   "C5'" "C4'"  sing N N 8   
A   "C5'" "H5'"  sing N N 9   
A   "C5'" "H5''" sing N N 10  
A   "C4'" "O4'"  sing N N 11  
A   "C4'" "C3'"  sing N N 12  
A   "C4'" "H4'"  sing N N 13  
A   "O4'" "C1'"  sing N N 14  
A   "C3'" "O3'"  sing N N 15  
A   "C3'" "C2'"  sing N N 16  
A   "C3'" "H3'"  sing N N 17  
A   "O3'" "HO3'" sing N N 18  
A   "C2'" "O2'"  sing N N 19  
A   "C2'" "C1'"  sing N N 20  
A   "C2'" "H2'"  sing N N 21  
A   "O2'" "HO2'" sing N N 22  
A   "C1'" N9     sing N N 23  
A   "C1'" "H1'"  sing N N 24  
A   N9    C8     sing Y N 25  
A   N9    C4     sing Y N 26  
A   C8    N7     doub Y N 27  
A   C8    H8     sing N N 28  
A   N7    C5     sing Y N 29  
A   C5    C6     sing Y N 30  
A   C5    C4     doub Y N 31  
A   C6    N6     sing N N 32  
A   C6    N1     doub Y N 33  
A   N6    H61    sing N N 34  
A   N6    H62    sing N N 35  
A   N1    C2     sing Y N 36  
A   C2    N3     doub Y N 37  
A   C2    H2     sing N N 38  
A   N3    C4     sing Y N 39  
C   OP3   P      sing N N 40  
C   OP3   HOP3   sing N N 41  
C   P     OP1    doub N N 42  
C   P     OP2    sing N N 43  
C   P     "O5'"  sing N N 44  
C   OP2   HOP2   sing N N 45  
C   "O5'" "C5'"  sing N N 46  
C   "C5'" "C4'"  sing N N 47  
C   "C5'" "H5'"  sing N N 48  
C   "C5'" "H5''" sing N N 49  
C   "C4'" "O4'"  sing N N 50  
C   "C4'" "C3'"  sing N N 51  
C   "C4'" "H4'"  sing N N 52  
C   "O4'" "C1'"  sing N N 53  
C   "C3'" "O3'"  sing N N 54  
C   "C3'" "C2'"  sing N N 55  
C   "C3'" "H3'"  sing N N 56  
C   "O3'" "HO3'" sing N N 57  
C   "C2'" "O2'"  sing N N 58  
C   "C2'" "C1'"  sing N N 59  
C   "C2'" "H2'"  sing N N 60  
C   "O2'" "HO2'" sing N N 61  
C   "C1'" N1     sing N N 62  
C   "C1'" "H1'"  sing N N 63  
C   N1    C2     sing N N 64  
C   N1    C6     sing N N 65  
C   C2    O2     doub N N 66  
C   C2    N3     sing N N 67  
C   N3    C4     doub N N 68  
C   C4    N4     sing N N 69  
C   C4    C5     sing N N 70  
C   N4    H41    sing N N 71  
C   N4    H42    sing N N 72  
C   C5    C6     doub N N 73  
C   C5    H5     sing N N 74  
C   C6    H6     sing N N 75  
G   OP3   P      sing N N 76  
G   OP3   HOP3   sing N N 77  
G   P     OP1    doub N N 78  
G   P     OP2    sing N N 79  
G   P     "O5'"  sing N N 80  
G   OP2   HOP2   sing N N 81  
G   "O5'" "C5'"  sing N N 82  
G   "C5'" "C4'"  sing N N 83  
G   "C5'" "H5'"  sing N N 84  
G   "C5'" "H5''" sing N N 85  
G   "C4'" "O4'"  sing N N 86  
G   "C4'" "C3'"  sing N N 87  
G   "C4'" "H4'"  sing N N 88  
G   "O4'" "C1'"  sing N N 89  
G   "C3'" "O3'"  sing N N 90  
G   "C3'" "C2'"  sing N N 91  
G   "C3'" "H3'"  sing N N 92  
G   "O3'" "HO3'" sing N N 93  
G   "C2'" "O2'"  sing N N 94  
G   "C2'" "C1'"  sing N N 95  
G   "C2'" "H2'"  sing N N 96  
G   "O2'" "HO2'" sing N N 97  
G   "C1'" N9     sing N N 98  
G   "C1'" "H1'"  sing N N 99  
G   N9    C8     sing Y N 100 
G   N9    C4     sing Y N 101 
G   C8    N7     doub Y N 102 
G   C8    H8     sing N N 103 
G   N7    C5     sing Y N 104 
G   C5    C6     sing N N 105 
G   C5    C4     doub Y N 106 
G   C6    O6     doub N N 107 
G   C6    N1     sing N N 108 
G   N1    C2     sing N N 109 
G   N1    H1     sing N N 110 
G   C2    N2     sing N N 111 
G   C2    N3     doub N N 112 
G   N2    H21    sing N N 113 
G   N2    H22    sing N N 114 
G   N3    C4     sing N N 115 
GND CA    CB     sing N N 116 
GND CA    C      sing N N 117 
GND CA    N      sing N N 118 
GND CA    HA     sing N N 119 
GND CB    CG     sing N N 120 
GND CB    HB1    sing N N 121 
GND CB    HB2    sing N N 122 
GND CG    CD     sing N N 123 
GND CG    HG1    sing N N 124 
GND CG    HG2    sing N N 125 
GND CD    NE     sing N N 126 
GND CD    HD1    sing N N 127 
GND CD    HD2    sing N N 128 
GND NE    CZ     sing N N 129 
GND NE    HE     sing N N 130 
GND CZ    NH1    doub N N 131 
GND CZ    NH2    sing N N 132 
GND NH1   HH11   sing N N 133 
GND NH2   HH21   sing N N 134 
GND NH2   HH22   sing N N 135 
GND C     OXT    sing N N 136 
GND C     O      doub N N 137 
GND OXT   HXT    sing N N 138 
GND N     HN1    sing N N 139 
GND N     HN2    sing N N 140 
GND N     HN3    sing N N 141 
U   OP3   P      sing N N 142 
U   OP3   HOP3   sing N N 143 
U   P     OP1    doub N N 144 
U   P     OP2    sing N N 145 
U   P     "O5'"  sing N N 146 
U   OP2   HOP2   sing N N 147 
U   "O5'" "C5'"  sing N N 148 
U   "C5'" "C4'"  sing N N 149 
U   "C5'" "H5'"  sing N N 150 
U   "C5'" "H5''" sing N N 151 
U   "C4'" "O4'"  sing N N 152 
U   "C4'" "C3'"  sing N N 153 
U   "C4'" "H4'"  sing N N 154 
U   "O4'" "C1'"  sing N N 155 
U   "C3'" "O3'"  sing N N 156 
U   "C3'" "C2'"  sing N N 157 
U   "C3'" "H3'"  sing N N 158 
U   "O3'" "HO3'" sing N N 159 
U   "C2'" "O2'"  sing N N 160 
U   "C2'" "C1'"  sing N N 161 
U   "C2'" "H2'"  sing N N 162 
U   "O2'" "HO2'" sing N N 163 
U   "C1'" N1     sing N N 164 
U   "C1'" "H1'"  sing N N 165 
U   N1    C2     sing N N 166 
U   N1    C6     sing N N 167 
U   C2    O2     doub N N 168 
U   C2    N3     sing N N 169 
U   N3    C4     sing N N 170 
U   N3    H3     sing N N 171 
U   C4    O4     doub N N 172 
U   C4    C5     sing N N 173 
U   C5    C6     doub N N 174 
U   C5    H5     sing N N 175 
U   C6    H6     sing N N 176 
# 
loop_
_ndb_struct_conf_na.entry_id 
_ndb_struct_conf_na.feature 
1NBK 'double helix'         
1NBK 'a-form double helix'  
1NBK tetraloop              
1NBK 'bulge loop'           
1NBK 'mismatched base pair' 
# 
loop_
_ndb_struct_na_base_pair.model_number 
_ndb_struct_na_base_pair.i_label_asym_id 
_ndb_struct_na_base_pair.i_label_comp_id 
_ndb_struct_na_base_pair.i_label_seq_id 
_ndb_struct_na_base_pair.i_symmetry 
_ndb_struct_na_base_pair.j_label_asym_id 
_ndb_struct_na_base_pair.j_label_comp_id 
_ndb_struct_na_base_pair.j_label_seq_id 
_ndb_struct_na_base_pair.j_symmetry 
_ndb_struct_na_base_pair.shear 
_ndb_struct_na_base_pair.stretch 
_ndb_struct_na_base_pair.stagger 
_ndb_struct_na_base_pair.buckle 
_ndb_struct_na_base_pair.propeller 
_ndb_struct_na_base_pair.opening 
_ndb_struct_na_base_pair.pair_number 
_ndb_struct_na_base_pair.pair_name 
_ndb_struct_na_base_pair.i_auth_asym_id 
_ndb_struct_na_base_pair.i_auth_seq_id 
_ndb_struct_na_base_pair.i_PDB_ins_code 
_ndb_struct_na_base_pair.j_auth_asym_id 
_ndb_struct_na_base_pair.j_auth_seq_id 
_ndb_struct_na_base_pair.j_PDB_ins_code 
_ndb_struct_na_base_pair.hbond_type_28 
_ndb_struct_na_base_pair.hbond_type_12 
1 A G 1  1_555 A C 34 1_555 -0.068 0.043  0.336  4.019   -1.217  -3.324  1  A_G1:C34_A  A 1  ? A 34 ? 19 1  
1 A G 2  1_555 A C 33 1_555 -0.093 -0.338 0.079  -0.026  -2.743  -9.481  2  A_G2:C33_A  A 2  ? A 33 ? 19 1  
1 A G 3  1_555 A C 32 1_555 0.452  -0.186 -0.803 -13.348 -3.025  -14.224 3  A_G3:C32_A  A 3  ? A 32 ? 19 1  
1 A A 4  1_555 A U 31 1_555 0.861  0.110  0.258  9.392   6.216   -10.397 4  A_A4:U31_A  A 4  ? A 31 ? 20 1  
1 A G 5  1_555 A C 30 1_555 0.600  -0.136 -0.399 5.522   -1.224  -0.730  5  A_G5:C30_A  A 5  ? A 30 ? 19 1  
1 A C 6  1_555 A G 29 1_555 0.636  -0.535 0.006  10.335  -11.134 -10.815 6  A_C6:G29_A  A 6  ? A 29 ? 19 1  
1 A G 9  1_555 A C 28 1_555 -0.284 -0.344 0.268  0.035   -2.691  -9.242  7  A_G9:C28_A  A 9  ? A 28 ? 19 1  
1 A A 10 1_555 A U 27 1_555 -0.052 -0.253 -0.007 17.705  3.601   3.553   8  A_A10:U27_A A 10 ? A 27 ? 20 1  
1 A U 11 1_555 A A 26 1_555 -0.580 -0.067 -0.025 -0.559  -0.866  -0.874  9  A_U11:A26_A A 11 ? A 26 ? 20 1  
1 A C 12 1_555 A G 25 1_555 -0.156 -0.234 -0.148 0.424   -1.160  -10.028 10 A_C12:G25_A A 12 ? A 25 ? 19 1  
1 A C 13 1_555 A G 22 1_555 0.706  -0.821 -0.741 -12.621 -19.756 1.077   11 A_C13:G22_A A 13 ? A 22 ? 19 1  
1 A C 14 1_555 A G 21 1_555 -0.077 -0.007 0.348  -10.232 12.854  0.095   12 A_C14:G21_A A 14 ? A 21 ? 19 1  
1 A G 15 1_555 A C 20 1_555 -0.141 -0.373 -0.159 45.560  28.313  -13.307 13 A_G15:C20_A A 15 ? A 20 ? 19 1  
1 A G 16 1_555 A A 19 1_555 6.810  -4.793 0.201  6.972   -28.147 -18.262 14 A_G16:A19_A A 16 ? A 19 ? 11 10 
# 
loop_
_ndb_struct_na_base_pair_step.model_number 
_ndb_struct_na_base_pair_step.i_label_asym_id_1 
_ndb_struct_na_base_pair_step.i_label_comp_id_1 
_ndb_struct_na_base_pair_step.i_label_seq_id_1 
_ndb_struct_na_base_pair_step.i_symmetry_1 
_ndb_struct_na_base_pair_step.j_label_asym_id_1 
_ndb_struct_na_base_pair_step.j_label_comp_id_1 
_ndb_struct_na_base_pair_step.j_label_seq_id_1 
_ndb_struct_na_base_pair_step.j_symmetry_1 
_ndb_struct_na_base_pair_step.i_label_asym_id_2 
_ndb_struct_na_base_pair_step.i_label_comp_id_2 
_ndb_struct_na_base_pair_step.i_label_seq_id_2 
_ndb_struct_na_base_pair_step.i_symmetry_2 
_ndb_struct_na_base_pair_step.j_label_asym_id_2 
_ndb_struct_na_base_pair_step.j_label_comp_id_2 
_ndb_struct_na_base_pair_step.j_label_seq_id_2 
_ndb_struct_na_base_pair_step.j_symmetry_2 
_ndb_struct_na_base_pair_step.shift 
_ndb_struct_na_base_pair_step.slide 
_ndb_struct_na_base_pair_step.rise 
_ndb_struct_na_base_pair_step.tilt 
_ndb_struct_na_base_pair_step.roll 
_ndb_struct_na_base_pair_step.twist 
_ndb_struct_na_base_pair_step.x_displacement 
_ndb_struct_na_base_pair_step.y_displacement 
_ndb_struct_na_base_pair_step.helical_rise 
_ndb_struct_na_base_pair_step.inclination 
_ndb_struct_na_base_pair_step.tip 
_ndb_struct_na_base_pair_step.helical_twist 
_ndb_struct_na_base_pair_step.step_number 
_ndb_struct_na_base_pair_step.step_name 
_ndb_struct_na_base_pair_step.i_auth_asym_id_1 
_ndb_struct_na_base_pair_step.i_auth_seq_id_1 
_ndb_struct_na_base_pair_step.i_PDB_ins_code_1 
_ndb_struct_na_base_pair_step.j_auth_asym_id_1 
_ndb_struct_na_base_pair_step.j_auth_seq_id_1 
_ndb_struct_na_base_pair_step.j_PDB_ins_code_1 
_ndb_struct_na_base_pair_step.i_auth_asym_id_2 
_ndb_struct_na_base_pair_step.i_auth_seq_id_2 
_ndb_struct_na_base_pair_step.i_PDB_ins_code_2 
_ndb_struct_na_base_pair_step.j_auth_asym_id_2 
_ndb_struct_na_base_pair_step.j_auth_seq_id_2 
_ndb_struct_na_base_pair_step.j_PDB_ins_code_2 
1 A G 1  1_555 A C 34 1_555 A G 2  1_555 A C 33 1_555 -1.822 -1.133 3.626 -11.718 19.101  45.964 -2.817 1.202  3.291 22.929  
14.067  50.868 1  AA_G1G2:C33C34_AA   A 1  ? A 34 ? A 2  ? A 33 ? 
1 A G 2  1_555 A C 33 1_555 A G 3  1_555 A C 32 1_555 0.083  -2.917 4.068 5.749   21.332  22.743 -8.963 0.821  1.018 43.175  
-11.635 31.605 2  AA_G2G3:C32C33_AA   A 2  ? A 33 ? A 3  ? A 32 ? 
1 A G 3  1_555 A C 32 1_555 A A 4  1_555 A U 31 1_555 0.942  -1.153 2.730 -0.671  -15.787 40.709 -0.183 -1.328 2.946 -21.731 0.923 
43.547 3  AA_G3A4:U31C32_AA   A 3  ? A 32 ? A 4  ? A 31 ? 
1 A A 4  1_555 A U 31 1_555 A G 5  1_555 A C 30 1_555 -0.501 -1.848 3.765 5.769   7.485   20.824 -7.436 3.401  2.712 19.467  
-15.005 22.847 4  AA_A4G5:C30U31_AA   A 4  ? A 31 ? A 5  ? A 30 ? 
1 A G 5  1_555 A C 30 1_555 A C 6  1_555 A G 29 1_555 -0.861 -1.436 3.020 -3.484  9.483   35.114 -3.449 0.951  2.628 15.329  5.633 
36.495 5  AA_G5C6:G29C30_AA   A 5  ? A 30 ? A 6  ? A 29 ? 
1 A C 6  1_555 A G 29 1_555 A G 9  1_555 A C 28 1_555 -2.811 -1.888 3.327 4.162   11.143  54.019 -2.651 3.262  2.712 12.103  
-4.520  55.217 6  AA_C6G9:C28G29_AA   A 6  ? A 29 ? A 9  ? A 28 ? 
1 A G 9  1_555 A C 28 1_555 A A 10 1_555 A U 27 1_555 0.310  -1.096 3.015 -0.920  0.526   18.491 -3.668 -1.419 2.964 1.636   2.859 
18.521 7  AA_G9A10:U27C28_AA  A 9  ? A 28 ? A 10 ? A 27 ? 
1 A A 10 1_555 A U 27 1_555 A U 11 1_555 A A 26 1_555 -0.663 -2.188 4.762 -1.203  -12.146 34.472 -0.848 0.796  5.232 -19.745 1.955 
36.507 8  AA_A10U11:A26U27_AA A 10 ? A 27 ? A 11 ? A 26 ? 
1 A U 11 1_555 A A 26 1_555 A C 12 1_555 A G 25 1_555 0.349  -1.779 3.151 -2.839  11.968  25.169 -6.067 -1.288 2.057 25.604  6.073 
27.970 9  AA_U11C12:G25A26_AA A 11 ? A 26 ? A 12 ? A 25 ? 
1 A C 12 1_555 A G 25 1_555 A C 13 1_555 A G 22 1_555 2.536  -1.450 3.691 -5.048  17.974  62.931 -2.123 -2.567 3.034 16.828  4.727 
65.368 10 AA_C12C13:G22G25_AA A 12 ? A 25 ? A 13 ? A 22 ? 
1 A C 13 1_555 A G 22 1_555 A C 14 1_555 A G 21 1_555 -0.041 -1.015 3.051 -5.231  27.564  21.982 -4.903 -0.547 1.136 51.731  9.818 
35.506 11 AA_C13C14:G21G22_AA A 13 ? A 22 ? A 14 ? A 21 ? 
1 A C 14 1_555 A G 21 1_555 A G 15 1_555 A C 20 1_555 -0.497 -0.994 2.127 -4.058  -8.877  26.754 -0.577 0.350  2.376 -18.423 8.421 
28.448 12 AA_C14G15:C20G21_AA A 14 ? A 21 ? A 15 ? A 20 ? 
1 A G 15 1_555 A C 20 1_555 A G 16 1_555 A A 19 1_555 -2.275 -1.214 6.065 -1.398  5.840   50.840 -2.149 2.456  5.957 6.775   1.622 
51.170 13 AA_G15G16:A19C20_AA A 15 ? A 20 ? A 16 ? A 19 ? 
# 
_pdbx_nmr_spectrometer.spectrometer_id   1 
_pdbx_nmr_spectrometer.type              ? 
_pdbx_nmr_spectrometer.manufacturer      Bruker 
_pdbx_nmr_spectrometer.model             DRX 
_pdbx_nmr_spectrometer.field_strength    600 
# 
_atom_sites.entry_id                    1NBK 
_atom_sites.fract_transf_matrix[1][1]   1.000000 
_atom_sites.fract_transf_matrix[1][2]   0.000000 
_atom_sites.fract_transf_matrix[1][3]   0.000000 
_atom_sites.fract_transf_matrix[2][1]   0.000000 
_atom_sites.fract_transf_matrix[2][2]   1.000000 
_atom_sites.fract_transf_matrix[2][3]   0.000000 
_atom_sites.fract_transf_matrix[3][1]   0.000000 
_atom_sites.fract_transf_matrix[3][2]   0.000000 
_atom_sites.fract_transf_matrix[3][3]   1.000000 
_atom_sites.fract_transf_vector[1]      0.00000 
_atom_sites.fract_transf_vector[2]      0.00000 
_atom_sites.fract_transf_vector[3]      0.00000 
# 
loop_
_atom_type.symbol 
C 
H 
N 
O 
P 
# 
loop_
_atom_site.group_PDB 
_atom_site.id 
_atom_site.type_symbol 
_atom_site.label_atom_id 
_atom_site.label_alt_id 
_atom_site.label_comp_id 
_atom_site.label_asym_id 
_atom_site.label_entity_id 
_atom_site.label_seq_id 
_atom_site.pdbx_PDB_ins_code 
_atom_site.Cartn_x 
_atom_site.Cartn_y 
_atom_site.Cartn_z 
_atom_site.occupancy 
_atom_site.B_iso_or_equiv 
_atom_site.pdbx_formal_charge 
_atom_site.auth_seq_id 
_atom_site.auth_comp_id 
_atom_site.auth_asym_id 
_atom_site.auth_atom_id 
_atom_site.pdbx_PDB_model_num 
ATOM   1    O "O5'"  . G   A 1 1  ? -12.151 -4.730  -17.735 1.00 0.00 ? 1  G   A "O5'"  1 
ATOM   2    C "C5'"  . G   A 1 1  ? -11.612 -3.452  -18.077 1.00 0.00 ? 1  G   A "C5'"  1 
ATOM   3    C "C4'"  . G   A 1 1  ? -12.506 -2.710  -19.065 1.00 0.00 ? 1  G   A "C4'"  1 
ATOM   4    O "O4'"  . G   A 1 1  ? -13.696 -2.256  -18.422 1.00 0.00 ? 1  G   A "O4'"  1 
ATOM   5    C "C3'"  . G   A 1 1  ? -11.786 -1.502  -19.638 1.00 0.00 ? 1  G   A "C3'"  1 
ATOM   6    O "O3'"  . G   A 1 1  ? -11.180 -1.837  -20.891 1.00 0.00 ? 1  G   A "O3'"  1 
ATOM   7    C "C2'"  . G   A 1 1  ? -12.890 -0.477  -19.849 1.00 0.00 ? 1  G   A "C2'"  1 
ATOM   8    O "O2'"  . G   A 1 1  ? -13.221 -0.349  -21.236 1.00 0.00 ? 1  G   A "O2'"  1 
ATOM   9    C "C1'"  . G   A 1 1  ? -14.073 -1.022  -19.047 1.00 0.00 ? 1  G   A "C1'"  1 
ATOM   10   N N9     . G   A 1 1  ? -14.504 -0.043  -18.032 1.00 0.00 ? 1  G   A N9     1 
ATOM   11   C C8     . G   A 1 1  ? -14.824 -0.236  -16.728 1.00 0.00 ? 1  G   A C8     1 
ATOM   12   N N7     . G   A 1 1  ? -15.173 0.797   -16.038 1.00 0.00 ? 1  G   A N7     1 
ATOM   13   C C5     . G   A 1 1  ? -15.080 1.820   -16.988 1.00 0.00 ? 1  G   A C5     1 
ATOM   14   C C6     . G   A 1 1  ? -15.335 3.210   -16.856 1.00 0.00 ? 1  G   A C6     1 
ATOM   15   O O6     . G   A 1 1  ? -15.702 3.826   -15.856 1.00 0.00 ? 1  G   A O6     1 
ATOM   16   N N1     . G   A 1 1  ? -15.121 3.885   -18.051 1.00 0.00 ? 1  G   A N1     1 
ATOM   17   C C2     . G   A 1 1  ? -14.710 3.299   -19.232 1.00 0.00 ? 1  G   A C2     1 
ATOM   18   N N2     . G   A 1 1  ? -14.555 4.115   -20.274 1.00 0.00 ? 1  G   A N2     1 
ATOM   19   N N3     . G   A 1 1  ? -14.466 1.990   -19.365 1.00 0.00 ? 1  G   A N3     1 
ATOM   20   C C4     . G   A 1 1  ? -14.670 1.313   -18.212 1.00 0.00 ? 1  G   A C4     1 
ATOM   21   H "H5'"  . G   A 1 1  ? -10.626 -3.589  -18.523 1.00 0.00 ? 1  G   A "H5'"  1 
ATOM   22   H "H5''" . G   A 1 1  ? -11.511 -2.854  -17.171 1.00 0.00 ? 1  G   A "H5''" 1 
ATOM   23   H "H4'"  . G   A 1 1  ? -12.775 -3.384  -19.877 1.00 0.00 ? 1  G   A "H4'"  1 
ATOM   24   H "H3'"  . G   A 1 1  ? -11.043 -1.127  -18.930 1.00 0.00 ? 1  G   A "H3'"  1 
ATOM   25   H "H2'"  . G   A 1 1  ? -12.581 0.488   -19.439 1.00 0.00 ? 1  G   A "H2'"  1 
ATOM   26   H "HO2'" . G   A 1 1  ? -13.450 0.570   -21.392 1.00 0.00 ? 1  G   A "HO2'" 1 
ATOM   27   H "H1'"  . G   A 1 1  ? -14.905 -1.208  -19.726 1.00 0.00 ? 1  G   A "H1'"  1 
ATOM   28   H H8     . G   A 1 1  ? -14.789 -1.228  -16.279 1.00 0.00 ? 1  G   A H8     1 
ATOM   29   H H1     . G   A 1 1  ? -15.286 4.881   -18.033 1.00 0.00 ? 1  G   A H1     1 
ATOM   30   H H21    . G   A 1 1  ? -14.735 5.105   -20.172 1.00 0.00 ? 1  G   A H21    1 
ATOM   31   H H22    . G   A 1 1  ? -14.255 3.747   -21.165 1.00 0.00 ? 1  G   A H22    1 
ATOM   32   H "HO5'" . G   A 1 1  ? -12.614 -4.631  -16.900 1.00 0.00 ? 1  G   A "HO5'" 1 
ATOM   33   P P      . G   A 1 2  ? -9.578  -1.824  -21.054 1.00 0.00 ? 2  G   A P      1 
ATOM   34   O OP1    . G   A 1 2  ? -9.218  -2.726  -22.171 1.00 0.00 ? 2  G   A OP1    1 
ATOM   35   O OP2    . G   A 1 2  ? -8.974  -2.026  -19.718 1.00 0.00 ? 2  G   A OP2    1 
ATOM   36   O "O5'"  . G   A 1 2  ? -9.284  -0.309  -21.514 1.00 0.00 ? 2  G   A "O5'"  1 
ATOM   37   C "C5'"  . G   A 1 2  ? -9.113  0.011   -22.897 1.00 0.00 ? 2  G   A "C5'"  1 
ATOM   38   C "C4'"  . G   A 1 2  ? -8.759  1.482   -23.092 1.00 0.00 ? 2  G   A "C4'"  1 
ATOM   39   O "O4'"  . G   A 1 2  ? -9.900  2.308   -22.833 1.00 0.00 ? 2  G   A "O4'"  1 
ATOM   40   C "C3'"  . G   A 1 2  ? -7.633  1.889   -22.155 1.00 0.00 ? 2  G   A "C3'"  1 
ATOM   41   O "O3'"  . G   A 1 2  ? -6.378  1.852   -22.846 1.00 0.00 ? 2  G   A "O3'"  1 
ATOM   42   C "C2'"  . G   A 1 2  ? -7.976  3.316   -21.772 1.00 0.00 ? 2  G   A "C2'"  1 
ATOM   43   O "O2'"  . G   A 1 2  ? -7.271  4.258   -22.588 1.00 0.00 ? 2  G   A "O2'"  1 
ATOM   44   C "C1'"  . G   A 1 2  ? -9.482  3.404   -22.003 1.00 0.00 ? 2  G   A "C1'"  1 
ATOM   45   N N9     . G   A 1 2  ? -10.205 3.385   -20.718 1.00 0.00 ? 2  G   A N9     1 
ATOM   46   C C8     . G   A 1 2  ? -10.774 2.345   -20.059 1.00 0.00 ? 2  G   A C8     1 
ATOM   47   N N7     . G   A 1 2  ? -11.358 2.596   -18.936 1.00 0.00 ? 2  G   A N7     1 
ATOM   48   C C5     . G   A 1 2  ? -11.163 3.975   -18.815 1.00 0.00 ? 2  G   A C5     1 
ATOM   49   C C6     . G   A 1 2  ? -11.572 4.865   -17.786 1.00 0.00 ? 2  G   A C6     1 
ATOM   50   O O6     . G   A 1 2  ? -12.197 4.609   -16.759 1.00 0.00 ? 2  G   A O6     1 
ATOM   51   N N1     . G   A 1 2  ? -11.172 6.169   -18.051 1.00 0.00 ? 2  G   A N1     1 
ATOM   52   C C2     . G   A 1 2  ? -10.468 6.573   -19.168 1.00 0.00 ? 2  G   A C2     1 
ATOM   53   N N2     . G   A 1 2  ? -10.177 7.872   -19.246 1.00 0.00 ? 2  G   A N2     1 
ATOM   54   N N3     . G   A 1 2  ? -10.079 5.742   -20.140 1.00 0.00 ? 2  G   A N3     1 
ATOM   55   C C4     . G   A 1 2  ? -10.457 4.465   -19.903 1.00 0.00 ? 2  G   A C4     1 
ATOM   56   H "H5'"  . G   A 1 2  ? -10.038 -0.206  -23.430 1.00 0.00 ? 2  G   A "H5'"  1 
ATOM   57   H "H5''" . G   A 1 2  ? -8.313  -0.604  -23.308 1.00 0.00 ? 2  G   A "H5''" 1 
ATOM   58   H "H4'"  . G   A 1 2  ? -8.437  1.636   -24.122 1.00 0.00 ? 2  G   A "H4'"  1 
ATOM   59   H "H3'"  . G   A 1 2  ? -7.617  1.247   -21.272 1.00 0.00 ? 2  G   A "H3'"  1 
ATOM   60   H "H2'"  . G   A 1 2  ? -7.753  3.481   -20.715 1.00 0.00 ? 2  G   A "H2'"  1 
ATOM   61   H "HO2'" . G   A 1 2  ? -7.041  5.004   -22.030 1.00 0.00 ? 2  G   A "HO2'" 1 
ATOM   62   H "H1'"  . G   A 1 2  ? -9.706  4.338   -22.515 1.00 0.00 ? 2  G   A "H1'"  1 
ATOM   63   H H8     . G   A 1 2  ? -10.741 1.334   -20.465 1.00 0.00 ? 2  G   A H8     1 
ATOM   64   H H1     . G   A 1 2  ? -11.430 6.861   -17.362 1.00 0.00 ? 2  G   A H1     1 
ATOM   65   H H21    . G   A 1 2  ? -10.470 8.500   -18.510 1.00 0.00 ? 2  G   A H21    1 
ATOM   66   H H22    . G   A 1 2  ? -9.663  8.229   -20.039 1.00 0.00 ? 2  G   A H22    1 
ATOM   67   P P      . G   A 1 3  ? -4.992  1.823   -22.026 1.00 0.00 ? 3  G   A P      1 
ATOM   68   O OP1    . G   A 1 3  ? -3.880  1.975   -22.992 1.00 0.00 ? 3  G   A OP1    1 
ATOM   69   O OP2    . G   A 1 3  ? -5.019  0.661   -21.110 1.00 0.00 ? 3  G   A OP2    1 
ATOM   70   O "O5'"  . G   A 1 3  ? -5.077  3.166   -21.141 1.00 0.00 ? 3  G   A "O5'"  1 
ATOM   71   C "C5'"  . G   A 1 3  ? -5.122  3.094   -19.714 1.00 0.00 ? 3  G   A "C5'"  1 
ATOM   72   C "C4'"  . G   A 1 3  ? -5.198  4.480   -19.084 1.00 0.00 ? 3  G   A "C4'"  1 
ATOM   73   O "O4'"  . G   A 1 3  ? -6.552  4.828   -18.797 1.00 0.00 ? 3  G   A "O4'"  1 
ATOM   74   C "C3'"  . G   A 1 3  ? -4.410  4.520   -17.787 1.00 0.00 ? 3  G   A "C3'"  1 
ATOM   75   O "O3'"  . G   A 1 3  ? -3.095  5.030   -18.028 1.00 0.00 ? 3  G   A "O3'"  1 
ATOM   76   C "C2'"  . G   A 1 3  ? -5.192  5.485   -16.907 1.00 0.00 ? 3  G   A "C2'"  1 
ATOM   77   O "O2'"  . G   A 1 3  ? -4.527  6.750   -16.809 1.00 0.00 ? 3  G   A "O2'"  1 
ATOM   78   C "C1'"  . G   A 1 3  ? -6.546  5.624   -17.604 1.00 0.00 ? 3  G   A "C1'"  1 
ATOM   79   N N9     . G   A 1 3  ? -7.636  5.209   -16.703 1.00 0.00 ? 3  G   A N9     1 
ATOM   80   C C8     . G   A 1 3  ? -8.364  4.065   -16.696 1.00 0.00 ? 3  G   A C8     1 
ATOM   81   N N7     . G   A 1 3  ? -9.272  3.939   -15.787 1.00 0.00 ? 3  G   A N7     1 
ATOM   82   C C5     . G   A 1 3  ? -9.149  5.145   -15.091 1.00 0.00 ? 3  G   A C5     1 
ATOM   83   C C6     . G   A 1 3  ? -9.872  5.624   -13.966 1.00 0.00 ? 3  G   A C6     1 
ATOM   84   O O6     . G   A 1 3  ? -10.782 5.071   -13.352 1.00 0.00 ? 3  G   A O6     1 
ATOM   85   N N1     . G   A 1 3  ? -9.433  6.885   -13.577 1.00 0.00 ? 3  G   A N1     1 
ATOM   86   C C2     . G   A 1 3  ? -8.424  7.599   -14.191 1.00 0.00 ? 3  G   A C2     1 
ATOM   87   N N2     . G   A 1 3  ? -8.143  8.794   -13.670 1.00 0.00 ? 3  G   A N2     1 
ATOM   88   N N3     . G   A 1 3  ? -7.738  7.154   -15.249 1.00 0.00 ? 3  G   A N3     1 
ATOM   89   C C4     . G   A 1 3  ? -8.148  5.929   -15.646 1.00 0.00 ? 3  G   A C4     1 
ATOM   90   H "H5'"  . G   A 1 3  ? -4.227  2.588   -19.354 1.00 0.00 ? 3  G   A "H5'"  1 
ATOM   91   H "H5''" . G   A 1 3  ? -5.999  2.520   -19.415 1.00 0.00 ? 3  G   A "H5''" 1 
ATOM   92   H "H4'"  . G   A 1 3  ? -4.782  5.211   -19.779 1.00 0.00 ? 3  G   A "H4'"  1 
ATOM   93   H "H3'"  . G   A 1 3  ? -4.370  3.530   -17.331 1.00 0.00 ? 3  G   A "H3'"  1 
ATOM   94   H "H2'"  . G   A 1 3  ? -5.332  5.049   -15.915 1.00 0.00 ? 3  G   A "H2'"  1 
ATOM   95   H "HO2'" . G   A 1 3  ? -3.789  6.733   -17.423 1.00 0.00 ? 3  G   A "HO2'" 1 
ATOM   96   H "H1'"  . G   A 1 3  ? -6.698  6.668   -17.876 1.00 0.00 ? 3  G   A "H1'"  1 
ATOM   97   H H8     . G   A 1 3  ? -8.187  3.281   -17.430 1.00 0.00 ? 3  G   A H8     1 
ATOM   98   H H1     . G   A 1 3  ? -9.903  7.290   -12.781 1.00 0.00 ? 3  G   A H1     1 
ATOM   99   H H21    . G   A 1 3  ? -8.659  9.130   -12.871 1.00 0.00 ? 3  G   A H21    1 
ATOM   100  H H22    . G   A 1 3  ? -7.412  9.361   -14.076 1.00 0.00 ? 3  G   A H22    1 
ATOM   101  P P      . A   A 1 4  ? -1.983  5.005   -16.864 1.00 0.00 ? 4  A   A P      1 
ATOM   102  O OP1    . A   A 1 4  ? -0.742  5.608   -17.397 1.00 0.00 ? 4  A   A OP1    1 
ATOM   103  O OP2    . A   A 1 4  ? -1.954  3.645   -16.282 1.00 0.00 ? 4  A   A OP2    1 
ATOM   104  O "O5'"  . A   A 1 4  ? -2.603  6.010   -15.769 1.00 0.00 ? 4  A   A "O5'"  1 
ATOM   105  C "C5'"  . A   A 1 4  ? -1.844  7.127   -15.298 1.00 0.00 ? 4  A   A "C5'"  1 
ATOM   106  C "C4'"  . A   A 1 4  ? -2.627  7.941   -14.271 1.00 0.00 ? 4  A   A "C4'"  1 
ATOM   107  O "O4'"  . A   A 1 4  ? -4.021  7.630   -14.337 1.00 0.00 ? 4  A   A "O4'"  1 
ATOM   108  C "C3'"  . A   A 1 4  ? -2.143  7.638   -12.865 1.00 0.00 ? 4  A   A "C3'"  1 
ATOM   109  O "O3'"  . A   A 1 4  ? -1.127  8.571   -12.481 1.00 0.00 ? 4  A   A "O3'"  1 
ATOM   110  C "C2'"  . A   A 1 4  ? -3.382  7.833   -12.012 1.00 0.00 ? 4  A   A "C2'"  1 
ATOM   111  O "O2'"  . A   A 1 4  ? -3.399  9.133   -11.411 1.00 0.00 ? 4  A   A "O2'"  1 
ATOM   112  C "C1'"  . A   A 1 4  ? -4.539  7.663   -12.997 1.00 0.00 ? 4  A   A "C1'"  1 
ATOM   113  N N9     . A   A 1 4  ? -5.289  6.429   -12.699 1.00 0.00 ? 4  A   A N9     1 
ATOM   114  C C8     . A   A 1 4  ? -5.113  5.172   -13.176 1.00 0.00 ? 4  A   A C8     1 
ATOM   115  N N7     . A   A 1 4  ? -5.911  4.252   -12.744 1.00 0.00 ? 4  A   A N7     1 
ATOM   116  C C5     . A   A 1 4  ? -6.724  4.977   -11.866 1.00 0.00 ? 4  A   A C5     1 
ATOM   117  C C6     . A   A 1 4  ? -7.801  4.610   -11.051 1.00 0.00 ? 4  A   A C6     1 
ATOM   118  N N6     . A   A 1 4  ? -8.267  3.364   -10.976 1.00 0.00 ? 4  A   A N6     1 
ATOM   119  N N1     . A   A 1 4  ? -8.375  5.577   -10.313 1.00 0.00 ? 4  A   A N1     1 
ATOM   120  C C2     . A   A 1 4  ? -7.921  6.829   -10.370 1.00 0.00 ? 4  A   A C2     1 
ATOM   121  N N3     . A   A 1 4  ? -6.911  7.286   -11.104 1.00 0.00 ? 4  A   A N3     1 
ATOM   122  C C4     . A   A 1 4  ? -6.352  6.301   -11.834 1.00 0.00 ? 4  A   A C4     1 
ATOM   123  H "H5'"  . A   A 1 4  ? -1.593  7.769   -16.143 1.00 0.00 ? 4  A   A "H5'"  1 
ATOM   124  H "H5''" . A   A 1 4  ? -0.924  6.764   -14.840 1.00 0.00 ? 4  A   A "H5''" 1 
ATOM   125  H "H4'"  . A   A 1 4  ? -2.489  9.002   -14.477 1.00 0.00 ? 4  A   A "H4'"  1 
ATOM   126  H "H3'"  . A   A 1 4  ? -1.783  6.610   -12.794 1.00 0.00 ? 4  A   A "H3'"  1 
ATOM   127  H "H2'"  . A   A 1 4  ? -3.432  7.055   -11.248 1.00 0.00 ? 4  A   A "H2'"  1 
ATOM   128  H "HO2'" . A   A 1 4  ? -4.205  9.198   -10.893 1.00 0.00 ? 4  A   A "HO2'" 1 
ATOM   129  H "H1'"  . A   A 1 4  ? -5.214  8.512   -12.898 1.00 0.00 ? 4  A   A "H1'"  1 
ATOM   130  H H8     . A   A 1 4  ? -4.329  4.945   -13.898 1.00 0.00 ? 4  A   A H8     1 
ATOM   131  H H61    . A   A 1 4  ? -9.047  3.153   -10.370 1.00 0.00 ? 4  A   A H61    1 
ATOM   132  H H62    . A   A 1 4  ? -7.840  2.630   -11.523 1.00 0.00 ? 4  A   A H62    1 
ATOM   133  H H2     . A   A 1 4  ? -8.433  7.560   -9.744  1.00 0.00 ? 4  A   A H2     1 
ATOM   134  P P      . G   A 1 5  ? -0.333  8.386   -11.092 1.00 0.00 ? 5  G   A P      1 
ATOM   135  O OP1    . G   A 1 5  ? 0.691   9.450   -10.998 1.00 0.00 ? 5  G   A OP1    1 
ATOM   136  O OP2    . G   A 1 5  ? 0.065   6.964   -10.975 1.00 0.00 ? 5  G   A OP2    1 
ATOM   137  O "O5'"  . G   A 1 5  ? -1.472  8.681   -9.994  1.00 0.00 ? 5  G   A "O5'"  1 
ATOM   138  C "C5'"  . G   A 1 5  ? -1.727  10.017  -9.550  1.00 0.00 ? 5  G   A "C5'"  1 
ATOM   139  C "C4'"  . G   A 1 5  ? -2.671  10.037  -8.352  1.00 0.00 ? 5  G   A "C4'"  1 
ATOM   140  O "O4'"  . G   A 1 5  ? -3.886  9.348   -8.657  1.00 0.00 ? 5  G   A "O4'"  1 
ATOM   141  C "C3'"  . G   A 1 5  ? -2.032  9.347   -7.161  1.00 0.00 ? 5  G   A "C3'"  1 
ATOM   142  O "O3'"  . G   A 1 5  ? -1.356  10.306  -6.339  1.00 0.00 ? 5  G   A "O3'"  1 
ATOM   143  C "C2'"  . G   A 1 5  ? -3.215  8.766   -6.410  1.00 0.00 ? 5  G   A "C2'"  1 
ATOM   144  O "O2'"  . G   A 1 5  ? -3.575  9.581   -5.289  1.00 0.00 ? 5  G   A "O2'"  1 
ATOM   145  C "C1'"  . G   A 1 5  ? -4.335  8.722   -7.445  1.00 0.00 ? 5  G   A "C1'"  1 
ATOM   146  N N9     . G   A 1 5  ? -4.750  7.330   -7.692  1.00 0.00 ? 5  G   A N9     1 
ATOM   147  C C8     . G   A 1 5  ? -4.202  6.392   -8.502  1.00 0.00 ? 5  G   A C8     1 
ATOM   148  N N7     . G   A 1 5  ? -4.755  5.226   -8.527  1.00 0.00 ? 5  G   A N7     1 
ATOM   149  C C5     . G   A 1 5  ? -5.808  5.390   -7.622  1.00 0.00 ? 5  G   A C5     1 
ATOM   150  C C6     . G   A 1 5  ? -6.798  4.463   -7.200  1.00 0.00 ? 5  G   A C6     1 
ATOM   151  O O6     . G   A 1 5  ? -6.945  3.293   -7.547  1.00 0.00 ? 5  G   A O6     1 
ATOM   152  N N1     . G   A 1 5  ? -7.668  5.031   -6.278  1.00 0.00 ? 5  G   A N1     1 
ATOM   153  C C2     . G   A 1 5  ? -7.600  6.330   -5.816  1.00 0.00 ? 5  G   A C2     1 
ATOM   154  N N2     . G   A 1 5  ? -8.526  6.689   -4.927  1.00 0.00 ? 5  G   A N2     1 
ATOM   155  N N3     . G   A 1 5  ? -6.671  7.209   -6.208  1.00 0.00 ? 5  G   A N3     1 
ATOM   156  C C4     . G   A 1 5  ? -5.811  6.678   -7.106  1.00 0.00 ? 5  G   A C4     1 
ATOM   157  H "H5'"  . G   A 1 5  ? -2.175  10.584  -10.366 1.00 0.00 ? 5  G   A "H5'"  1 
ATOM   158  H "H5''" . G   A 1 5  ? -0.785  10.485  -9.267  1.00 0.00 ? 5  G   A "H5''" 1 
ATOM   159  H "H4'"  . G   A 1 5  ? -2.900  11.070  -8.092  1.00 0.00 ? 5  G   A "H4'"  1 
ATOM   160  H "H3'"  . G   A 1 5  ? -1.355  8.557   -7.489  1.00 0.00 ? 5  G   A "H3'"  1 
ATOM   161  H "H2'"  . G   A 1 5  ? -2.977  7.752   -6.087  1.00 0.00 ? 5  G   A "H2'"  1 
ATOM   162  H "HO2'" . G   A 1 5  ? -2.877  10.229  -5.170  1.00 0.00 ? 5  G   A "HO2'" 1 
ATOM   163  H "H1'"  . G   A 1 5  ? -5.189  9.276   -7.059  1.00 0.00 ? 5  G   A "H1'"  1 
ATOM   164  H H8     . G   A 1 5  ? -3.323  6.613   -9.106  1.00 0.00 ? 5  G   A H8     1 
ATOM   165  H H1     . G   A 1 5  ? -8.401  4.429   -5.931  1.00 0.00 ? 5  G   A H1     1 
ATOM   166  H H21    . G   A 1 5  ? -9.225  6.023   -4.631  1.00 0.00 ? 5  G   A H21    1 
ATOM   167  H H22    . G   A 1 5  ? -8.527  7.625   -4.549  1.00 0.00 ? 5  G   A H22    1 
ATOM   168  P P      . C   A 1 6  ? -0.661  9.853   -4.958  1.00 0.00 ? 6  C   A P      1 
ATOM   169  O OP1    . C   A 1 6  ? 0.314   10.896  -4.567  1.00 0.00 ? 6  C   A OP1    1 
ATOM   170  O OP2    . C   A 1 6  ? -0.219  8.448   -5.102  1.00 0.00 ? 6  C   A OP2    1 
ATOM   171  O "O5'"  . C   A 1 6  ? -1.885  9.891   -3.909  1.00 0.00 ? 6  C   A "O5'"  1 
ATOM   172  C "C5'"  . C   A 1 6  ? -1.787  9.205   -2.658  1.00 0.00 ? 6  C   A "C5'"  1 
ATOM   173  C "C4'"  . C   A 1 6  ? -3.077  9.308   -1.845  1.00 0.00 ? 6  C   A "C4'"  1 
ATOM   174  O "O4'"  . C   A 1 6  ? -4.225  9.074   -2.673  1.00 0.00 ? 6  C   A "O4'"  1 
ATOM   175  C "C3'"  . C   A 1 6  ? -3.071  8.290   -0.713  1.00 0.00 ? 6  C   A "C3'"  1 
ATOM   176  O "O3'"  . C   A 1 6  ? -2.680  8.924   0.509   1.00 0.00 ? 6  C   A "O3'"  1 
ATOM   177  C "C2'"  . C   A 1 6  ? -4.515  7.839   -0.625  1.00 0.00 ? 6  C   A "C2'"  1 
ATOM   178  O "O2'"  . C   A 1 6  ? -5.250  8.632   0.314   1.00 0.00 ? 6  C   A "O2'"  1 
ATOM   179  C "C1'"  . C   A 1 6  ? -5.022  8.056   -2.046  1.00 0.00 ? 6  C   A "C1'"  1 
ATOM   180  N N1     . C   A 1 6  ? -4.958  6.812   -2.831  1.00 0.00 ? 6  C   A N1     1 
ATOM   181  C C2     . C   A 1 6  ? -5.872  5.819   -2.537  1.00 0.00 ? 6  C   A C2     1 
ATOM   182  O O2     . C   A 1 6  ? -6.707  5.992   -1.650  1.00 0.00 ? 6  C   A O2     1 
ATOM   183  N N3     . C   A 1 6  ? -5.819  4.661   -3.252  1.00 0.00 ? 6  C   A N3     1 
ATOM   184  C C4     . C   A 1 6  ? -4.904  4.490   -4.217  1.00 0.00 ? 6  C   A C4     1 
ATOM   185  N N4     . C   A 1 6  ? -4.805  3.308   -4.818  1.00 0.00 ? 6  C   A N4     1 
ATOM   186  C C5     . C   A 1 6  ? -3.966  5.520   -4.531  1.00 0.00 ? 6  C   A C5     1 
ATOM   187  C C6     . C   A 1 6  ? -4.026  6.656   -3.812  1.00 0.00 ? 6  C   A C6     1 
ATOM   188  H "H5'"  . C   A 1 6  ? -0.969  9.638   -2.080  1.00 0.00 ? 6  C   A "H5'"  1 
ATOM   189  H "H5''" . C   A 1 6  ? -1.569  8.154   -2.847  1.00 0.00 ? 6  C   A "H5''" 1 
ATOM   190  H "H4'"  . C   A 1 6  ? -3.145  10.309  -1.419  1.00 0.00 ? 6  C   A "H4'"  1 
ATOM   191  H "H3'"  . C   A 1 6  ? -2.417  7.450   -0.953  1.00 0.00 ? 6  C   A "H3'"  1 
ATOM   192  H "H2'"  . C   A 1 6  ? -4.567  6.776   -0.358  1.00 0.00 ? 6  C   A "H2'"  1 
ATOM   193  H "HO2'" . C   A 1 6  ? -6.006  8.112   0.596   1.00 0.00 ? 6  C   A "HO2'" 1 
ATOM   194  H "H1'"  . C   A 1 6  ? -6.054  8.389   -2.001  1.00 0.00 ? 6  C   A "H1'"  1 
ATOM   195  H H41    . C   A 1 6  ? -5.451  2.568   -4.586  1.00 0.00 ? 6  C   A H41    1 
ATOM   196  H H42    . C   A 1 6  ? -4.071  3.145   -5.490  1.00 0.00 ? 6  C   A H42    1 
ATOM   197  H H5     . C   A 1 6  ? -3.232  5.392   -5.327  1.00 0.00 ? 6  C   A H5     1 
ATOM   198  H H6     . C   A 1 6  ? -3.305  7.445   -3.994  1.00 0.00 ? 6  C   A H6     1 
ATOM   199  P P      . U   A 1 7  ? -1.255  8.614   1.184   1.00 0.00 ? 7  U   A P      1 
ATOM   200  O OP1    . U   A 1 7  ? -0.317  9.696   0.808   1.00 0.00 ? 7  U   A OP1    1 
ATOM   201  O OP2    . U   A 1 7  ? -0.905  7.203   0.907   1.00 0.00 ? 7  U   A OP2    1 
ATOM   202  O "O5'"  . U   A 1 7  ? -1.583  8.755   2.753   1.00 0.00 ? 7  U   A "O5'"  1 
ATOM   203  C "C5'"  . U   A 1 7  ? -2.924  8.596   3.228   1.00 0.00 ? 7  U   A "C5'"  1 
ATOM   204  C "C4'"  . U   A 1 7  ? -3.038  7.415   4.183   1.00 0.00 ? 7  U   A "C4'"  1 
ATOM   205  O "O4'"  . U   A 1 7  ? -3.289  6.209   3.455   1.00 0.00 ? 7  U   A "O4'"  1 
ATOM   206  C "C3'"  . U   A 1 7  ? -1.747  7.252   4.986   1.00 0.00 ? 7  U   A "C3'"  1 
ATOM   207  O "O3'"  . U   A 1 7  ? -2.026  7.333   6.388   1.00 0.00 ? 7  U   A "O3'"  1 
ATOM   208  C "C2'"  . U   A 1 7  ? -1.247  5.864   4.625   1.00 0.00 ? 7  U   A "C2'"  1 
ATOM   209  O "O2'"  . U   A 1 7  ? -0.773  5.163   5.781   1.00 0.00 ? 7  U   A "O2'"  1 
ATOM   210  C "C1'"  . U   A 1 7  ? -2.475  5.194   4.038   1.00 0.00 ? 7  U   A "C1'"  1 
ATOM   211  N N1     . U   A 1 7  ? -2.082  4.203   3.023   1.00 0.00 ? 7  U   A N1     1 
ATOM   212  C C2     . U   A 1 7  ? -2.155  2.869   3.374   1.00 0.00 ? 7  U   A C2     1 
ATOM   213  O O2     . U   A 1 7  ? -2.541  2.506   4.483   1.00 0.00 ? 7  U   A O2     1 
ATOM   214  N N3     . U   A 1 7  ? -1.767  1.964   2.403   1.00 0.00 ? 7  U   A N3     1 
ATOM   215  C C4     . U   A 1 7  ? -1.318  2.274   1.130   1.00 0.00 ? 7  U   A C4     1 
ATOM   216  O O4     . U   A 1 7  ? -0.999  1.385   0.345   1.00 0.00 ? 7  U   A O4     1 
ATOM   217  C C5     . U   A 1 7  ? -1.275  3.692   0.850   1.00 0.00 ? 7  U   A C5     1 
ATOM   218  C C6     . U   A 1 7  ? -1.651  4.598   1.785   1.00 0.00 ? 7  U   A C6     1 
ATOM   219  H "H5'"  . U   A 1 7  ? -3.586  8.432   2.378   1.00 0.00 ? 7  U   A "H5'"  1 
ATOM   220  H "H5''" . U   A 1 7  ? -3.229  9.505   3.748   1.00 0.00 ? 7  U   A "H5''" 1 
ATOM   221  H "H4'"  . U   A 1 7  ? -3.865  7.593   4.872   1.00 0.00 ? 7  U   A "H4'"  1 
ATOM   222  H "H3'"  . U   A 1 7  ? -1.016  8.005   4.687   1.00 0.00 ? 7  U   A "H3'"  1 
ATOM   223  H "H2'"  . U   A 1 7  ? -0.462  5.935   3.868   1.00 0.00 ? 7  U   A "H2'"  1 
ATOM   224  H "HO2'" . U   A 1 7  ? -0.277  4.402   5.470   1.00 0.00 ? 7  U   A "HO2'" 1 
ATOM   225  H "H1'"  . U   A 1 7  ? -3.030  4.696   4.830   1.00 0.00 ? 7  U   A "H1'"  1 
ATOM   226  H H3     . U   A 1 7  ? -1.818  0.985   2.644   1.00 0.00 ? 7  U   A H3     1 
ATOM   227  H H5     . U   A 1 7  ? -0.927  4.037   -0.124  1.00 0.00 ? 7  U   A H5     1 
ATOM   228  H H6     . U   A 1 7  ? -1.620  5.664   1.544   1.00 0.00 ? 7  U   A H6     1 
ATOM   229  P P      . U   A 1 8  ? -1.921  8.742   7.161   1.00 0.00 ? 8  U   A P      1 
ATOM   230  O OP1    . U   A 1 8  ? -1.680  9.803   6.157   1.00 0.00 ? 8  U   A OP1    1 
ATOM   231  O OP2    . U   A 1 8  ? -0.988  8.576   8.298   1.00 0.00 ? 8  U   A OP2    1 
ATOM   232  O "O5'"  . U   A 1 8  ? -3.407  8.933   7.750   1.00 0.00 ? 8  U   A "O5'"  1 
ATOM   233  C "C5'"  . U   A 1 8  ? -4.232  10.011  7.303   1.00 0.00 ? 8  U   A "C5'"  1 
ATOM   234  C "C4'"  . U   A 1 8  ? -5.668  9.863   7.793   1.00 0.00 ? 8  U   A "C4'"  1 
ATOM   235  O "O4'"  . U   A 1 8  ? -6.184  11.136  8.204   1.00 0.00 ? 8  U   A "O4'"  1 
ATOM   236  C "C3'"  . U   A 1 8  ? -6.550  9.329   6.681   1.00 0.00 ? 8  U   A "C3'"  1 
ATOM   237  O "O3'"  . U   A 1 8  ? -7.662  8.608   7.222   1.00 0.00 ? 8  U   A "O3'"  1 
ATOM   238  C "C2'"  . U   A 1 8  ? -7.009  10.590  6.027   1.00 0.00 ? 8  U   A "C2'"  1 
ATOM   239  O "O2'"  . U   A 1 8  ? -8.256  10.414  5.347   1.00 0.00 ? 8  U   A "O2'"  1 
ATOM   240  C "C1'"  . U   A 1 8  ? -7.140  11.535  7.214   1.00 0.00 ? 8  U   A "C1'"  1 
ATOM   241  N N1     . U   A 1 8  ? -6.907  12.926  6.806   1.00 0.00 ? 8  U   A N1     1 
ATOM   242  C C2     . U   A 1 8  ? -6.477  13.821  7.766   1.00 0.00 ? 8  U   A C2     1 
ATOM   243  O O2     . U   A 1 8  ? -6.275  13.484  8.930   1.00 0.00 ? 8  U   A O2     1 
ATOM   244  N N3     . U   A 1 8  ? -6.287  15.121  7.338   1.00 0.00 ? 8  U   A N3     1 
ATOM   245  C C4     . U   A 1 8  ? -6.488  15.593  6.050   1.00 0.00 ? 8  U   A C4     1 
ATOM   246  O O4     . U   A 1 8  ? -6.289  16.775  5.776   1.00 0.00 ? 8  U   A O4     1 
ATOM   247  C C5     . U   A 1 8  ? -6.936  14.583  5.119   1.00 0.00 ? 8  U   A C5     1 
ATOM   248  C C6     . U   A 1 8  ? -7.127  13.305  5.524   1.00 0.00 ? 8  U   A C6     1 
ATOM   249  H "H5'"  . U   A 1 8  ? -4.231  10.036  6.211   1.00 0.00 ? 8  U   A "H5'"  1 
ATOM   250  H "H5''" . U   A 1 8  ? -3.828  10.953  7.676   1.00 0.00 ? 8  U   A "H5''" 1 
ATOM   251  H "H4'"  . U   A 1 8  ? -5.697  9.180   8.630   1.00 0.00 ? 8  U   A "H4'"  1 
ATOM   252  H "H3'"  . U   A 1 8  ? -5.979  8.725   5.980   1.00 0.00 ? 8  U   A "H3'"  1 
ATOM   253  H "H2'"  . U   A 1 8  ? -6.233  10.945  5.343   1.00 0.00 ? 8  U   A "H2'"  1 
ATOM   254  H "HO2'" . U   A 1 8  ? -8.908  10.949  5.803   1.00 0.00 ? 8  U   A "HO2'" 1 
ATOM   255  H "H1'"  . U   A 1 8  ? -8.143  11.453  7.618   1.00 0.00 ? 8  U   A "H1'"  1 
ATOM   256  H H3     . U   A 1 8  ? -5.973  15.790  8.027   1.00 0.00 ? 8  U   A H3     1 
ATOM   257  H H5     . U   A 1 8  ? -7.126  14.853  4.080   1.00 0.00 ? 8  U   A H5     1 
ATOM   258  H H6     . U   A 1 8  ? -7.462  12.557  4.814   1.00 0.00 ? 8  U   A H6     1 
ATOM   259  P P      . G   A 1 9  ? -7.904  7.068   6.833   1.00 0.00 ? 9  G   A P      1 
ATOM   260  O OP1    . G   A 1 9  ? -7.709  6.922   5.373   1.00 0.00 ? 9  G   A OP1    1 
ATOM   261  O OP2    . G   A 1 9  ? -9.171  6.625   7.457   1.00 0.00 ? 9  G   A OP2    1 
ATOM   262  O "O5'"  . G   A 1 9  ? -6.687  6.327   7.580   1.00 0.00 ? 9  G   A "O5'"  1 
ATOM   263  C "C5'"  . G   A 1 9  ? -6.031  5.216   6.967   1.00 0.00 ? 9  G   A "C5'"  1 
ATOM   264  C "C4'"  . G   A 1 9  ? -6.902  3.967   7.002   1.00 0.00 ? 9  G   A "C4'"  1 
ATOM   265  O "O4'"  . G   A 1 9  ? -7.644  3.834   5.785   1.00 0.00 ? 9  G   A "O4'"  1 
ATOM   266  C "C3'"  . G   A 1 9  ? -6.043  2.729   7.185   1.00 0.00 ? 9  G   A "C3'"  1 
ATOM   267  O "O3'"  . G   A 1 9  ? -5.979  2.376   8.570   1.00 0.00 ? 9  G   A "O3'"  1 
ATOM   268  C "C2'"  . G   A 1 9  ? -6.789  1.663   6.406   1.00 0.00 ? 9  G   A "C2'"  1 
ATOM   269  O "O2'"  . G   A 1 9  ? -7.667  0.918   7.257   1.00 0.00 ? 9  G   A "O2'"  1 
ATOM   270  C "C1'"  . G   A 1 9  ? -7.569  2.462   5.367   1.00 0.00 ? 9  G   A "C1'"  1 
ATOM   271  N N9     . G   A 1 9  ? -6.929  2.360   4.043   1.00 0.00 ? 9  G   A N9     1 
ATOM   272  C C8     . G   A 1 9  ? -6.148  3.259   3.385   1.00 0.00 ? 9  G   A C8     1 
ATOM   273  N N7     . G   A 1 9  ? -5.710  2.925   2.226   1.00 0.00 ? 9  G   A N7     1 
ATOM   274  C C5     . G   A 1 9  ? -6.253  1.649   2.066   1.00 0.00 ? 9  G   A C5     1 
ATOM   275  C C6     . G   A 1 9  ? -6.131  0.753   0.973   1.00 0.00 ? 9  G   A C6     1 
ATOM   276  O O6     . G   A 1 9  ? -5.514  0.912   -0.078  1.00 0.00 ? 9  G   A O6     1 
ATOM   277  N N1     . G   A 1 9  ? -6.829  -0.421  1.198   1.00 0.00 ? 9  G   A N1     1 
ATOM   278  C C2     . G   A 1 9  ? -7.558  -0.706  2.337   1.00 0.00 ? 9  G   A C2     1 
ATOM   279  N N2     . G   A 1 9  ? -8.165  -1.893  2.366   1.00 0.00 ? 9  G   A N2     1 
ATOM   280  N N3     . G   A 1 9  ? -7.678  0.136   3.374   1.00 0.00 ? 9  G   A N3     1 
ATOM   281  C C4     . G   A 1 9  ? -7.002  1.292   3.171   1.00 0.00 ? 9  G   A C4     1 
ATOM   282  H "H5'"  . G   A 1 9  ? -5.099  5.016   7.496   1.00 0.00 ? 9  G   A "H5'"  1 
ATOM   283  H "H5''" . G   A 1 9  ? -5.805  5.464   5.930   1.00 0.00 ? 9  G   A "H5''" 1 
ATOM   284  H "H4'"  . G   A 1 9  ? -7.598  4.042   7.836   1.00 0.00 ? 9  G   A "H4'"  1 
ATOM   285  H "H3'"  . G   A 1 9  ? -5.045  2.885   6.769   1.00 0.00 ? 9  G   A "H3'"  1 
ATOM   286  H "H2'"  . G   A 1 9  ? -6.079  0.999   5.908   1.00 0.00 ? 9  G   A "H2'"  1 
ATOM   287  H "HO2'" . G   A 1 9  ? -7.222  0.813   8.101   1.00 0.00 ? 9  G   A "HO2'" 1 
ATOM   288  H "H1'"  . G   A 1 9  ? -8.577  2.058   5.298   1.00 0.00 ? 9  G   A "H1'"  1 
ATOM   289  H H8     . G   A 1 9  ? -5.913  4.236   3.811   1.00 0.00 ? 9  G   A H8     1 
ATOM   290  H H1     . G   A 1 9  ? -6.789  -1.103  0.456   1.00 0.00 ? 9  G   A H1     1 
ATOM   291  H H21    . G   A 1 9  ? -8.076  -2.524  1.581   1.00 0.00 ? 9  G   A H21    1 
ATOM   292  H H22    . G   A 1 9  ? -8.714  -2.161  3.168   1.00 0.00 ? 9  G   A H22    1 
ATOM   293  P P      . A   A 1 10 ? -4.559  2.225   9.312   1.00 0.00 ? 10 A   A P      1 
ATOM   294  O OP1    . A   A 1 10 ? -4.811  1.869   10.727  1.00 0.00 ? 10 A   A OP1    1 
ATOM   295  O OP2    . A   A 1 10 ? -3.737  3.412   8.985   1.00 0.00 ? 10 A   A OP2    1 
ATOM   296  O "O5'"  . A   A 1 10 ? -3.912  0.946   8.579   1.00 0.00 ? 10 A   A "O5'"  1 
ATOM   297  C "C5'"  . A   A 1 10 ? -3.953  -0.339  9.200   1.00 0.00 ? 10 A   A "C5'"  1 
ATOM   298  C "C4'"  . A   A 1 10 ? -4.762  -1.336  8.374   1.00 0.00 ? 10 A   A "C4'"  1 
ATOM   299  O "O4'"  . A   A 1 10 ? -5.323  -0.700  7.223   1.00 0.00 ? 10 A   A "O4'"  1 
ATOM   300  C "C3'"  . A   A 1 10 ? -3.895  -2.489  7.895   1.00 0.00 ? 10 A   A "C3'"  1 
ATOM   301  O "O3'"  . A   A 1 10 ? -3.926  -3.562  8.842   1.00 0.00 ? 10 A   A "O3'"  1 
ATOM   302  C "C2'"  . A   A 1 10 ? -4.565  -2.913  6.601   1.00 0.00 ? 10 A   A "C2'"  1 
ATOM   303  O "O2'"  . A   A 1 10 ? -5.474  -3.997  6.818   1.00 0.00 ? 10 A   A "O2'"  1 
ATOM   304  C "C1'"  . A   A 1 10 ? -5.302  -1.654  6.146   1.00 0.00 ? 10 A   A "C1'"  1 
ATOM   305  N N9     . A   A 1 10 ? -4.649  -1.078  4.957   1.00 0.00 ? 10 A   A N9     1 
ATOM   306  C C8     . A   A 1 10 ? -4.016  0.112   4.806   1.00 0.00 ? 10 A   A C8     1 
ATOM   307  N N7     . A   A 1 10 ? -3.520  0.381   3.644   1.00 0.00 ? 10 A   A N7     1 
ATOM   308  C C5     . A   A 1 10 ? -3.860  -0.767  2.921   1.00 0.00 ? 10 A   A C5     1 
ATOM   309  C C6     . A   A 1 10 ? -3.635  -1.155  1.595   1.00 0.00 ? 10 A   A C6     1 
ATOM   310  N N6     . A   A 1 10 ? -2.990  -0.394  0.710   1.00 0.00 ? 10 A   A N6     1 
ATOM   311  N N1     . A   A 1 10 ? -4.107  -2.356  1.213   1.00 0.00 ? 10 A   A N1     1 
ATOM   312  C C2     . A   A 1 10 ? -4.761  -3.132  2.080   1.00 0.00 ? 10 A   A C2     1 
ATOM   313  N N3     . A   A 1 10 ? -5.028  -2.865  3.354   1.00 0.00 ? 10 A   A N3     1 
ATOM   314  C C4     . A   A 1 10 ? -4.547  -1.658  3.714   1.00 0.00 ? 10 A   A C4     1 
ATOM   315  H "H5'"  . A   A 1 10 ? -4.411  -0.242  10.184  1.00 0.00 ? 10 A   A "H5'"  1 
ATOM   316  H "H5''" . A   A 1 10 ? -2.934  -0.709  9.318   1.00 0.00 ? 10 A   A "H5''" 1 
ATOM   317  H "H4'"  . A   A 1 10 ? -5.572  -1.731  8.987   1.00 0.00 ? 10 A   A "H4'"  1 
ATOM   318  H "H3'"  . A   A 1 10 ? -2.874  -2.155  7.705   1.00 0.00 ? 10 A   A "H3'"  1 
ATOM   319  H "H2'"  . A   A 1 10 ? -3.807  -3.186  5.864   1.00 0.00 ? 10 A   A "H2'"  1 
ATOM   320  H "HO2'" . A   A 1 10 ? -5.766  -4.301  5.955   1.00 0.00 ? 10 A   A "HO2'" 1 
ATOM   321  H "H1'"  . A   A 1 10 ? -6.326  -1.917  5.888   1.00 0.00 ? 10 A   A "H1'"  1 
ATOM   322  H H8     . A   A 1 10 ? -3.925  0.815   5.636   1.00 0.00 ? 10 A   A H8     1 
ATOM   323  H H61    . A   A 1 10 ? -2.856  -0.725  -0.235  1.00 0.00 ? 10 A   A H61    1 
ATOM   324  H H62    . A   A 1 10 ? -2.636  0.511   0.983   1.00 0.00 ? 10 A   A H62    1 
ATOM   325  H H2     . A   A 1 10 ? -5.114  -4.091  1.702   1.00 0.00 ? 10 A   A H2     1 
ATOM   326  P P      . U   A 1 11 ? -2.713  -4.620  8.917   1.00 0.00 ? 11 U   A P      1 
ATOM   327  O OP1    . U   A 1 11 ? -2.760  -5.283  10.239  1.00 0.00 ? 11 U   A OP1    1 
ATOM   328  O OP2    . U   A 1 11 ? -1.476  -3.938  8.477   1.00 0.00 ? 11 U   A OP2    1 
ATOM   329  O "O5'"  . U   A 1 11 ? -3.117  -5.701  7.796   1.00 0.00 ? 11 U   A "O5'"  1 
ATOM   330  C "C5'"  . U   A 1 11 ? -4.114  -6.690  8.067   1.00 0.00 ? 11 U   A "C5'"  1 
ATOM   331  C "C4'"  . U   A 1 11 ? -4.345  -7.599  6.864   1.00 0.00 ? 11 U   A "C4'"  1 
ATOM   332  O "O4'"  . U   A 1 11 ? -4.573  -6.823  5.680   1.00 0.00 ? 11 U   A "O4'"  1 
ATOM   333  C "C3'"  . U   A 1 11 ? -3.139  -8.496  6.628   1.00 0.00 ? 11 U   A "C3'"  1 
ATOM   334  O "O3'"  . U   A 1 11 ? -3.331  -9.762  7.267   1.00 0.00 ? 11 U   A "O3'"  1 
ATOM   335  C "C2'"  . U   A 1 11 ? -3.122  -8.664  5.124   1.00 0.00 ? 11 U   A "C2'"  1 
ATOM   336  O "O2'"  . U   A 1 11 ? -3.868  -9.817  4.718   1.00 0.00 ? 11 U   A "O2'"  1 
ATOM   337  C "C1'"  . U   A 1 11 ? -3.771  -7.380  4.625   1.00 0.00 ? 11 U   A "C1'"  1 
ATOM   338  N N1     . U   A 1 11 ? -2.744  -6.416  4.191   1.00 0.00 ? 11 U   A N1     1 
ATOM   339  C C2     . U   A 1 11 ? -2.136  -6.639  2.970   1.00 0.00 ? 11 U   A C2     1 
ATOM   340  O O2     . U   A 1 11 ? -2.430  -7.597  2.259   1.00 0.00 ? 11 U   A O2     1 
ATOM   341  N N3     . U   A 1 11 ? -1.175  -5.718  2.593   1.00 0.00 ? 11 U   A N3     1 
ATOM   342  C C4     . U   A 1 11 ? -0.776  -4.609  3.320   1.00 0.00 ? 11 U   A C4     1 
ATOM   343  O O4     . U   A 1 11 ? 0.092   -3.855  2.885   1.00 0.00 ? 11 U   A O4     1 
ATOM   344  C C5     . U   A 1 11 ? -1.464  -4.455  4.582   1.00 0.00 ? 11 U   A C5     1 
ATOM   345  C C6     . U   A 1 11 ? -2.408  -5.344  4.973   1.00 0.00 ? 11 U   A C6     1 
ATOM   346  H "H5'"  . U   A 1 11 ? -5.049  -6.191  8.321   1.00 0.00 ? 11 U   A "H5'"  1 
ATOM   347  H "H5''" . U   A 1 11 ? -3.792  -7.296  8.915   1.00 0.00 ? 11 U   A "H5''" 1 
ATOM   348  H "H4'"  . U   A 1 11 ? -5.218  -8.222  7.053   1.00 0.00 ? 11 U   A "H4'"  1 
ATOM   349  H "H3'"  . U   A 1 11 ? -2.224  -8.011  6.974   1.00 0.00 ? 11 U   A "H3'"  1 
ATOM   350  H "H2'"  . U   A 1 11 ? -2.090  -8.724  4.767   1.00 0.00 ? 11 U   A "H2'"  1 
ATOM   351  H "HO2'" . U   A 1 11 ? -4.565  -9.514  4.131   1.00 0.00 ? 11 U   A "HO2'" 1 
ATOM   352  H "H1'"  . U   A 1 11 ? -4.414  -7.613  3.776   1.00 0.00 ? 11 U   A "H1'"  1 
ATOM   353  H H3     . U   A 1 11 ? -0.721  -5.869  1.703   1.00 0.00 ? 11 U   A H3     1 
ATOM   354  H H5     . U   A 1 11 ? -1.217  -3.613  5.229   1.00 0.00 ? 11 U   A H5     1 
ATOM   355  H H6     . U   A 1 11 ? -2.912  -5.203  5.930   1.00 0.00 ? 11 U   A H6     1 
ATOM   356  P P      . C   A 1 12 ? -2.168  -10.401 8.179   1.00 0.00 ? 12 C   A P      1 
ATOM   357  O OP1    . C   A 1 12 ? -1.924  -11.786 7.716   1.00 0.00 ? 12 C   A OP1    1 
ATOM   358  O OP2    . C   A 1 12 ? -2.499  -10.146 9.599   1.00 0.00 ? 12 C   A OP2    1 
ATOM   359  O "O5'"  . C   A 1 12 ? -0.884  -9.508  7.791   1.00 0.00 ? 12 C   A "O5'"  1 
ATOM   360  C "C5'"  . C   A 1 12 ? 0.254   -10.104 7.162   1.00 0.00 ? 12 C   A "C5'"  1 
ATOM   361  C "C4'"  . C   A 1 12 ? -0.115  -10.752 5.832   1.00 0.00 ? 12 C   A "C4'"  1 
ATOM   362  O "O4'"  . C   A 1 12 ? -0.795  -9.813  4.981   1.00 0.00 ? 12 C   A "O4'"  1 
ATOM   363  C "C3'"  . C   A 1 12 ? 1.132   -11.250 5.112   1.00 0.00 ? 12 C   A "C3'"  1 
ATOM   364  O "O3'"  . C   A 1 12 ? 1.302   -12.653 5.336   1.00 0.00 ? 12 C   A "O3'"  1 
ATOM   365  C "C2'"  . C   A 1 12 ? 0.819   -10.983 3.656   1.00 0.00 ? 12 C   A "C2'"  1 
ATOM   366  O "O2'"  . C   A 1 12 ? 0.143   -12.095 3.059   1.00 0.00 ? 12 C   A "O2'"  1 
ATOM   367  C "C1'"  . C   A 1 12 ? -0.086  -9.764  3.734   1.00 0.00 ? 12 C   A "C1'"  1 
ATOM   368  N N1     . C   A 1 12 ? 0.678   -8.503  3.630   1.00 0.00 ? 12 C   A N1     1 
ATOM   369  C C2     . C   A 1 12 ? 1.552   -8.362  2.563   1.00 0.00 ? 12 C   A C2     1 
ATOM   370  O O2     . C   A 1 12 ? 1.697   -9.280  1.760   1.00 0.00 ? 12 C   A O2     1 
ATOM   371  N N3     . C   A 1 12 ? 2.236   -7.190  2.438   1.00 0.00 ? 12 C   A N3     1 
ATOM   372  C C4     . C   A 1 12 ? 2.068   -6.199  3.324   1.00 0.00 ? 12 C   A C4     1 
ATOM   373  N N4     . C   A 1 12 ? 2.759   -5.067  3.181   1.00 0.00 ? 12 C   A N4     1 
ATOM   374  C C5     . C   A 1 12 ? 1.169   -6.342  4.426   1.00 0.00 ? 12 C   A C5     1 
ATOM   375  C C6     . C   A 1 12 ? 0.499   -7.504  4.541   1.00 0.00 ? 12 C   A C6     1 
ATOM   376  H "H5'"  . C   A 1 12 ? 0.670   -10.863 7.824   1.00 0.00 ? 12 C   A "H5'"  1 
ATOM   377  H "H5''" . C   A 1 12 ? 1.006   -9.335  6.985   1.00 0.00 ? 12 C   A "H5''" 1 
ATOM   378  H "H4'"  . C   A 1 12 ? -0.776  -11.598 6.022   1.00 0.00 ? 12 C   A "H4'"  1 
ATOM   379  H "H3'"  . C   A 1 12 ? 2.012   -10.687 5.428   1.00 0.00 ? 12 C   A "H3'"  1 
ATOM   380  H "H2'"  . C   A 1 12 ? 1.733   -10.747 3.108   1.00 0.00 ? 12 C   A "H2'"  1 
ATOM   381  H "HO2'" . C   A 1 12 ? 0.505   -12.210 2.177   1.00 0.00 ? 12 C   A "HO2'" 1 
ATOM   382  H "H1'"  . C   A 1 12 ? -0.801  -9.807  2.918   1.00 0.00 ? 12 C   A "H1'"  1 
ATOM   383  H H41    . C   A 1 12 ? 3.399   -4.959  2.407   1.00 0.00 ? 12 C   A H41    1 
ATOM   384  H H42    . C   A 1 12 ? 2.643   -4.318  3.849   1.00 0.00 ? 12 C   A H42    1 
ATOM   385  H H5     . C   A 1 12 ? 1.028   -5.536  5.148   1.00 0.00 ? 12 C   A H5     1 
ATOM   386  H H6     . C   A 1 12 ? -0.192  -7.648  5.370   1.00 0.00 ? 12 C   A H6     1 
ATOM   387  P P      . C   A 1 13 ? 2.657   -13.394 4.883   1.00 0.00 ? 13 C   A P      1 
ATOM   388  O OP1    . C   A 1 13 ? 2.291   -14.551 4.034   1.00 0.00 ? 13 C   A OP1    1 
ATOM   389  O OP2    . C   A 1 13 ? 3.497   -13.598 6.083   1.00 0.00 ? 13 C   A OP2    1 
ATOM   390  O "O5'"  . C   A 1 13 ? 3.368   -12.292 3.950   1.00 0.00 ? 13 C   A "O5'"  1 
ATOM   391  C "C5'"  . C   A 1 13 ? 3.654   -12.582 2.581   1.00 0.00 ? 13 C   A "C5'"  1 
ATOM   392  C "C4'"  . C   A 1 13 ? 4.815   -11.743 2.055   1.00 0.00 ? 13 C   A "C4'"  1 
ATOM   393  O "O4'"  . C   A 1 13 ? 4.396   -10.398 1.795   1.00 0.00 ? 13 C   A "O4'"  1 
ATOM   394  C "C3'"  . C   A 1 13 ? 5.946   -11.693 3.066   1.00 0.00 ? 13 C   A "C3'"  1 
ATOM   395  O "O3'"  . C   A 1 13 ? 6.865   -12.766 2.841   1.00 0.00 ? 13 C   A "O3'"  1 
ATOM   396  C "C2'"  . C   A 1 13 ? 6.605   -10.363 2.765   1.00 0.00 ? 13 C   A "C2'"  1 
ATOM   397  O "O2'"  . C   A 1 13 ? 7.659   -10.509 1.805   1.00 0.00 ? 13 C   A "O2'"  1 
ATOM   398  C "C1'"  . C   A 1 13 ? 5.463   -9.525  2.209   1.00 0.00 ? 13 C   A "C1'"  1 
ATOM   399  N N1     . C   A 1 13 ? 4.987   -8.558  3.216   1.00 0.00 ? 13 C   A N1     1 
ATOM   400  C C2     . C   A 1 13 ? 5.628   -7.334  3.267   1.00 0.00 ? 13 C   A C2     1 
ATOM   401  O O2     . C   A 1 13 ? 6.562   -7.097  2.504   1.00 0.00 ? 13 C   A O2     1 
ATOM   402  N N3     . C   A 1 13 ? 5.199   -6.416  4.177   1.00 0.00 ? 13 C   A N3     1 
ATOM   403  C C4     . C   A 1 13 ? 4.183   -6.690  5.004   1.00 0.00 ? 13 C   A C4     1 
ATOM   404  N N4     . C   A 1 13 ? 3.770   -5.760  5.865   1.00 0.00 ? 13 C   A N4     1 
ATOM   405  C C5     . C   A 1 13 ? 3.519   -7.957  4.958   1.00 0.00 ? 13 C   A C5     1 
ATOM   406  C C6     . C   A 1 13 ? 3.950   -8.857  4.053   1.00 0.00 ? 13 C   A C6     1 
ATOM   407  H "H5'"  . C   A 1 13 ? 2.767   -12.376 1.981   1.00 0.00 ? 13 C   A "H5'"  1 
ATOM   408  H "H5''" . C   A 1 13 ? 3.909   -13.638 2.486   1.00 0.00 ? 13 C   A "H5''" 1 
ATOM   409  H "H4'"  . C   A 1 13 ? 5.184   -12.185 1.130   1.00 0.00 ? 13 C   A "H4'"  1 
ATOM   410  H "H3'"  . C   A 1 13 ? 5.554   -11.708 4.085   1.00 0.00 ? 13 C   A "H3'"  1 
ATOM   411  H "H2'"  . C   A 1 13 ? 6.980   -9.910  3.681   1.00 0.00 ? 13 C   A "H2'"  1 
ATOM   412  H "HO2'" . C   A 1 13 ? 7.278   -10.359 0.937   1.00 0.00 ? 13 C   A "HO2'" 1 
ATOM   413  H "H1'"  . C   A 1 13 ? 5.827   -8.976  1.348   1.00 0.00 ? 13 C   A "H1'"  1 
ATOM   414  H H41    . C   A 1 13 ? 4.233   -4.863  5.899   1.00 0.00 ? 13 C   A H41    1 
ATOM   415  H H42    . C   A 1 13 ? 2.992   -5.950  6.480   1.00 0.00 ? 13 C   A H42    1 
ATOM   416  H H5     . C   A 1 13 ? 2.693   -8.185  5.632   1.00 0.00 ? 13 C   A H5     1 
ATOM   417  H H6     . C   A 1 13 ? 3.464   -9.830  3.988   1.00 0.00 ? 13 C   A H6     1 
ATOM   418  P P      . C   A 1 14 ? 7.148   -13.858 3.990   1.00 0.00 ? 14 C   A P      1 
ATOM   419  O OP1    . C   A 1 14 ? 7.742   -15.055 3.355   1.00 0.00 ? 14 C   A OP1    1 
ATOM   420  O OP2    . C   A 1 14 ? 5.926   -13.989 4.815   1.00 0.00 ? 14 C   A OP2    1 
ATOM   421  O "O5'"  . C   A 1 14 ? 8.283   -13.144 4.881   1.00 0.00 ? 14 C   A "O5'"  1 
ATOM   422  C "C5'"  . C   A 1 14 ? 9.532   -12.769 4.297   1.00 0.00 ? 14 C   A "C5'"  1 
ATOM   423  C "C4'"  . C   A 1 14 ? 10.266  -11.739 5.152   1.00 0.00 ? 14 C   A "C4'"  1 
ATOM   424  O "O4'"  . C   A 1 14 ? 9.793   -10.419 4.878   1.00 0.00 ? 14 C   A "O4'"  1 
ATOM   425  C "C3'"  . C   A 1 14 ? 10.044  -12.002 6.629   1.00 0.00 ? 14 C   A "C3'"  1 
ATOM   426  O "O3'"  . C   A 1 14 ? 11.050  -12.886 7.137   1.00 0.00 ? 14 C   A "O3'"  1 
ATOM   427  C "C2'"  . C   A 1 14 ? 10.193  -10.628 7.253   1.00 0.00 ? 14 C   A "C2'"  1 
ATOM   428  O "O2'"  . C   A 1 14 ? 11.498  -10.447 7.813   1.00 0.00 ? 14 C   A "O2'"  1 
ATOM   429  C "C1'"  . C   A 1 14 ? 9.947   -9.665  6.091   1.00 0.00 ? 14 C   A "C1'"  1 
ATOM   430  N N1     . C   A 1 14 ? 8.750   -8.844  6.356   1.00 0.00 ? 14 C   A N1     1 
ATOM   431  C C2     . C   A 1 14 ? 8.954   -7.565  6.848   1.00 0.00 ? 14 C   A C2     1 
ATOM   432  O O2     . C   A 1 14 ? 10.098  -7.146  7.015   1.00 0.00 ? 14 C   A O2     1 
ATOM   433  N N3     . C   A 1 14 ? 7.865   -6.801  7.132   1.00 0.00 ? 14 C   A N3     1 
ATOM   434  C C4     . C   A 1 14 ? 6.626   -7.273  6.941   1.00 0.00 ? 14 C   A C4     1 
ATOM   435  N N4     . C   A 1 14 ? 5.581   -6.504  7.245   1.00 0.00 ? 14 C   A N4     1 
ATOM   436  C C5     . C   A 1 14 ? 6.410   -8.592  6.431   1.00 0.00 ? 14 C   A C5     1 
ATOM   437  C C6     . C   A 1 14 ? 7.495   -9.340  6.153   1.00 0.00 ? 14 C   A C6     1 
ATOM   438  H "H5'"  . C   A 1 14 ? 9.350   -12.345 3.309   1.00 0.00 ? 14 C   A "H5'"  1 
ATOM   439  H "H5''" . C   A 1 14 ? 10.158  -13.656 4.194   1.00 0.00 ? 14 C   A "H5''" 1 
ATOM   440  H "H4'"  . C   A 1 14 ? 11.332  -11.787 4.936   1.00 0.00 ? 14 C   A "H4'"  1 
ATOM   441  H "H3'"  . C   A 1 14 ? 9.043   -12.396 6.809   1.00 0.00 ? 14 C   A "H3'"  1 
ATOM   442  H "H2'"  . C   A 1 14 ? 9.425   -10.488 8.015   1.00 0.00 ? 14 C   A "H2'"  1 
ATOM   443  H "HO2'" . C   A 1 14 ? 12.045  -11.174 7.503   1.00 0.00 ? 14 C   A "HO2'" 1 
ATOM   444  H "H1'"  . C   A 1 14 ? 10.806  -9.005  5.990   1.00 0.00 ? 14 C   A "H1'"  1 
ATOM   445  H H41    . C   A 1 14 ? 5.727   -5.572  7.605   1.00 0.00 ? 14 C   A H41    1 
ATOM   446  H H42    . C   A 1 14 ? 4.643   -6.854  7.113   1.00 0.00 ? 14 C   A H42    1 
ATOM   447  H H5     . C   A 1 14 ? 5.404   -8.978  6.275   1.00 0.00 ? 14 C   A H5     1 
ATOM   448  H H6     . C   A 1 14 ? 7.369   -10.348 5.760   1.00 0.00 ? 14 C   A H6     1 
ATOM   449  P P      . G   A 1 15 ? 11.100  -13.249 8.706   1.00 0.00 ? 15 G   A P      1 
ATOM   450  O OP1    . G   A 1 15 ? 11.840  -14.521 8.863   1.00 0.00 ? 15 G   A OP1    1 
ATOM   451  O OP2    . G   A 1 15 ? 9.733   -13.118 9.256   1.00 0.00 ? 15 G   A OP2    1 
ATOM   452  O "O5'"  . G   A 1 15 ? 12.003  -12.062 9.313   1.00 0.00 ? 15 G   A "O5'"  1 
ATOM   453  C "C5'"  . G   A 1 15 ? 11.803  -11.605 10.654  1.00 0.00 ? 15 G   A "C5'"  1 
ATOM   454  C "C4'"  . G   A 1 15 ? 12.617  -10.346 10.939  1.00 0.00 ? 15 G   A "C4'"  1 
ATOM   455  O "O4'"  . G   A 1 15 ? 12.519  -9.415  9.845   1.00 0.00 ? 15 G   A "O4'"  1 
ATOM   456  C "C3'"  . G   A 1 15 ? 12.122  -9.643  12.191  1.00 0.00 ? 15 G   A "C3'"  1 
ATOM   457  O "O3'"  . G   A 1 15 ? 12.798  -10.126 13.363  1.00 0.00 ? 15 G   A "O3'"  1 
ATOM   458  C "C2'"  . G   A 1 15 ? 12.490  -8.203  11.906  1.00 0.00 ? 15 G   A "C2'"  1 
ATOM   459  O "O2'"  . G   A 1 15 ? 13.857  -7.928  12.231  1.00 0.00 ? 15 G   A "O2'"  1 
ATOM   460  C "C1'"  . G   A 1 15 ? 12.240  -8.121  10.413  1.00 0.00 ? 15 G   A "C1'"  1 
ATOM   461  N N9     . G   A 1 15 ? 10.840  -7.734  10.175  1.00 0.00 ? 15 G   A N9     1 
ATOM   462  C C8     . G   A 1 15 ? 9.752   -8.516  9.975   1.00 0.00 ? 15 G   A C8     1 
ATOM   463  N N7     . G   A 1 15 ? 8.607   -7.932  9.863   1.00 0.00 ? 15 G   A N7     1 
ATOM   464  C C5     . G   A 1 15 ? 8.961   -6.586  10.003  1.00 0.00 ? 15 G   A C5     1 
ATOM   465  C C6     . G   A 1 15 ? 8.144   -5.425  9.979   1.00 0.00 ? 15 G   A C6     1 
ATOM   466  O O6     . G   A 1 15 ? 6.927   -5.351  9.829   1.00 0.00 ? 15 G   A O6     1 
ATOM   467  N N1     . G   A 1 15 ? 8.895   -4.271  10.161  1.00 0.00 ? 15 G   A N1     1 
ATOM   468  C C2     . G   A 1 15 ? 10.263  -4.232  10.343  1.00 0.00 ? 15 G   A C2     1 
ATOM   469  N N2     . G   A 1 15 ? 10.803  -3.024  10.503  1.00 0.00 ? 15 G   A N2     1 
ATOM   470  N N3     . G   A 1 15 ? 11.038  -5.320  10.368  1.00 0.00 ? 15 G   A N3     1 
ATOM   471  C C4     . G   A 1 15 ? 10.327  -6.457  10.193  1.00 0.00 ? 15 G   A C4     1 
ATOM   472  H "H5'"  . G   A 1 15 ? 12.107  -12.389 11.347  1.00 0.00 ? 15 G   A "H5'"  1 
ATOM   473  H "H5''" . G   A 1 15 ? 10.745  -11.389 10.803  1.00 0.00 ? 15 G   A "H5''" 1 
ATOM   474  H "H4'"  . G   A 1 15 ? 13.659  -10.620 11.076  1.00 0.00 ? 15 G   A "H4'"  1 
ATOM   475  H "H3'"  . G   A 1 15 ? 11.038  -9.748  12.286  1.00 0.00 ? 15 G   A "H3'"  1 
ATOM   476  H "H2'"  . G   A 1 15 ? 11.814  -7.524  12.431  1.00 0.00 ? 15 G   A "H2'"  1 
ATOM   477  H "HO2'" . G   A 1 15 ? 13.951  -6.974  12.284  1.00 0.00 ? 15 G   A "HO2'" 1 
ATOM   478  H "H1'"  . G   A 1 15 ? 12.900  -7.377  9.972   1.00 0.00 ? 15 G   A "H1'"  1 
ATOM   479  H H8     . G   A 1 15 ? 9.840   -9.600  9.929   1.00 0.00 ? 15 G   A H8     1 
ATOM   480  H H1     . G   A 1 15 ? 8.380   -3.402  10.163  1.00 0.00 ? 15 G   A H1     1 
ATOM   481  H H21    . G   A 1 15 ? 10.215  -2.202  10.485  1.00 0.00 ? 15 G   A H21    1 
ATOM   482  H H22    . G   A 1 15 ? 11.798  -2.930  10.641  1.00 0.00 ? 15 G   A H22    1 
ATOM   483  P P      . G   A 1 16 ? 14.402  -10.262 13.415  1.00 0.00 ? 16 G   A P      1 
ATOM   484  O OP1    . G   A 1 16 ? 14.948  -9.844  12.104  1.00 0.00 ? 16 G   A OP1    1 
ATOM   485  O OP2    . G   A 1 16 ? 14.734  -11.598 13.959  1.00 0.00 ? 16 G   A OP2    1 
ATOM   486  O "O5'"  . G   A 1 16 ? 14.814  -9.158  14.510  1.00 0.00 ? 16 G   A "O5'"  1 
ATOM   487  C "C5'"  . G   A 1 16 ? 15.581  -8.014  14.131  1.00 0.00 ? 16 G   A "C5'"  1 
ATOM   488  C "C4'"  . G   A 1 16 ? 14.951  -6.722  14.640  1.00 0.00 ? 16 G   A "C4'"  1 
ATOM   489  O "O4'"  . G   A 1 16 ? 13.749  -6.417  13.919  1.00 0.00 ? 16 G   A "O4'"  1 
ATOM   490  C "C3'"  . G   A 1 16 ? 14.584  -6.842  16.107  1.00 0.00 ? 16 G   A "C3'"  1 
ATOM   491  O "O3'"  . G   A 1 16 ? 15.686  -6.482  16.944  1.00 0.00 ? 16 G   A "O3'"  1 
ATOM   492  C "C2'"  . G   A 1 16 ? 13.468  -5.831  16.239  1.00 0.00 ? 16 G   A "C2'"  1 
ATOM   493  O "O2'"  . G   A 1 16 ? 13.976  -4.518  16.502  1.00 0.00 ? 16 G   A "O2'"  1 
ATOM   494  C "C1'"  . G   A 1 16 ? 12.796  -5.906  14.873  1.00 0.00 ? 16 G   A "C1'"  1 
ATOM   495  N N9     . G   A 1 16 ? 11.605  -6.773  14.948  1.00 0.00 ? 16 G   A N9     1 
ATOM   496  C C8     . G   A 1 16 ? 11.492  -8.112  14.767  1.00 0.00 ? 16 G   A C8     1 
ATOM   497  N N7     . G   A 1 16 ? 10.331  -8.645  14.949  1.00 0.00 ? 16 G   A N7     1 
ATOM   498  C C5     . G   A 1 16 ? 9.558   -7.532  15.292  1.00 0.00 ? 16 G   A C5     1 
ATOM   499  C C6     . G   A 1 16 ? 8.177   -7.448  15.617  1.00 0.00 ? 16 G   A C6     1 
ATOM   500  O O6     . G   A 1 16 ? 7.349   -8.355  15.667  1.00 0.00 ? 16 G   A O6     1 
ATOM   501  N N1     . G   A 1 16 ? 7.799   -6.143  15.902  1.00 0.00 ? 16 G   A N1     1 
ATOM   502  C C2     . G   A 1 16 ? 8.638   -5.049  15.873  1.00 0.00 ? 16 G   A C2     1 
ATOM   503  N N2     . G   A 1 16 ? 8.075   -3.878  16.147  1.00 0.00 ? 16 G   A N2     1 
ATOM   504  N N3     . G   A 1 16 ? 9.939   -5.114  15.570  1.00 0.00 ? 16 G   A N3     1 
ATOM   505  C C4     . G   A 1 16 ? 10.332  -6.380  15.292  1.00 0.00 ? 16 G   A C4     1 
ATOM   506  H "H5'"  . G   A 1 16 ? 15.645  -7.973  13.043  1.00 0.00 ? 16 G   A "H5'"  1 
ATOM   507  H "H5''" . G   A 1 16 ? 16.585  -8.106  14.544  1.00 0.00 ? 16 G   A "H5''" 1 
ATOM   508  H "H4'"  . G   A 1 16 ? 15.659  -5.904  14.513  1.00 0.00 ? 16 G   A "H4'"  1 
ATOM   509  H "H3'"  . G   A 1 16 ? 14.222  -7.847  16.333  1.00 0.00 ? 16 G   A "H3'"  1 
ATOM   510  H "H2'"  . G   A 1 16 ? 12.769  -6.144  17.019  1.00 0.00 ? 16 G   A "H2'"  1 
ATOM   511  H "HO2'" . G   A 1 16 ? 13.230  -3.914  16.483  1.00 0.00 ? 16 G   A "HO2'" 1 
ATOM   512  H "H1'"  . G   A 1 16 ? 12.488  -4.906  14.570  1.00 0.00 ? 16 G   A "H1'"  1 
ATOM   513  H H8     . G   A 1 16 ? 12.348  -8.717  14.457  1.00 0.00 ? 16 G   A H8     1 
ATOM   514  H H1     . G   A 1 16 ? 6.831   -6.005  16.158  1.00 0.00 ? 16 G   A H1     1 
ATOM   515  H H21    . G   A 1 16 ? 7.092   -3.831  16.375  1.00 0.00 ? 16 G   A H21    1 
ATOM   516  H H22    . G   A 1 16 ? 8.628   -3.035  16.122  1.00 0.00 ? 16 G   A H22    1 
ATOM   517  P P      . A   A 1 17 ? 15.678  -6.891  18.502  1.00 0.00 ? 17 A   A P      1 
ATOM   518  O OP1    . A   A 1 17 ? 16.112  -5.716  19.291  1.00 0.00 ? 17 A   A OP1    1 
ATOM   519  O OP2    . A   A 1 17 ? 16.386  -8.182  18.647  1.00 0.00 ? 17 A   A OP2    1 
ATOM   520  O "O5'"  . A   A 1 17 ? 14.111  -7.140  18.791  1.00 0.00 ? 17 A   A "O5'"  1 
ATOM   521  C "C5'"  . A   A 1 17 ? 13.599  -8.469  18.943  1.00 0.00 ? 17 A   A "C5'"  1 
ATOM   522  C "C4'"  . A   A 1 17 ? 12.742  -8.599  20.200  1.00 0.00 ? 17 A   A "C4'"  1 
ATOM   523  O "O4'"  . A   A 1 17 ? 13.334  -7.879  21.284  1.00 0.00 ? 17 A   A "O4'"  1 
ATOM   524  C "C3'"  . A   A 1 17 ? 11.350  -8.053  19.959  1.00 0.00 ? 17 A   A "C3'"  1 
ATOM   525  O "O3'"  . A   A 1 17 ? 10.455  -9.113  19.616  1.00 0.00 ? 17 A   A "O3'"  1 
ATOM   526  C "C2'"  . A   A 1 17 ? 10.952  -7.463  21.302  1.00 0.00 ? 17 A   A "C2'"  1 
ATOM   527  O "O2'"  . A   A 1 17 ? 10.109  -8.359  22.033  1.00 0.00 ? 17 A   A "O2'"  1 
ATOM   528  C "C1'"  . A   A 1 17 ? 12.280  -7.244  22.023  1.00 0.00 ? 17 A   A "C1'"  1 
ATOM   529  N N9     . A   A 1 17 ? 12.556  -5.807  22.180  1.00 0.00 ? 17 A   A N9     1 
ATOM   530  C C8     . A   A 1 17 ? 13.593  -5.073  21.712  1.00 0.00 ? 17 A   A C8     1 
ATOM   531  N N7     . A   A 1 17 ? 13.617  -3.817  22.007  1.00 0.00 ? 17 A   A N7     1 
ATOM   532  C C5     . A   A 1 17 ? 12.451  -3.685  22.765  1.00 0.00 ? 17 A   A C5     1 
ATOM   533  C C6     . A   A 1 17 ? 11.855  -2.593  23.405  1.00 0.00 ? 17 A   A C6     1 
ATOM   534  N N6     . A   A 1 17 ? 12.372  -1.364  23.383  1.00 0.00 ? 17 A   A N6     1 
ATOM   535  N N1     . A   A 1 17 ? 10.705  -2.814  24.066  1.00 0.00 ? 17 A   A N1     1 
ATOM   536  C C2     . A   A 1 17 ? 10.170  -4.036  24.099  1.00 0.00 ? 17 A   A C2     1 
ATOM   537  N N3     . A   A 1 17 ? 10.648  -5.139  23.530  1.00 0.00 ? 17 A   A N3     1 
ATOM   538  C C4     . A   A 1 17 ? 11.799  -4.892  22.874  1.00 0.00 ? 17 A   A C4     1 
ATOM   539  H "H5'"  . A   A 1 17 ? 14.433  -9.166  19.009  1.00 0.00 ? 17 A   A "H5'"  1 
ATOM   540  H "H5''" . A   A 1 17 ? 12.993  -8.719  18.073  1.00 0.00 ? 17 A   A "H5''" 1 
ATOM   541  H "H4'"  . A   A 1 17 ? 12.664  -9.643  20.470  1.00 0.00 ? 17 A   A "H4'"  1 
ATOM   542  H "H3'"  . A   A 1 17 ? 11.366  -7.293  19.182  1.00 0.00 ? 17 A   A "H3'"  1 
ATOM   543  H "H2'"  . A   A 1 17 ? 10.452  -6.504  21.153  1.00 0.00 ? 17 A   A "H2'"  1 
ATOM   544  H "HO2'" . A   A 1 17 ? 9.202   -8.073  21.901  1.00 0.00 ? 17 A   A "HO2'" 1 
ATOM   545  H "H1'"  . A   A 1 17 ? 12.221  -7.697  23.012  1.00 0.00 ? 17 A   A "H1'"  1 
ATOM   546  H H8     . A   A 1 17 ? 14.375  -5.527  21.104  1.00 0.00 ? 17 A   A H8     1 
ATOM   547  H H61    . A   A 1 17 ? 11.902  -0.610  23.862  1.00 0.00 ? 17 A   A H61    1 
ATOM   548  H H62    . A   A 1 17 ? 13.235  -1.189  22.887  1.00 0.00 ? 17 A   A H62    1 
ATOM   549  H H2     . A   A 1 17 ? 9.236   -4.141  24.651  1.00 0.00 ? 17 A   A H2     1 
ATOM   550  P P      . A   A 1 18 ? 8.868   -8.846  19.569  1.00 0.00 ? 18 A   A P      1 
ATOM   551  O OP1    . A   A 1 18 ? 8.240   -9.590  20.684  1.00 0.00 ? 18 A   A OP1    1 
ATOM   552  O OP2    . A   A 1 18 ? 8.401   -9.063  18.181  1.00 0.00 ? 18 A   A OP2    1 
ATOM   553  O "O5'"  . A   A 1 18 ? 8.767   -7.270  19.895  1.00 0.00 ? 18 A   A "O5'"  1 
ATOM   554  C "C5'"  . A   A 1 18 ? 7.667   -6.757  20.650  1.00 0.00 ? 18 A   A "C5'"  1 
ATOM   555  C "C4'"  . A   A 1 18 ? 7.822   -5.266  20.943  1.00 0.00 ? 18 A   A "C4'"  1 
ATOM   556  O "O4'"  . A   A 1 18 ? 9.157   -4.956  21.350  1.00 0.00 ? 18 A   A "O4'"  1 
ATOM   557  C "C3'"  . A   A 1 18 ? 7.504   -4.434  19.714  1.00 0.00 ? 18 A   A "C3'"  1 
ATOM   558  O "O3'"  . A   A 1 18 ? 6.148   -3.975  19.781  1.00 0.00 ? 18 A   A "O3'"  1 
ATOM   559  C "C2'"  . A   A 1 18 ? 8.442   -3.245  19.819  1.00 0.00 ? 18 A   A "C2'"  1 
ATOM   560  O "O2'"  . A   A 1 18 ? 7.733   -2.034  20.101  1.00 0.00 ? 18 A   A "O2'"  1 
ATOM   561  C "C1'"  . A   A 1 18 ? 9.406   -3.604  20.938  1.00 0.00 ? 18 A   A "C1'"  1 
ATOM   562  N N9     . A   A 1 18 ? 10.789  -3.407  20.474  1.00 0.00 ? 18 A   A N9     1 
ATOM   563  C C8     . A   A 1 18 ? 11.613  -4.259  19.831  1.00 0.00 ? 18 A   A C8     1 
ATOM   564  N N7     . A   A 1 18 ? 12.782  -3.823  19.495  1.00 0.00 ? 18 A   A N7     1 
ATOM   565  C C5     . A   A 1 18 ? 12.736  -2.508  19.968  1.00 0.00 ? 18 A   A C5     1 
ATOM   566  C C6     . A   A 1 18 ? 13.659  -1.457  19.943  1.00 0.00 ? 18 A   A C6     1 
ATOM   567  N N6     . A   A 1 18 ? 14.872  -1.565  19.402  1.00 0.00 ? 18 A   A N6     1 
ATOM   568  N N1     . A   A 1 18 ? 13.284  -0.291  20.500  1.00 0.00 ? 18 A   A N1     1 
ATOM   569  C C2     . A   A 1 18 ? 12.075  -0.163  21.048  1.00 0.00 ? 18 A   A C2     1 
ATOM   570  N N3     . A   A 1 18 ? 11.128  -1.091  21.130  1.00 0.00 ? 18 A   A N3     1 
ATOM   571  C C4     . A   A 1 18 ? 11.525  -2.248  20.566  1.00 0.00 ? 18 A   A C4     1 
ATOM   572  H "H5'"  . A   A 1 18 ? 7.602   -7.298  21.594  1.00 0.00 ? 18 A   A "H5'"  1 
ATOM   573  H "H5''" . A   A 1 18 ? 6.747   -6.913  20.088  1.00 0.00 ? 18 A   A "H5''" 1 
ATOM   574  H "H4'"  . A   A 1 18 ? 7.134   -4.987  21.735  1.00 0.00 ? 18 A   A "H4'"  1 
ATOM   575  H "H3'"  . A   A 1 18 ? 7.690   -4.999  18.800  1.00 0.00 ? 18 A   A "H3'"  1 
ATOM   576  H "H2'"  . A   A 1 18 ? 9.008   -3.158  18.892  1.00 0.00 ? 18 A   A "H2'"  1 
ATOM   577  H "HO2'" . A   A 1 18 ? 6.821   -2.274  20.286  1.00 0.00 ? 18 A   A "HO2'" 1 
ATOM   578  H "H1'"  . A   A 1 18 ? 9.225   -2.941  21.783  1.00 0.00 ? 18 A   A "H1'"  1 
ATOM   579  H H8     . A   A 1 18 ? 11.291  -5.263  19.581  1.00 0.00 ? 18 A   A H8     1 
ATOM   580  H H61    . A   A 1 18 ? 15.501  -0.775  19.410  1.00 0.00 ? 18 A   A H61    1 
ATOM   581  H H62    . A   A 1 18 ? 15.162  -2.437  18.984  1.00 0.00 ? 18 A   A H62    1 
ATOM   582  H H2     . A   A 1 18 ? 11.833  0.814   21.470  1.00 0.00 ? 18 A   A H2     1 
ATOM   583  P P      . A   A 1 19 ? 5.473   -3.203  18.539  1.00 0.00 ? 19 A   A P      1 
ATOM   584  O OP1    . A   A 1 19 ? 4.007   -3.198  18.738  1.00 0.00 ? 19 A   A OP1    1 
ATOM   585  O OP2    . A   A 1 19 ? 6.044   -3.746  17.287  1.00 0.00 ? 19 A   A OP2    1 
ATOM   586  O "O5'"  . A   A 1 19 ? 6.013   -1.693  18.730  1.00 0.00 ? 19 A   A "O5'"  1 
ATOM   587  C "C5'"  . A   A 1 19 ? 5.163   -0.678  19.279  1.00 0.00 ? 19 A   A "C5'"  1 
ATOM   588  C "C4'"  . A   A 1 19 ? 5.956   0.549   19.734  1.00 0.00 ? 19 A   A "C4'"  1 
ATOM   589  O "O4'"  . A   A 1 19 ? 7.225   0.164   20.288  1.00 0.00 ? 19 A   A "O4'"  1 
ATOM   590  C "C3'"  . A   A 1 19 ? 6.202   1.496   18.564  1.00 0.00 ? 19 A   A "C3'"  1 
ATOM   591  O "O3'"  . A   A 1 19 ? 5.247   2.563   18.583  1.00 0.00 ? 19 A   A "O3'"  1 
ATOM   592  C "C2'"  . A   A 1 19 ? 7.595   2.029   18.834  1.00 0.00 ? 19 A   A "C2'"  1 
ATOM   593  O "O2'"  . A   A 1 19 ? 7.559   3.212   19.641  1.00 0.00 ? 19 A   A "O2'"  1 
ATOM   594  C "C1'"  . A   A 1 19 ? 8.247   0.872   19.569  1.00 0.00 ? 19 A   A "C1'"  1 
ATOM   595  N N9     . A   A 1 19 ? 8.910   -0.032  18.621  1.00 0.00 ? 19 A   A N9     1 
ATOM   596  C C8     . A   A 1 19 ? 8.390   -1.073  17.945  1.00 0.00 ? 19 A   A C8     1 
ATOM   597  N N7     . A   A 1 19 ? 9.179   -1.746  17.185  1.00 0.00 ? 19 A   A N7     1 
ATOM   598  C C5     . A   A 1 19 ? 10.388  -1.081  17.371  1.00 0.00 ? 19 A   A C5     1 
ATOM   599  C C6     . A   A 1 19 ? 11.666  -1.289  16.849  1.00 0.00 ? 19 A   A C6     1 
ATOM   600  N N6     . A   A 1 19 ? 11.953  -2.286  16.008  1.00 0.00 ? 19 A   A N6     1 
ATOM   601  N N1     . A   A 1 19 ? 12.637  -0.445  17.240  1.00 0.00 ? 19 A   A N1     1 
ATOM   602  C C2     . A   A 1 19 ? 12.367  0.545   18.096  1.00 0.00 ? 19 A   A C2     1 
ATOM   603  N N3     . A   A 1 19 ? 11.191  0.830   18.653  1.00 0.00 ? 19 A   A N3     1 
ATOM   604  C C4     . A   A 1 19 ? 10.237  -0.030  18.244  1.00 0.00 ? 19 A   A C4     1 
ATOM   605  H "H5'"  . A   A 1 19 ? 4.626   -1.090  20.134  1.00 0.00 ? 19 A   A "H5'"  1 
ATOM   606  H "H5''" . A   A 1 19 ? 4.441   -0.372  18.522  1.00 0.00 ? 19 A   A "H5''" 1 
ATOM   607  H "H4'"  . A   A 1 19 ? 5.382   1.075   20.497  1.00 0.00 ? 19 A   A "H4'"  1 
ATOM   608  H "H3'"  . A   A 1 19 ? 6.174   0.954   17.617  1.00 0.00 ? 19 A   A "H3'"  1 
ATOM   609  H "H2'"  . A   A 1 19 ? 8.117   2.212   17.893  1.00 0.00 ? 19 A   A "H2'"  1 
ATOM   610  H "HO2'" . A   A 1 19 ? 7.082   3.881   19.146  1.00 0.00 ? 19 A   A "HO2'" 1 
ATOM   611  H "H1'"  . A   A 1 19 ? 8.982   1.254   20.270  1.00 0.00 ? 19 A   A "H1'"  1 
ATOM   612  H H8     . A   A 1 19 ? 7.349   -1.361  18.074  1.00 0.00 ? 19 A   A H8     1 
ATOM   613  H H61    . A   A 1 19 ? 12.894  -2.396  15.658  1.00 0.00 ? 19 A   A H61    1 
ATOM   614  H H62    . A   A 1 19 ? 11.230  -2.933  15.725  1.00 0.00 ? 19 A   A H62    1 
ATOM   615  H H2     . A   A 1 19 ? 13.201  1.192   18.367  1.00 0.00 ? 19 A   A H2     1 
ATOM   616  P P      . C   A 1 20 ? 4.683   3.184   17.207  1.00 0.00 ? 20 C   A P      1 
ATOM   617  O OP1    . C   A 1 20 ? 5.238   4.548   17.055  1.00 0.00 ? 20 C   A OP1    1 
ATOM   618  O OP2    . C   A 1 20 ? 3.219   2.975   17.172  1.00 0.00 ? 20 C   A OP2    1 
ATOM   619  O "O5'"  . C   A 1 20 ? 5.354   2.240   16.090  1.00 0.00 ? 20 C   A "O5'"  1 
ATOM   620  C "C5'"  . C   A 1 20 ? 5.554   2.718   14.757  1.00 0.00 ? 20 C   A "C5'"  1 
ATOM   621  C "C4'"  . C   A 1 20 ? 6.958   2.397   14.252  1.00 0.00 ? 20 C   A "C4'"  1 
ATOM   622  O "O4'"  . C   A 1 20 ? 7.330   1.068   14.622  1.00 0.00 ? 20 C   A "O4'"  1 
ATOM   623  C "C3'"  . C   A 1 20 ? 7.024   2.509   12.738  1.00 0.00 ? 20 C   A "C3'"  1 
ATOM   624  O "O3'"  . C   A 1 20 ? 7.479   3.813   12.360  1.00 0.00 ? 20 C   A "O3'"  1 
ATOM   625  C "C2'"  . C   A 1 20 ? 8.054   1.464   12.347  1.00 0.00 ? 20 C   A "C2'"  1 
ATOM   626  O "O2'"  . C   A 1 20 ? 9.341   2.056   12.139  1.00 0.00 ? 20 C   A "O2'"  1 
ATOM   627  C "C1'"  . C   A 1 20 ? 8.071   0.499   13.532  1.00 0.00 ? 20 C   A "C1'"  1 
ATOM   628  N N1     . C   A 1 20 ? 7.501   -0.803  13.146  1.00 0.00 ? 20 C   A N1     1 
ATOM   629  C C2     . C   A 1 20 ? 8.107   -1.478  12.100  1.00 0.00 ? 20 C   A C2     1 
ATOM   630  O O2     . C   A 1 20 ? 9.081   -0.986  11.533  1.00 0.00 ? 20 C   A O2     1 
ATOM   631  N N3     . C   A 1 20 ? 7.598   -2.683  11.728  1.00 0.00 ? 20 C   A N3     1 
ATOM   632  C C4     . C   A 1 20 ? 6.537   -3.205  12.357  1.00 0.00 ? 20 C   A C4     1 
ATOM   633  N N4     . C   A 1 20 ? 6.066   -4.389  11.968  1.00 0.00 ? 20 C   A N4     1 
ATOM   634  C C5     . C   A 1 20 ? 5.907   -2.512  13.437  1.00 0.00 ? 20 C   A C5     1 
ATOM   635  C C6     . C   A 1 20 ? 6.420   -1.320  13.799  1.00 0.00 ? 20 C   A C6     1 
ATOM   636  H "H5'"  . C   A 1 20 ? 5.409   3.799   14.741  1.00 0.00 ? 20 C   A "H5'"  1 
ATOM   637  H "H5''" . C   A 1 20 ? 4.822   2.252   14.098  1.00 0.00 ? 20 C   A "H5''" 1 
ATOM   638  H "H4'"  . C   A 1 20 ? 7.665   3.099   14.693  1.00 0.00 ? 20 C   A "H4'"  1 
ATOM   639  H "H3'"  . C   A 1 20 ? 6.056   2.283   12.288  1.00 0.00 ? 20 C   A "H3'"  1 
ATOM   640  H "H2'"  . C   A 1 20 ? 7.723   0.939   11.447  1.00 0.00 ? 20 C   A "H2'"  1 
ATOM   641  H "HO2'" . C   A 1 20 ? 9.596   2.479   12.962  1.00 0.00 ? 20 C   A "HO2'" 1 
ATOM   642  H "H1'"  . C   A 1 20 ? 9.102   0.347   13.848  1.00 0.00 ? 20 C   A "H1'"  1 
ATOM   643  H H41    . C   A 1 20 ? 6.509   -4.884  11.207  1.00 0.00 ? 20 C   A H41    1 
ATOM   644  H H42    . C   A 1 20 ? 5.268   -4.795  12.437  1.00 0.00 ? 20 C   A H42    1 
ATOM   645  H H5     . C   A 1 20 ? 5.042   -2.933  13.950  1.00 0.00 ? 20 C   A H5     1 
ATOM   646  H H6     . C   A 1 20 ? 5.969   -0.765  14.621  1.00 0.00 ? 20 C   A H6     1 
ATOM   647  P P      . G   A 1 21 ? 6.918   4.523   11.028  1.00 0.00 ? 21 G   A P      1 
ATOM   648  O OP1    . G   A 1 21 ? 7.124   5.983   11.159  1.00 0.00 ? 21 G   A OP1    1 
ATOM   649  O OP2    . G   A 1 21 ? 5.565   3.991   10.756  1.00 0.00 ? 21 G   A OP2    1 
ATOM   650  O "O5'"  . G   A 1 21 ? 7.914   3.975   9.887   1.00 0.00 ? 21 G   A "O5'"  1 
ATOM   651  C "C5'"  . G   A 1 21 ? 9.319   3.871   10.136  1.00 0.00 ? 21 G   A "C5'"  1 
ATOM   652  C "C4'"  . G   A 1 21 ? 10.019  3.039   9.066   1.00 0.00 ? 21 G   A "C4'"  1 
ATOM   653  O "O4'"  . G   A 1 21 ? 9.922   1.645   9.373   1.00 0.00 ? 21 G   A "O4'"  1 
ATOM   654  C "C3'"  . G   A 1 21 ? 9.386   3.274   7.706   1.00 0.00 ? 21 G   A "C3'"  1 
ATOM   655  O "O3'"  . G   A 1 21 ? 10.105  4.289   6.997   1.00 0.00 ? 21 G   A "O3'"  1 
ATOM   656  C "C2'"  . G   A 1 21 ? 9.540   1.938   7.001   1.00 0.00 ? 21 G   A "C2'"  1 
ATOM   657  O "O2'"  . G   A 1 21 ? 10.668  1.941   6.120   1.00 0.00 ? 21 G   A "O2'"  1 
ATOM   658  C "C1'"  . G   A 1 21 ? 9.730   0.936   8.139   1.00 0.00 ? 21 G   A "C1'"  1 
ATOM   659  N N9     . G   A 1 21 ? 8.567   0.037   8.235   1.00 0.00 ? 21 G   A N9     1 
ATOM   660  C C8     . G   A 1 21 ? 7.284   0.312   8.574   1.00 0.00 ? 21 G   A C8     1 
ATOM   661  N N7     . G   A 1 21 ? 6.443   -0.667  8.577   1.00 0.00 ? 21 G   A N7     1 
ATOM   662  C C5     . G   A 1 21 ? 7.253   -1.741  8.193   1.00 0.00 ? 21 G   A C5     1 
ATOM   663  C C6     . G   A 1 21 ? 6.924   -3.110  8.009   1.00 0.00 ? 21 G   A C6     1 
ATOM   664  O O6     . G   A 1 21 ? 5.831   -3.657  8.149   1.00 0.00 ? 21 G   A O6     1 
ATOM   665  N N1     . G   A 1 21 ? 8.032   -3.854  7.622   1.00 0.00 ? 21 G   A N1     1 
ATOM   666  C C2     . G   A 1 21 ? 9.303   -3.348  7.434   1.00 0.00 ? 21 G   A C2     1 
ATOM   667  N N2     . G   A 1 21 ? 10.239  -4.222  7.063   1.00 0.00 ? 21 G   A N2     1 
ATOM   668  N N3     . G   A 1 21 ? 9.621   -2.061  7.605   1.00 0.00 ? 21 G   A N3     1 
ATOM   669  C C4     . G   A 1 21 ? 8.557   -1.317  7.983   1.00 0.00 ? 21 G   A C4     1 
ATOM   670  H "H5'"  . G   A 1 21 ? 9.475   3.405   11.109  1.00 0.00 ? 21 G   A "H5'"  1 
ATOM   671  H "H5''" . G   A 1 21 ? 9.752   4.872   10.148  1.00 0.00 ? 21 G   A "H5''" 1 
ATOM   672  H "H4'"  . G   A 1 21 ? 11.071  3.322   9.025   1.00 0.00 ? 21 G   A "H4'"  1 
ATOM   673  H "H3'"  . G   A 1 21 ? 8.332   3.536   7.811   1.00 0.00 ? 21 G   A "H3'"  1 
ATOM   674  H "H2'"  . G   A 1 21 ? 8.625   1.703   6.451   1.00 0.00 ? 21 G   A "H2'"  1 
ATOM   675  H "HO2'" . G   A 1 21 ? 11.368  2.434   6.554   1.00 0.00 ? 21 G   A "HO2'" 1 
ATOM   676  H "H1'"  . G   A 1 21 ? 10.615  0.337   7.933   1.00 0.00 ? 21 G   A "H1'"  1 
ATOM   677  H H8     . G   A 1 21 ? 6.974   1.323   8.836   1.00 0.00 ? 21 G   A H8     1 
ATOM   678  H H1     . G   A 1 21 ? 7.874   -4.839  7.471   1.00 0.00 ? 21 G   A H1     1 
ATOM   679  H H21    . G   A 1 21 ? 9.998   -5.195  6.933   1.00 0.00 ? 21 G   A H21    1 
ATOM   680  H H22    . G   A 1 21 ? 11.188  -3.912  6.911   1.00 0.00 ? 21 G   A H22    1 
ATOM   681  P P      . G   A 1 22 ? 9.686   4.695   5.495   1.00 0.00 ? 22 G   A P      1 
ATOM   682  O OP1    . G   A 1 22 ? 10.349  5.974   5.161   1.00 0.00 ? 22 G   A OP1    1 
ATOM   683  O OP2    . G   A 1 22 ? 8.216   4.572   5.376   1.00 0.00 ? 22 G   A OP2    1 
ATOM   684  O "O5'"  . G   A 1 22 ? 10.362  3.531   4.611   1.00 0.00 ? 22 G   A "O5'"  1 
ATOM   685  C "C5'"  . G   A 1 22 ? 9.580   2.788   3.672   1.00 0.00 ? 22 G   A "C5'"  1 
ATOM   686  C "C4'"  . G   A 1 22 ? 10.334  1.567   3.150   1.00 0.00 ? 22 G   A "C4'"  1 
ATOM   687  O "O4'"  . G   A 1 22 ? 10.422  0.552   4.160   1.00 0.00 ? 22 G   A "O4'"  1 
ATOM   688  C "C3'"  . G   A 1 22 ? 9.622   0.981   1.944   1.00 0.00 ? 22 G   A "C3'"  1 
ATOM   689  O "O3'"  . G   A 1 22 ? 10.176  1.508   0.734   1.00 0.00 ? 22 G   A "O3'"  1 
ATOM   690  C "C2'"  . G   A 1 22 ? 9.915   -0.499  2.054   1.00 0.00 ? 22 G   A "C2'"  1 
ATOM   691  O "O2'"  . G   A 1 22 ? 11.113  -0.848  1.352   1.00 0.00 ? 22 G   A "O2'"  1 
ATOM   692  C "C1'"  . G   A 1 22 ? 10.069  -0.704  3.554   1.00 0.00 ? 22 G   A "C1'"  1 
ATOM   693  N N9     . G   A 1 22 ? 8.817   -1.222  4.131   1.00 0.00 ? 22 G   A N9     1 
ATOM   694  C C8     . G   A 1 22 ? 7.791   -0.553  4.710   1.00 0.00 ? 22 G   A C8     1 
ATOM   695  N N7     . G   A 1 22 ? 6.795   -1.246  5.150   1.00 0.00 ? 22 G   A N7     1 
ATOM   696  C C5     . G   A 1 22 ? 7.193   -2.547  4.829   1.00 0.00 ? 22 G   A C5     1 
ATOM   697  C C6     . G   A 1 22 ? 6.527   -3.781  5.051   1.00 0.00 ? 22 G   A C6     1 
ATOM   698  O O6     . G   A 1 22 ? 5.436   -3.974  5.584   1.00 0.00 ? 22 G   A O6     1 
ATOM   699  N N1     . G   A 1 22 ? 7.270   -4.853  4.575   1.00 0.00 ? 22 G   A N1     1 
ATOM   700  C C2     . G   A 1 22 ? 8.501   -4.757  3.958   1.00 0.00 ? 22 G   A C2     1 
ATOM   701  N N2     . G   A 1 22 ? 9.050   -5.903  3.556   1.00 0.00 ? 22 G   A N2     1 
ATOM   702  N N3     . G   A 1 22 ? 9.135   -3.600  3.746   1.00 0.00 ? 22 G   A N3     1 
ATOM   703  C C4     . G   A 1 22 ? 8.430   -2.541  4.203   1.00 0.00 ? 22 G   A C4     1 
ATOM   704  H "H5'"  . G   A 1 22 ? 9.326   3.433   2.832   1.00 0.00 ? 22 G   A "H5'"  1 
ATOM   705  H "H5''" . G   A 1 22 ? 8.661   2.458   4.158   1.00 0.00 ? 22 G   A "H5''" 1 
ATOM   706  H "H4'"  . G   A 1 22 ? 11.339  1.868   2.859   1.00 0.00 ? 22 G   A "H4'"  1 
ATOM   707  H "H3'"  . G   A 1 22 ? 8.547   1.166   2.004   1.00 0.00 ? 22 G   A "H3'"  1 
ATOM   708  H "H2'"  . G   A 1 22 ? 9.065   -1.077  1.683   1.00 0.00 ? 22 G   A "H2'"  1 
ATOM   709  H "HO2'" . G   A 1 22 ? 11.762  -0.166  1.537   1.00 0.00 ? 22 G   A "HO2'" 1 
ATOM   710  H "H1'"  . G   A 1 22 ? 10.865  -1.425  3.736   1.00 0.00 ? 22 G   A "H1'"  1 
ATOM   711  H H8     . G   A 1 22 ? 7.800   0.533   4.789   1.00 0.00 ? 22 G   A H8     1 
ATOM   712  H H1     . G   A 1 22 ? 6.862   -5.766  4.707   1.00 0.00 ? 22 G   A H1     1 
ATOM   713  H H21    . G   A 1 22 ? 8.568   -6.777  3.715   1.00 0.00 ? 22 G   A H21    1 
ATOM   714  H H22    . G   A 1 22 ? 9.946   -5.898  3.089   1.00 0.00 ? 22 G   A H22    1 
ATOM   715  P P      . U   A 1 23 ? 9.441   2.707   -0.048  1.00 0.00 ? 23 U   A P      1 
ATOM   716  O OP1    . U   A 1 23 ? 10.477  3.627   -0.567  1.00 0.00 ? 23 U   A OP1    1 
ATOM   717  O OP2    . U   A 1 23 ? 8.358   3.227   0.819   1.00 0.00 ? 23 U   A OP2    1 
ATOM   718  O "O5'"  . U   A 1 23 ? 8.766   1.948   -1.297  1.00 0.00 ? 23 U   A "O5'"  1 
ATOM   719  C "C5'"  . U   A 1 23 ? 9.570   1.474   -2.380  1.00 0.00 ? 23 U   A "C5'"  1 
ATOM   720  C "C4'"  . U   A 1 23 ? 8.772   0.576   -3.318  1.00 0.00 ? 23 U   A "C4'"  1 
ATOM   721  O "O4'"  . U   A 1 23 ? 7.888   -0.268  -2.573  1.00 0.00 ? 23 U   A "O4'"  1 
ATOM   722  C "C3'"  . U   A 1 23 ? 7.946   1.417   -4.295  1.00 0.00 ? 23 U   A "C3'"  1 
ATOM   723  O "O3'"  . U   A 1 23 ? 8.342   1.136   -5.641  1.00 0.00 ? 23 U   A "O3'"  1 
ATOM   724  C "C2'"  . U   A 1 23 ? 6.512   0.961   -4.069  1.00 0.00 ? 23 U   A "C2'"  1 
ATOM   725  O "O2'"  . U   A 1 23 ? 5.822   0.775   -5.311  1.00 0.00 ? 23 U   A "O2'"  1 
ATOM   726  C "C1'"  . U   A 1 23 ? 6.682   -0.354  -3.327  1.00 0.00 ? 23 U   A "C1'"  1 
ATOM   727  N N1     . U   A 1 23 ? 5.530   -0.610  -2.441  1.00 0.00 ? 23 U   A N1     1 
ATOM   728  C C2     . U   A 1 23 ? 4.765   -1.733  -2.697  1.00 0.00 ? 23 U   A C2     1 
ATOM   729  O O2     . U   A 1 23 ? 5.016   -2.497  -3.627  1.00 0.00 ? 23 U   A O2     1 
ATOM   730  N N3     . U   A 1 23 ? 3.698   -1.948  -1.844  1.00 0.00 ? 23 U   A N3     1 
ATOM   731  C C4     . U   A 1 23 ? 3.335   -1.149  -0.773  1.00 0.00 ? 23 U   A C4     1 
ATOM   732  O O4     . U   A 1 23 ? 2.363   -1.436  -0.079  1.00 0.00 ? 23 U   A O4     1 
ATOM   733  C C5     . U   A 1 23 ? 4.188   0.001   -0.582  1.00 0.00 ? 23 U   A C5     1 
ATOM   734  C C6     . U   A 1 23 ? 5.239   0.234   -1.404  1.00 0.00 ? 23 U   A C6     1 
ATOM   735  H "H5'"  . U   A 1 23 ? 10.411  0.909   -1.976  1.00 0.00 ? 23 U   A "H5'"  1 
ATOM   736  H "H5''" . U   A 1 23 ? 9.952   2.328   -2.941  1.00 0.00 ? 23 U   A "H5''" 1 
ATOM   737  H "H4'"  . U   A 1 23 ? 9.462   -0.048  -3.886  1.00 0.00 ? 23 U   A "H4'"  1 
ATOM   738  H "H3'"  . U   A 1 23 ? 8.050   2.481   -4.069  1.00 0.00 ? 23 U   A "H3'"  1 
ATOM   739  H "H2'"  . U   A 1 23 ? 5.985   1.681   -3.438  1.00 0.00 ? 23 U   A "H2'"  1 
ATOM   740  H "HO2'" . U   A 1 23 ? 6.273   1.308   -5.969  1.00 0.00 ? 23 U   A "HO2'" 1 
ATOM   741  H "H1'"  . U   A 1 23 ? 6.766   -1.164  -4.049  1.00 0.00 ? 23 U   A "H1'"  1 
ATOM   742  H H3     . U   A 1 23 ? 3.130   -2.765  -2.019  1.00 0.00 ? 23 U   A H3     1 
ATOM   743  H H5     . U   A 1 23 ? 3.984   0.692   0.237   1.00 0.00 ? 23 U   A H5     1 
ATOM   744  H H6     . U   A 1 23 ? 5.865   1.110   -1.236  1.00 0.00 ? 23 U   A H6     1 
ATOM   745  P P      . C   A 1 24 ? 9.633   1.855   -6.282  1.00 0.00 ? 24 C   A P      1 
ATOM   746  O OP1    . C   A 1 24 ? 10.014  2.987   -5.408  1.00 0.00 ? 24 C   A OP1    1 
ATOM   747  O OP2    . C   A 1 24 ? 9.367   2.089   -7.719  1.00 0.00 ? 24 C   A OP2    1 
ATOM   748  O "O5'"  . C   A 1 24 ? 10.766  0.718   -6.158  1.00 0.00 ? 24 C   A "O5'"  1 
ATOM   749  C "C5'"  . C   A 1 24 ? 12.003  0.988   -5.494  1.00 0.00 ? 24 C   A "C5'"  1 
ATOM   750  C "C4'"  . C   A 1 24 ? 12.944  -0.210  -5.562  1.00 0.00 ? 24 C   A "C4'"  1 
ATOM   751  O "O4'"  . C   A 1 24 ? 14.226  0.120   -5.021  1.00 0.00 ? 24 C   A "O4'"  1 
ATOM   752  C "C3'"  . C   A 1 24 ? 12.369  -1.389  -4.776  1.00 0.00 ? 24 C   A "C3'"  1 
ATOM   753  O "O3'"  . C   A 1 24 ? 12.080  -2.476  -5.661  1.00 0.00 ? 24 C   A "O3'"  1 
ATOM   754  C "C2'"  . C   A 1 24 ? 13.479  -1.779  -3.808  1.00 0.00 ? 24 C   A "C2'"  1 
ATOM   755  O "O2'"  . C   A 1 24 ? 13.681  -3.197  -3.792  1.00 0.00 ? 24 C   A "O2'"  1 
ATOM   756  C "C1'"  . C   A 1 24 ? 14.693  -1.053  -4.360  1.00 0.00 ? 24 C   A "C1'"  1 
ATOM   757  N N1     . C   A 1 24 ? 15.622  -0.698  -3.272  1.00 0.00 ? 24 C   A N1     1 
ATOM   758  C C2     . C   A 1 24 ? 16.884  -1.270  -3.291  1.00 0.00 ? 24 C   A C2     1 
ATOM   759  O O2     . C   A 1 24 ? 17.194  -2.048  -4.191  1.00 0.00 ? 24 C   A O2     1 
ATOM   760  N N3     . C   A 1 24 ? 17.752  -0.947  -2.295  1.00 0.00 ? 24 C   A N3     1 
ATOM   761  C C4     . C   A 1 24 ? 17.397  -0.099  -1.321  1.00 0.00 ? 24 C   A C4     1 
ATOM   762  N N4     . C   A 1 24 ? 18.270  0.193   -0.357  1.00 0.00 ? 24 C   A N4     1 
ATOM   763  C C5     . C   A 1 24 ? 16.093  0.493   -1.299  1.00 0.00 ? 24 C   A C5     1 
ATOM   764  C C6     . C   A 1 24 ? 15.242  0.166   -2.289  1.00 0.00 ? 24 C   A C6     1 
ATOM   765  H "H5'"  . C   A 1 24 ? 11.802  1.225   -4.449  1.00 0.00 ? 24 C   A "H5'"  1 
ATOM   766  H "H5''" . C   A 1 24 ? 12.482  1.845   -5.968  1.00 0.00 ? 24 C   A "H5''" 1 
ATOM   767  H "H4'"  . C   A 1 24 ? 13.064  -0.506  -6.604  1.00 0.00 ? 24 C   A "H4'"  1 
ATOM   768  H "H3'"  . C   A 1 24 ? 11.478  -1.082  -4.225  1.00 0.00 ? 24 C   A "H3'"  1 
ATOM   769  H "H2'"  . C   A 1 24 ? 13.247  -1.409  -2.807  1.00 0.00 ? 24 C   A "H2'"  1 
ATOM   770  H "HO2'" . C   A 1 24 ? 14.583  -3.360  -4.074  1.00 0.00 ? 24 C   A "HO2'" 1 
ATOM   771  H "H1'"  . C   A 1 24 ? 15.206  -1.695  -5.076  1.00 0.00 ? 24 C   A "H1'"  1 
ATOM   772  H H41    . C   A 1 24 ? 19.191  -0.222  -0.367  1.00 0.00 ? 24 C   A H41    1 
ATOM   773  H H42    . C   A 1 24 ? 18.011  0.829   0.383   1.00 0.00 ? 24 C   A H42    1 
ATOM   774  H H5     . C   A 1 24 ? 15.801  1.186   -0.510  1.00 0.00 ? 24 C   A H5     1 
ATOM   775  H H6     . C   A 1 24 ? 14.237  0.590   -2.305  1.00 0.00 ? 24 C   A H6     1 
ATOM   776  P P      . G   A 1 25 ? 11.081  -3.656  -5.210  1.00 0.00 ? 25 G   A P      1 
ATOM   777  O OP1    . G   A 1 25 ? 10.841  -3.530  -3.755  1.00 0.00 ? 25 G   A OP1    1 
ATOM   778  O OP2    . G   A 1 25 ? 11.590  -4.929  -5.767  1.00 0.00 ? 25 G   A OP2    1 
ATOM   779  O "O5'"  . G   A 1 25 ? 9.717   -3.280  -5.980  1.00 0.00 ? 25 G   A "O5'"  1 
ATOM   780  C "C5'"  . G   A 1 25 ? 8.447   -3.533  -5.372  1.00 0.00 ? 25 G   A "C5'"  1 
ATOM   781  C "C4'"  . G   A 1 25 ? 8.143   -5.027  -5.307  1.00 0.00 ? 25 G   A "C4'"  1 
ATOM   782  O "O4'"  . G   A 1 25 ? 8.544   -5.569  -4.039  1.00 0.00 ? 25 G   A "O4'"  1 
ATOM   783  C "C3'"  . G   A 1 25 ? 6.654   -5.280  -5.497  1.00 0.00 ? 25 G   A "C3'"  1 
ATOM   784  O "O3'"  . G   A 1 25 ? 6.381   -5.630  -6.858  1.00 0.00 ? 25 G   A "O3'"  1 
ATOM   785  C "C2'"  . G   A 1 25 ? 6.381   -6.461  -4.590  1.00 0.00 ? 25 G   A "C2'"  1 
ATOM   786  O "O2'"  . G   A 1 25 ? 6.527   -7.703  -5.289  1.00 0.00 ? 25 G   A "O2'"  1 
ATOM   787  C "C1'"  . G   A 1 25 ? 7.435   -6.309  -3.503  1.00 0.00 ? 25 G   A "C1'"  1 
ATOM   788  N N9     . G   A 1 25 ? 6.871   -5.620  -2.327  1.00 0.00 ? 25 G   A N9     1 
ATOM   789  C C8     . G   A 1 25 ? 7.115   -4.372  -1.857  1.00 0.00 ? 25 G   A C8     1 
ATOM   790  N N7     . G   A 1 25 ? 6.479   -3.995  -0.800  1.00 0.00 ? 25 G   A N7     1 
ATOM   791  C C5     . G   A 1 25 ? 5.708   -5.124  -0.513  1.00 0.00 ? 25 G   A C5     1 
ATOM   792  C C6     . G   A 1 25 ? 4.782   -5.348  0.541   1.00 0.00 ? 25 G   A C6     1 
ATOM   793  O O6     . G   A 1 25 ? 4.454   -4.581  1.443   1.00 0.00 ? 25 G   A O6     1 
ATOM   794  N N1     . G   A 1 25 ? 4.224   -6.618  0.467   1.00 0.00 ? 25 G   A N1     1 
ATOM   795  C C2     . G   A 1 25 ? 4.517   -7.561  -0.499  1.00 0.00 ? 25 G   A C2     1 
ATOM   796  N N2     . G   A 1 25 ? 3.883   -8.729  -0.394  1.00 0.00 ? 25 G   A N2     1 
ATOM   797  N N3     . G   A 1 25 ? 5.386   -7.357  -1.495  1.00 0.00 ? 25 G   A N3     1 
ATOM   798  C C4     . G   A 1 25 ? 5.943   -6.125  -1.443  1.00 0.00 ? 25 G   A C4     1 
ATOM   799  H "H5'"  . G   A 1 25 ? 7.670   -3.036  -5.952  1.00 0.00 ? 25 G   A "H5'"  1 
ATOM   800  H "H5''" . G   A 1 25 ? 8.451   -3.126  -4.361  1.00 0.00 ? 25 G   A "H5''" 1 
ATOM   801  H "H4'"  . G   A 1 25 ? 8.693   -5.536  -6.099  1.00 0.00 ? 25 G   A "H4'"  1 
ATOM   802  H "H3'"  . G   A 1 25 ? 6.072   -4.411  -5.186  1.00 0.00 ? 25 G   A "H3'"  1 
ATOM   803  H "H2'"  . G   A 1 25 ? 5.381   -6.377  -4.156  1.00 0.00 ? 25 G   A "H2'"  1 
ATOM   804  H "HO2'" . G   A 1 25 ? 6.565   -8.399  -4.630  1.00 0.00 ? 25 G   A "HO2'" 1 
ATOM   805  H "H1'"  . G   A 1 25 ? 7.777   -7.296  -3.200  1.00 0.00 ? 25 G   A "H1'"  1 
ATOM   806  H H8     . G   A 1 25 ? 7.826   -3.711  -2.352  1.00 0.00 ? 25 G   A H8     1 
ATOM   807  H H1     . G   A 1 25 ? 3.553   -6.849  1.185   1.00 0.00 ? 25 G   A H1     1 
ATOM   808  H H21    . G   A 1 25 ? 3.230   -8.884  0.360   1.00 0.00 ? 25 G   A H21    1 
ATOM   809  H H22    . G   A 1 25 ? 4.058   -9.461  -1.068  1.00 0.00 ? 25 G   A H22    1 
ATOM   810  P P      . A   A 1 26 ? 5.194   -4.900  -7.665  1.00 0.00 ? 26 A   A P      1 
ATOM   811  O OP1    . A   A 1 26 ? 5.164   -5.447  -9.040  1.00 0.00 ? 26 A   A OP1    1 
ATOM   812  O OP2    . A   A 1 26 ? 5.321   -3.440  -7.454  1.00 0.00 ? 26 A   A OP2    1 
ATOM   813  O "O5'"  . A   A 1 26 ? 3.877   -5.408  -6.891  1.00 0.00 ? 26 A   A "O5'"  1 
ATOM   814  C "C5'"  . A   A 1 26 ? 2.860   -6.136  -7.588  1.00 0.00 ? 26 A   A "C5'"  1 
ATOM   815  C "C4'"  . A   A 1 26 ? 2.188   -7.164  -6.680  1.00 0.00 ? 26 A   A "C4'"  1 
ATOM   816  O "O4'"  . A   A 1 26 ? 2.899   -7.288  -5.444  1.00 0.00 ? 26 A   A "O4'"  1 
ATOM   817  C "C3'"  . A   A 1 26 ? 0.758   -6.759  -6.363  1.00 0.00 ? 26 A   A "C3'"  1 
ATOM   818  O "O3'"  . A   A 1 26 ? -0.145  -7.333  -7.313  1.00 0.00 ? 26 A   A "O3'"  1 
ATOM   819  C "C2'"  . A   A 1 26 ? 0.525   -7.359  -4.991  1.00 0.00 ? 26 A   A "C2'"  1 
ATOM   820  O "O2'"  . A   A 1 26 ? -0.077  -8.654  -5.084  1.00 0.00 ? 26 A   A "O2'"  1 
ATOM   821  C "C1'"  . A   A 1 26 ? 1.927   -7.441  -4.394  1.00 0.00 ? 26 A   A "C1'"  1 
ATOM   822  N N9     . A   A 1 26 ? 2.103   -6.401  -3.365  1.00 0.00 ? 26 A   A N9     1 
ATOM   823  C C8     . A   A 1 26 ? 2.915   -5.316  -3.357  1.00 0.00 ? 26 A   A C8     1 
ATOM   824  N N7     . A   A 1 26 ? 2.859   -4.536  -2.329  1.00 0.00 ? 26 A   A N7     1 
ATOM   825  C C5     . A   A 1 26 ? 1.892   -5.174  -1.546  1.00 0.00 ? 26 A   A C5     1 
ATOM   826  C C6     . A   A 1 26 ? 1.334   -4.877  -0.296  1.00 0.00 ? 26 A   A C6     1 
ATOM   827  N N6     . A   A 1 26 ? 1.677   -3.806  0.419   1.00 0.00 ? 26 A   A N6     1 
ATOM   828  N N1     . A   A 1 26 ? 0.404   -5.721  0.183   1.00 0.00 ? 26 A   A N1     1 
ATOM   829  C C2     . A   A 1 26 ? 0.038   -6.793  -0.520  1.00 0.00 ? 26 A   A C2     1 
ATOM   830  N N3     . A   A 1 26 ? 0.498   -7.169  -1.710  1.00 0.00 ? 26 A   A N3     1 
ATOM   831  C C4     . A   A 1 26 ? 1.428   -6.309  -2.169  1.00 0.00 ? 26 A   A C4     1 
ATOM   832  H "H5'"  . A   A 1 26 ? 3.312   -6.652  -8.435  1.00 0.00 ? 26 A   A "H5'"  1 
ATOM   833  H "H5''" . A   A 1 26 ? 2.110   -5.436  -7.956  1.00 0.00 ? 26 A   A "H5''" 1 
ATOM   834  H "H4'"  . A   A 1 26 ? 2.180   -8.131  -7.184  1.00 0.00 ? 26 A   A "H4'"  1 
ATOM   835  H "H3'"  . A   A 1 26 ? 0.661   -5.672  -6.329  1.00 0.00 ? 26 A   A "H3'"  1 
ATOM   836  H "H2'"  . A   A 1 26 ? -0.096  -6.687  -4.391  1.00 0.00 ? 26 A   A "H2'"  1 
ATOM   837  H "HO2'" . A   A 1 26 ? 0.614   -9.302  -4.928  1.00 0.00 ? 26 A   A "HO2'" 1 
ATOM   838  H "H1'"  . A   A 1 26 ? 2.056   -8.417  -3.929  1.00 0.00 ? 26 A   A "H1'"  1 
ATOM   839  H H8     . A   A 1 26 ? 3.593   -5.110  -4.186  1.00 0.00 ? 26 A   A H8     1 
ATOM   840  H H61    . A   A 1 26 ? 1.243   -3.637  1.315   1.00 0.00 ? 26 A   A H61    1 
ATOM   841  H H62    . A   A 1 26 ? 2.370   -3.162  0.064   1.00 0.00 ? 26 A   A H62    1 
ATOM   842  H H2     . A   A 1 26 ? -0.720  -7.434  -0.070  1.00 0.00 ? 26 A   A H2     1 
ATOM   843  P P      . U   A 1 27 ? -1.692  -6.883  -7.345  1.00 0.00 ? 27 U   A P      1 
ATOM   844  O OP1    . U   A 1 27 ? -2.430  -7.818  -8.221  1.00 0.00 ? 27 U   A OP1    1 
ATOM   845  O OP2    . U   A 1 27 ? -1.745  -5.427  -7.608  1.00 0.00 ? 27 U   A OP2    1 
ATOM   846  O "O5'"  . U   A 1 27 ? -2.162  -7.137  -5.826  1.00 0.00 ? 27 U   A "O5'"  1 
ATOM   847  C "C5'"  . U   A 1 27 ? -2.513  -8.451  -5.385  1.00 0.00 ? 27 U   A "C5'"  1 
ATOM   848  C "C4'"  . U   A 1 27 ? -3.377  -8.411  -4.129  1.00 0.00 ? 27 U   A "C4'"  1 
ATOM   849  O "O4'"  . U   A 1 27 ? -2.689  -7.751  -3.063  1.00 0.00 ? 27 U   A "O4'"  1 
ATOM   850  C "C3'"  . U   A 1 27 ? -4.671  -7.662  -4.394  1.00 0.00 ? 27 U   A "C3'"  1 
ATOM   851  O "O3'"  . U   A 1 27 ? -5.704  -8.576  -4.777  1.00 0.00 ? 27 U   A "O3'"  1 
ATOM   852  C "C2'"  . U   A 1 27 ? -4.999  -7.035  -3.051  1.00 0.00 ? 27 U   A "C2'"  1 
ATOM   853  O "O2'"  . U   A 1 27 ? -5.947  -7.826  -2.326  1.00 0.00 ? 27 U   A "O2'"  1 
ATOM   854  C "C1'"  . U   A 1 27 ? -3.656  -6.983  -2.329  1.00 0.00 ? 27 U   A "C1'"  1 
ATOM   855  N N1     . U   A 1 27 ? -3.205  -5.587  -2.177  1.00 0.00 ? 27 U   A N1     1 
ATOM   856  C C2     . U   A 1 27 ? -3.686  -4.878  -1.095  1.00 0.00 ? 27 U   A C2     1 
ATOM   857  O O2     . U   A 1 27 ? -4.458  -5.375  -0.279  1.00 0.00 ? 27 U   A O2     1 
ATOM   858  N N3     . U   A 1 27 ? -3.248  -3.571  -0.981  1.00 0.00 ? 27 U   A N3     1 
ATOM   859  C C4     . U   A 1 27 ? -2.382  -2.923  -1.843  1.00 0.00 ? 27 U   A C4     1 
ATOM   860  O O4     . U   A 1 27 ? -2.059  -1.754  -1.645  1.00 0.00 ? 27 U   A O4     1 
ATOM   861  C C5     . U   A 1 27 ? -1.928  -3.740  -2.946  1.00 0.00 ? 27 U   A C5     1 
ATOM   862  C C6     . U   A 1 27 ? -2.343  -5.022  -3.079  1.00 0.00 ? 27 U   A C6     1 
ATOM   863  H "H5'"  . U   A 1 27 ? -1.601  -9.010  -5.170  1.00 0.00 ? 27 U   A "H5'"  1 
ATOM   864  H "H5''" . U   A 1 27 ? -3.062  -8.958  -6.178  1.00 0.00 ? 27 U   A "H5''" 1 
ATOM   865  H "H4'"  . U   A 1 27 ? -3.611  -9.431  -3.823  1.00 0.00 ? 27 U   A "H4'"  1 
ATOM   866  H "H3'"  . U   A 1 27 ? -4.522  -6.893  -5.152  1.00 0.00 ? 27 U   A "H3'"  1 
ATOM   867  H "H2'"  . U   A 1 27 ? -5.380  -6.021  -3.199  1.00 0.00 ? 27 U   A "H2'"  1 
ATOM   868  H "HO2'" . U   A 1 27 ? -6.793  -7.735  -2.769  1.00 0.00 ? 27 U   A "HO2'" 1 
ATOM   869  H "H1'"  . U   A 1 27 ? -3.774  -7.419  -1.338  1.00 0.00 ? 27 U   A "H1'"  1 
ATOM   870  H H3     . U   A 1 27 ? -3.592  -3.040  -0.193  1.00 0.00 ? 27 U   A H3     1 
ATOM   871  H H5     . U   A 1 27 ? -1.243  -3.317  -3.682  1.00 0.00 ? 27 U   A H5     1 
ATOM   872  H H6     . U   A 1 27 ? -1.981  -5.617  -3.918  1.00 0.00 ? 27 U   A H6     1 
ATOM   873  P P      . C   A 1 28 ? -6.485  -8.387  -6.173  1.00 0.00 ? 28 C   A P      1 
ATOM   874  O OP1    . C   A 1 28 ? -6.384  -9.651  -6.935  1.00 0.00 ? 28 C   A OP1    1 
ATOM   875  O OP2    . C   A 1 28 ? -6.034  -7.118  -6.787  1.00 0.00 ? 28 C   A OP2    1 
ATOM   876  O "O5'"  . C   A 1 28 ? -8.014  -8.204  -5.702  1.00 0.00 ? 28 C   A "O5'"  1 
ATOM   877  C "C5'"  . C   A 1 28 ? -8.507  -6.920  -5.305  1.00 0.00 ? 28 C   A "C5'"  1 
ATOM   878  C "C4'"  . C   A 1 28 ? -8.525  -6.773  -3.786  1.00 0.00 ? 28 C   A "C4'"  1 
ATOM   879  O "O4'"  . C   A 1 28 ? -7.336  -6.137  -3.321  1.00 0.00 ? 28 C   A "O4'"  1 
ATOM   880  C "C3'"  . C   A 1 28 ? -9.703  -5.930  -3.340  1.00 0.00 ? 28 C   A "C3'"  1 
ATOM   881  O "O3'"  . C   A 1 28 ? -10.840 -6.764  -3.095  1.00 0.00 ? 28 C   A "O3'"  1 
ATOM   882  C "C2'"  . C   A 1 28 ? -9.214  -5.310  -2.041  1.00 0.00 ? 28 C   A "C2'"  1 
ATOM   883  O "O2'"  . C   A 1 28 ? -9.674  -6.054  -0.907  1.00 0.00 ? 28 C   A "O2'"  1 
ATOM   884  C "C1'"  . C   A 1 28 ? -7.689  -5.371  -2.158  1.00 0.00 ? 28 C   A "C1'"  1 
ATOM   885  N N1     . C   A 1 28 ? -7.102  -4.017  -2.236  1.00 0.00 ? 28 C   A N1     1 
ATOM   886  C C2     . C   A 1 28 ? -7.250  -3.189  -1.134  1.00 0.00 ? 28 C   A C2     1 
ATOM   887  O O2     . C   A 1 28 ? -7.883  -3.573  -0.154  1.00 0.00 ? 28 C   A O2     1 
ATOM   888  N N3     . C   A 1 28 ? -6.678  -1.952  -1.174  1.00 0.00 ? 28 C   A N3     1 
ATOM   889  C C4     . C   A 1 28 ? -5.991  -1.544  -2.250  1.00 0.00 ? 28 C   A C4     1 
ATOM   890  N N4     . C   A 1 28 ? -5.436  -0.328  -2.252  1.00 0.00 ? 28 C   A N4     1 
ATOM   891  C C5     . C   A 1 28 ? -5.841  -2.395  -3.391  1.00 0.00 ? 28 C   A C5     1 
ATOM   892  C C6     . C   A 1 28 ? -6.409  -3.617  -3.341  1.00 0.00 ? 28 C   A C6     1 
ATOM   893  H "H5'"  . C   A 1 28 ? -9.521  -6.796  -5.686  1.00 0.00 ? 28 C   A "H5'"  1 
ATOM   894  H "H5''" . C   A 1 28 ? -7.869  -6.146  -5.731  1.00 0.00 ? 28 C   A "H5''" 1 
ATOM   895  H "H4'"  . C   A 1 28 ? -8.600  -7.762  -3.333  1.00 0.00 ? 28 C   A "H4'"  1 
ATOM   896  H "H3'"  . C   A 1 28 ? -9.927  -5.157  -4.076  1.00 0.00 ? 28 C   A "H3'"  1 
ATOM   897  H "H2'"  . C   A 1 28 ? -9.544  -4.274  -1.977  1.00 0.00 ? 28 C   A "H2'"  1 
ATOM   898  H "HO2'" . C   A 1 28 ? -8.980  -6.676  -0.673  1.00 0.00 ? 28 C   A "HO2'" 1 
ATOM   899  H "H1'"  . C   A 1 28 ? -7.293  -5.867  -1.277  1.00 0.00 ? 28 C   A "H1'"  1 
ATOM   900  H H41    . C   A 1 28 ? -5.537  0.274   -1.447  1.00 0.00 ? 28 C   A H41    1 
ATOM   901  H H42    . C   A 1 28 ? -4.911  -0.011  -3.056  1.00 0.00 ? 28 C   A H42    1 
ATOM   902  H H5     . C   A 1 28 ? -5.285  -2.067  -4.270  1.00 0.00 ? 28 C   A H5     1 
ATOM   903  H H6     . C   A 1 28 ? -6.312  -4.294  -4.189  1.00 0.00 ? 28 C   A H6     1 
ATOM   904  P P      . G   A 1 29 ? -12.220 -6.130  -2.560  1.00 0.00 ? 29 G   A P      1 
ATOM   905  O OP1    . G   A 1 29 ? -12.862 -7.112  -1.659  1.00 0.00 ? 29 G   A OP1    1 
ATOM   906  O OP2    . G   A 1 29 ? -12.965 -5.594  -3.721  1.00 0.00 ? 29 G   A OP2    1 
ATOM   907  O "O5'"  . G   A 1 29 ? -11.711 -4.889  -1.671  1.00 0.00 ? 29 G   A "O5'"  1 
ATOM   908  C "C5'"  . G   A 1 29 ? -12.208 -3.570  -1.908  1.00 0.00 ? 29 G   A "C5'"  1 
ATOM   909  C "C4'"  . G   A 1 29 ? -11.921 -2.646  -0.729  1.00 0.00 ? 29 G   A "C4'"  1 
ATOM   910  O "O4'"  . G   A 1 29 ? -10.507 -2.519  -0.519  1.00 0.00 ? 29 G   A "O4'"  1 
ATOM   911  C "C3'"  . G   A 1 29 ? -12.499 -1.263  -0.978  1.00 0.00 ? 29 G   A "C3'"  1 
ATOM   912  O "O3'"  . G   A 1 29 ? -13.792 -1.153  -0.374  1.00 0.00 ? 29 G   A "O3'"  1 
ATOM   913  C "C2'"  . G   A 1 29 ? -11.518 -0.341  -0.283  1.00 0.00 ? 29 G   A "C2'"  1 
ATOM   914  O "O2'"  . G   A 1 29 ? -11.919 -0.073  1.066   1.00 0.00 ? 29 G   A "O2'"  1 
ATOM   915  C "C1'"  . G   A 1 29 ? -10.212 -1.125  -0.330  1.00 0.00 ? 29 G   A "C1'"  1 
ATOM   916  N N9     . G   A 1 29 ? -9.352  -0.624  -1.419  1.00 0.00 ? 29 G   A N9     1 
ATOM   917  C C8     . G   A 1 29 ? -8.906  -1.258  -2.532  1.00 0.00 ? 29 G   A C8     1 
ATOM   918  N N7     . G   A 1 29 ? -8.168  -0.586  -3.348  1.00 0.00 ? 29 G   A N7     1 
ATOM   919  C C5     . G   A 1 29 ? -8.101  0.657   -2.714  1.00 0.00 ? 29 G   A C5     1 
ATOM   920  C C6     . G   A 1 29 ? -7.430  1.843   -3.111  1.00 0.00 ? 29 G   A C6     1 
ATOM   921  O O6     . G   A 1 29 ? -6.750  2.035   -4.118  1.00 0.00 ? 29 G   A O6     1 
ATOM   922  N N1     . G   A 1 29 ? -7.617  2.864   -2.191  1.00 0.00 ? 29 G   A N1     1 
ATOM   923  C C2     . G   A 1 29 ? -8.357  2.764   -1.029  1.00 0.00 ? 29 G   A C2     1 
ATOM   924  N N2     . G   A 1 29 ? -8.408  3.858   -0.269  1.00 0.00 ? 29 G   A N2     1 
ATOM   925  N N3     . G   A 1 29 ? -8.992  1.653   -0.648  1.00 0.00 ? 29 G   A N3     1 
ATOM   926  C C4     . G   A 1 29 ? -8.824  0.642   -1.531  1.00 0.00 ? 29 G   A C4     1 
ATOM   927  H "H5'"  . G   A 1 29 ? -13.284 -3.618  -2.068  1.00 0.00 ? 29 G   A "H5'"  1 
ATOM   928  H "H5''" . G   A 1 29 ? -11.732 -3.165  -2.802  1.00 0.00 ? 29 G   A "H5''" 1 
ATOM   929  H "H4'"  . G   A 1 29 ? -12.376 -3.064  0.168   1.00 0.00 ? 29 G   A "H4'"  1 
ATOM   930  H "H3'"  . G   A 1 29 ? -12.542 -1.048  -2.047  1.00 0.00 ? 29 G   A "H3'"  1 
ATOM   931  H "H2'"  . G   A 1 29 ? -11.416 0.588   -0.849  1.00 0.00 ? 29 G   A "H2'"  1 
ATOM   932  H "HO2'" . G   A 1 29 ? -11.775 -0.876  1.571   1.00 0.00 ? 29 G   A "HO2'" 1 
ATOM   933  H "H1'"  . G   A 1 29 ? -9.687  -0.997  0.616   1.00 0.00 ? 29 G   A "H1'"  1 
ATOM   934  H H8     . G   A 1 29 ? -9.159  -2.298  -2.727  1.00 0.00 ? 29 G   A H8     1 
ATOM   935  H H1     . G   A 1 29 ? -7.174  3.741   -2.408  1.00 0.00 ? 29 G   A H1     1 
ATOM   936  H H21    . G   A 1 29 ? -7.925  4.698   -0.558  1.00 0.00 ? 29 G   A H21    1 
ATOM   937  H H22    . G   A 1 29 ? -8.928  3.848   0.597   1.00 0.00 ? 29 G   A H22    1 
ATOM   938  P P      . C   A 1 30 ? -15.050 -0.624  -1.229  1.00 0.00 ? 30 C   A P      1 
ATOM   939  O OP1    . C   A 1 30 ? -16.278 -0.842  -0.431  1.00 0.00 ? 30 C   A OP1    1 
ATOM   940  O OP2    . C   A 1 30 ? -14.949 -1.186  -2.595  1.00 0.00 ? 30 C   A OP2    1 
ATOM   941  O "O5'"  . C   A 1 30 ? -14.779 0.960   -1.315  1.00 0.00 ? 30 C   A "O5'"  1 
ATOM   942  C "C5'"  . C   A 1 30 ? -14.326 1.681   -0.167  1.00 0.00 ? 30 C   A "C5'"  1 
ATOM   943  C "C4'"  . C   A 1 30 ? -13.810 3.067   -0.540  1.00 0.00 ? 30 C   A "C4'"  1 
ATOM   944  O "O4'"  . C   A 1 30 ? -12.406 3.035   -0.797  1.00 0.00 ? 30 C   A "O4'"  1 
ATOM   945  C "C3'"  . C   A 1 30 ? -14.500 3.579   -1.790  1.00 0.00 ? 30 C   A "C3'"  1 
ATOM   946  O "O3'"  . C   A 1 30 ? -15.668 4.329   -1.440  1.00 0.00 ? 30 C   A "O3'"  1 
ATOM   947  C "C2'"  . C   A 1 30 ? -13.459 4.493   -2.414  1.00 0.00 ? 30 C   A "C2'"  1 
ATOM   948  O "O2'"  . C   A 1 30 ? -13.705 5.863   -2.080  1.00 0.00 ? 30 C   A "O2'"  1 
ATOM   949  C "C1'"  . C   A 1 30 ? -12.140 4.007   -1.822  1.00 0.00 ? 30 C   A "C1'"  1 
ATOM   950  N N1     . C   A 1 30 ? -11.281 3.435   -2.877  1.00 0.00 ? 30 C   A N1     1 
ATOM   951  C C2     . C   A 1 30 ? -10.346 4.277   -3.458  1.00 0.00 ? 30 C   A C2     1 
ATOM   952  O O2     . C   A 1 30 ? -10.258 5.445   -3.087  1.00 0.00 ? 30 C   A O2     1 
ATOM   953  N N3     . C   A 1 30 ? -9.543  3.775   -4.434  1.00 0.00 ? 30 C   A N3     1 
ATOM   954  C C4     . C   A 1 30 ? -9.652  2.499   -4.827  1.00 0.00 ? 30 C   A C4     1 
ATOM   955  N N4     . C   A 1 30 ? -8.848  2.042   -5.787  1.00 0.00 ? 30 C   A N4     1 
ATOM   956  C C5     . C   A 1 30 ? -10.615 1.625   -4.229  1.00 0.00 ? 30 C   A C5     1 
ATOM   957  C C6     . C   A 1 30 ? -11.405 2.131   -3.263  1.00 0.00 ? 30 C   A C6     1 
ATOM   958  H "H5'"  . C   A 1 30 ? -13.522 1.119   0.311   1.00 0.00 ? 30 C   A "H5'"  1 
ATOM   959  H "H5''" . C   A 1 30 ? -15.152 1.786   0.535   1.00 0.00 ? 30 C   A "H5''" 1 
ATOM   960  H "H4'"  . C   A 1 30 ? -14.006 3.753   0.283   1.00 0.00 ? 30 C   A "H4'"  1 
ATOM   961  H "H3'"  . C   A 1 30 ? -14.744 2.755   -2.463  1.00 0.00 ? 30 C   A "H3'"  1 
ATOM   962  H "H2'"  . C   A 1 30 ? -13.444 4.359   -3.492  1.00 0.00 ? 30 C   A "H2'"  1 
ATOM   963  H "HO2'" . C   A 1 30 ? -13.974 6.310   -2.885  1.00 0.00 ? 30 C   A "HO2'" 1 
ATOM   964  H "H1'"  . C   A 1 30 ? -11.629 4.856   -1.382  1.00 0.00 ? 30 C   A "H1'"  1 
ATOM   965  H H41    . C   A 1 30 ? -8.167  2.657   -6.211  1.00 0.00 ? 30 C   A H41    1 
ATOM   966  H H42    . C   A 1 30 ? -8.920  1.081   -6.091  1.00 0.00 ? 30 C   A H42    1 
ATOM   967  H H5     . C   A 1 30 ? -10.706 0.585   -4.546  1.00 0.00 ? 30 C   A H5     1 
ATOM   968  H H6     . C   A 1 30 ? -12.150 1.493   -2.786  1.00 0.00 ? 30 C   A H6     1 
ATOM   969  P P      . U   A 1 31 ? -16.921 4.406   -2.449  1.00 0.00 ? 31 U   A P      1 
ATOM   970  O OP1    . U   A 1 31 ? -18.156 4.525   -1.642  1.00 0.00 ? 31 U   A OP1    1 
ATOM   971  O OP2    . U   A 1 31 ? -16.787 3.311   -3.436  1.00 0.00 ? 31 U   A OP2    1 
ATOM   972  O "O5'"  . U   A 1 31 ? -16.677 5.804   -3.208  1.00 0.00 ? 31 U   A "O5'"  1 
ATOM   973  C "C5'"  . U   A 1 31 ? -16.234 5.822   -4.567  1.00 0.00 ? 31 U   A "C5'"  1 
ATOM   974  C "C4'"  . U   A 1 31 ? -15.071 6.790   -4.766  1.00 0.00 ? 31 U   A "C4'"  1 
ATOM   975  O "O4'"  . U   A 1 31 ? -13.823 6.094   -4.728  1.00 0.00 ? 31 U   A "O4'"  1 
ATOM   976  C "C3'"  . U   A 1 31 ? -15.176 7.482   -6.111  1.00 0.00 ? 31 U   A "C3'"  1 
ATOM   977  O "O3'"  . U   A 1 31 ? -15.887 8.719   -5.984  1.00 0.00 ? 31 U   A "O3'"  1 
ATOM   978  C "C2'"  . U   A 1 31 ? -13.731 7.752   -6.483  1.00 0.00 ? 31 U   A "C2'"  1 
ATOM   979  O "O2'"  . U   A 1 31 ? -13.358 9.103   -6.198  1.00 0.00 ? 31 U   A "O2'"  1 
ATOM   980  C "C1'"  . U   A 1 31 ? -12.936 6.767   -5.636  1.00 0.00 ? 31 U   A "C1'"  1 
ATOM   981  N N1     . U   A 1 31 ? -12.236 5.806   -6.505  1.00 0.00 ? 31 U   A N1     1 
ATOM   982  C C2     . U   A 1 31 ? -11.365 6.327   -7.441  1.00 0.00 ? 31 U   A C2     1 
ATOM   983  O O2     . U   A 1 31 ? -11.168 7.535   -7.546  1.00 0.00 ? 31 U   A O2     1 
ATOM   984  N N3     . U   A 1 31 ? -10.726 5.411   -8.253  1.00 0.00 ? 31 U   A N3     1 
ATOM   985  C C4     . U   A 1 31 ? -10.879 4.036   -8.211  1.00 0.00 ? 31 U   A C4     1 
ATOM   986  O O4     . U   A 1 31 ? -10.256 3.312   -8.984  1.00 0.00 ? 31 U   A O4     1 
ATOM   987  C C5     . U   A 1 31 ? -11.808 3.578   -7.202  1.00 0.00 ? 31 U   A C5     1 
ATOM   988  C C6     . U   A 1 31 ? -12.448 4.459   -6.395  1.00 0.00 ? 31 U   A C6     1 
ATOM   989  H "H5'"  . U   A 1 31 ? -17.062 6.127   -5.207  1.00 0.00 ? 31 U   A "H5'"  1 
ATOM   990  H "H5''" . U   A 1 31 ? -15.914 4.821   -4.851  1.00 0.00 ? 31 U   A "H5''" 1 
ATOM   991  H "H4'"  . U   A 1 31 ? -15.088 7.538   -3.974  1.00 0.00 ? 31 U   A "H4'"  1 
ATOM   992  H "H3'"  . U   A 1 31 ? -15.648 6.828   -6.848  1.00 0.00 ? 31 U   A "H3'"  1 
ATOM   993  H "H2'"  . U   A 1 31 ? -13.579 7.526   -7.535  1.00 0.00 ? 31 U   A "H2'"  1 
ATOM   994  H "HO2'" . U   A 1 31 ? -13.877 9.392   -5.445  1.00 0.00 ? 31 U   A "HO2'" 1 
ATOM   995  H "H1'"  . U   A 1 31 ? -12.195 7.320   -5.064  1.00 0.00 ? 31 U   A "H1'"  1 
ATOM   996  H H3     . U   A 1 31 ? -10.091 5.781   -8.946  1.00 0.00 ? 31 U   A H3     1 
ATOM   997  H H5     . U   A 1 31 ? -11.998 2.511   -7.091  1.00 0.00 ? 31 U   A H5     1 
ATOM   998  H H6     . U   A 1 31 ? -13.146 4.087   -5.648  1.00 0.00 ? 31 U   A H6     1 
ATOM   999  P P      . C   A 1 32 ? -16.133 9.657   -7.271  1.00 0.00 ? 32 C   A P      1 
ATOM   1000 O OP1    . C   A 1 32 ? -16.967 10.805  -6.853  1.00 0.00 ? 32 C   A OP1    1 
ATOM   1001 O OP2    . C   A 1 32 ? -16.573 8.795   -8.391  1.00 0.00 ? 32 C   A OP2    1 
ATOM   1002 O "O5'"  . C   A 1 32 ? -14.654 10.203  -7.607  1.00 0.00 ? 32 C   A "O5'"  1 
ATOM   1003 C "C5'"  . C   A 1 32 ? -14.193 11.436  -7.049  1.00 0.00 ? 32 C   A "C5'"  1 
ATOM   1004 C "C4'"  . C   A 1 32 ? -13.035 12.025  -7.853  1.00 0.00 ? 32 C   A "C4'"  1 
ATOM   1005 O "O4'"  . C   A 1 32 ? -11.910 11.138  -7.849  1.00 0.00 ? 32 C   A "O4'"  1 
ATOM   1006 C "C3'"  . C   A 1 32 ? -13.452 12.268  -9.294  1.00 0.00 ? 32 C   A "C3'"  1 
ATOM   1007 O "O3'"  . C   A 1 32 ? -13.903 13.617  -9.460  1.00 0.00 ? 32 C   A "O3'"  1 
ATOM   1008 C "C2'"  . C   A 1 32 ? -12.169 12.048  -10.071 1.00 0.00 ? 32 C   A "C2'"  1 
ATOM   1009 O "O2'"  . C   A 1 32 ? -11.457 13.276  -10.263 1.00 0.00 ? 32 C   A "O2'"  1 
ATOM   1010 C "C1'"  . C   A 1 32 ? -11.385 11.082  -9.189  1.00 0.00 ? 32 C   A "C1'"  1 
ATOM   1011 N N1     . C   A 1 32 ? -11.480 9.712   -9.722  1.00 0.00 ? 32 C   A N1     1 
ATOM   1012 C C2     . C   A 1 32 ? -10.479 9.284   -10.580 1.00 0.00 ? 32 C   A C2     1 
ATOM   1013 O O2     . C   A 1 32 ? -9.551  10.037  -10.868 1.00 0.00 ? 32 C   A O2     1 
ATOM   1014 N N3     . C   A 1 32 ? -10.561 8.022   -11.087 1.00 0.00 ? 32 C   A N3     1 
ATOM   1015 C C4     . C   A 1 32 ? -11.584 7.219   -10.766 1.00 0.00 ? 32 C   A C4     1 
ATOM   1016 N N4     . C   A 1 32 ? -11.635 5.987   -11.274 1.00 0.00 ? 32 C   A N4     1 
ATOM   1017 C C5     . C   A 1 32 ? -12.617 7.659   -9.884  1.00 0.00 ? 32 C   A C5     1 
ATOM   1018 C C6     . C   A 1 32 ? -12.525 8.907   -9.386  1.00 0.00 ? 32 C   A C6     1 
ATOM   1019 H "H5'"  . C   A 1 32 ? -13.862 11.262  -6.026  1.00 0.00 ? 32 C   A "H5'"  1 
ATOM   1020 H "H5''" . C   A 1 32 ? -15.017 12.150  -7.038  1.00 0.00 ? 32 C   A "H5''" 1 
ATOM   1021 H "H4'"  . C   A 1 32 ? -12.741 12.974  -7.404  1.00 0.00 ? 32 C   A "H4'"  1 
ATOM   1022 H "H3'"  . C   A 1 32 ? -14.217 11.553  -9.601  1.00 0.00 ? 32 C   A "H3'"  1 
ATOM   1023 H "H2'"  . C   A 1 32 ? -12.392 11.576  -11.032 1.00 0.00 ? 32 C   A "H2'"  1 
ATOM   1024 H "HO2'" . C   A 1 32 ? -10.920 13.173  -11.051 1.00 0.00 ? 32 C   A "HO2'" 1 
ATOM   1025 H "H1'"  . C   A 1 32 ? -10.339 11.381  -9.175  1.00 0.00 ? 32 C   A "H1'"  1 
ATOM   1026 H H41    . C   A 1 32 ? -10.908 5.667   -11.894 1.00 0.00 ? 32 C   A H41    1 
ATOM   1027 H H42    . C   A 1 32 ? -12.401 5.374   -11.034 1.00 0.00 ? 32 C   A H42    1 
ATOM   1028 H H5     . C   A 1 32 ? -13.456 7.011   -9.634  1.00 0.00 ? 32 C   A H5     1 
ATOM   1029 H H6     . C   A 1 32 ? -13.287 9.276   -8.703  1.00 0.00 ? 32 C   A H6     1 
ATOM   1030 P P      . C   A 1 33 ? -14.789 14.027  -10.740 1.00 0.00 ? 33 C   A P      1 
ATOM   1031 O OP1    . C   A 1 33 ? -15.118 15.467  -10.634 1.00 0.00 ? 33 C   A OP1    1 
ATOM   1032 O OP2    . C   A 1 33 ? -15.874 13.031  -10.890 1.00 0.00 ? 33 C   A OP2    1 
ATOM   1033 O "O5'"  . C   A 1 33 ? -13.756 13.836  -11.960 1.00 0.00 ? 33 C   A "O5'"  1 
ATOM   1034 C "C5'"  . C   A 1 33 ? -14.196 13.296  -13.210 1.00 0.00 ? 33 C   A "C5'"  1 
ATOM   1035 C "C4'"  . C   A 1 33 ? -13.047 13.191  -14.208 1.00 0.00 ? 33 C   A "C4'"  1 
ATOM   1036 O "O4'"  . C   A 1 33 ? -12.186 12.098  -13.872 1.00 0.00 ? 33 C   A "O4'"  1 
ATOM   1037 C "C3'"  . C   A 1 33 ? -13.576 12.970  -15.615 1.00 0.00 ? 33 C   A "C3'"  1 
ATOM   1038 O "O3'"  . C   A 1 33 ? -13.705 14.221  -16.296 1.00 0.00 ? 33 C   A "O3'"  1 
ATOM   1039 C "C2'"  . C   A 1 33 ? -12.499 12.126  -16.270 1.00 0.00 ? 33 C   A "C2'"  1 
ATOM   1040 O "O2'"  . C   A 1 33 ? -11.580 12.938  -17.007 1.00 0.00 ? 33 C   A "O2'"  1 
ATOM   1041 C "C1'"  . C   A 1 33 ? -11.812 11.439  -15.094 1.00 0.00 ? 33 C   A "C1'"  1 
ATOM   1042 N N1     . C   A 1 33 ? -12.178 10.012  -15.042 1.00 0.00 ? 33 C   A N1     1 
ATOM   1043 C C2     . C   A 1 33 ? -11.734 9.203   -16.075 1.00 0.00 ? 33 C   A C2     1 
ATOM   1044 O O2     . C   A 1 33 ? -11.063 9.681   -16.986 1.00 0.00 ? 33 C   A O2     1 
ATOM   1045 N N3     . C   A 1 33 ? -12.060 7.882   -16.045 1.00 0.00 ? 33 C   A N3     1 
ATOM   1046 C C4     . C   A 1 33 ? -12.791 7.376   -15.042 1.00 0.00 ? 33 C   A C4     1 
ATOM   1047 N N4     . C   A 1 33 ? -13.092 6.076   -15.042 1.00 0.00 ? 33 C   A N4     1 
ATOM   1048 C C5     . C   A 1 33 ? -13.251 8.209   -13.975 1.00 0.00 ? 33 C   A C5     1 
ATOM   1049 C C6     . C   A 1 33 ? -12.924 9.515   -14.014 1.00 0.00 ? 33 C   A C6     1 
ATOM   1050 H "H5'"  . C   A 1 33 ? -14.969 13.944  -13.625 1.00 0.00 ? 33 C   A "H5'"  1 
ATOM   1051 H "H5''" . C   A 1 33 ? -14.614 12.304  -13.042 1.00 0.00 ? 33 C   A "H5''" 1 
ATOM   1052 H "H4'"  . C   A 1 33 ? -12.471 14.116  -14.186 1.00 0.00 ? 33 C   A "H4'"  1 
ATOM   1053 H "H3'"  . C   A 1 33 ? -14.526 12.432  -15.589 1.00 0.00 ? 33 C   A "H3'"  1 
ATOM   1054 H "H2'"  . C   A 1 33 ? -12.958 11.377  -16.921 1.00 0.00 ? 33 C   A "H2'"  1 
ATOM   1055 H "HO2'" . C   A 1 33 ? -11.147 13.521  -16.380 1.00 0.00 ? 33 C   A "HO2'" 1 
ATOM   1056 H "H1'"  . C   A 1 33 ? -10.733 11.516  -15.220 1.00 0.00 ? 33 C   A "H1'"  1 
ATOM   1057 H H41    . C   A 1 33 ? -12.769 5.484   -15.793 1.00 0.00 ? 33 C   A H41    1 
ATOM   1058 H H42    . C   A 1 33 ? -13.642 5.686   -14.291 1.00 0.00 ? 33 C   A H42    1 
ATOM   1059 H H5     . C   A 1 33 ? -13.845 7.801   -13.156 1.00 0.00 ? 33 C   A H5     1 
ATOM   1060 H H6     . C   A 1 33 ? -13.258 10.181  -13.218 1.00 0.00 ? 33 C   A H6     1 
ATOM   1061 P P      . C   A 1 34 ? -14.862 14.438  -17.395 1.00 0.00 ? 34 C   A P      1 
ATOM   1062 O OP1    . C   A 1 34 ? -14.480 15.583  -18.252 1.00 0.00 ? 34 C   A OP1    1 
ATOM   1063 O OP2    . C   A 1 34 ? -16.167 14.442  -16.697 1.00 0.00 ? 34 C   A OP2    1 
ATOM   1064 O "O5'"  . C   A 1 34 ? -14.766 13.094  -18.276 1.00 0.00 ? 34 C   A "O5'"  1 
ATOM   1065 C "C5'"  . C   A 1 34 ? -14.116 13.105  -19.550 1.00 0.00 ? 34 C   A "C5'"  1 
ATOM   1066 C "C4'"  . C   A 1 34 ? -14.687 12.040  -20.479 1.00 0.00 ? 34 C   A "C4'"  1 
ATOM   1067 O "O4'"  . C   A 1 34 ? -14.266 10.737  -20.070 1.00 0.00 ? 34 C   A "O4'"  1 
ATOM   1068 C "C3'"  . C   A 1 34 ? -16.203 12.075  -20.464 1.00 0.00 ? 34 C   A "C3'"  1 
ATOM   1069 O "O3'"  . C   A 1 34 ? -16.716 12.948  -21.477 1.00 0.00 ? 34 C   A "O3'"  1 
ATOM   1070 C "C2'"  . C   A 1 34 ? -16.590 10.631  -20.731 1.00 0.00 ? 34 C   A "C2'"  1 
ATOM   1071 O "O2'"  . C   A 1 34 ? -16.894 10.422  -22.115 1.00 0.00 ? 34 C   A "O2'"  1 
ATOM   1072 C "C1'"  . C   A 1 34 ? -15.357 9.834   -20.309 1.00 0.00 ? 34 C   A "C1'"  1 
ATOM   1073 N N1     . C   A 1 34 ? -15.646 9.041   -19.098 1.00 0.00 ? 34 C   A N1     1 
ATOM   1074 C C2     . C   A 1 34 ? -15.499 7.665   -19.184 1.00 0.00 ? 34 C   A C2     1 
ATOM   1075 O O2     . C   A 1 34 ? -15.134 7.149   -20.239 1.00 0.00 ? 34 C   A O2     1 
ATOM   1076 N N3     . C   A 1 34 ? -15.764 6.918   -18.078 1.00 0.00 ? 34 C   A N3     1 
ATOM   1077 C C4     . C   A 1 34 ? -16.157 7.497   -16.935 1.00 0.00 ? 34 C   A C4     1 
ATOM   1078 N N4     . C   A 1 34 ? -16.411 6.735   -15.871 1.00 0.00 ? 34 C   A N4     1 
ATOM   1079 C C5     . C   A 1 34 ? -16.308 8.916   -16.842 1.00 0.00 ? 34 C   A C5     1 
ATOM   1080 C C6     . C   A 1 34 ? -16.044 9.647   -17.943 1.00 0.00 ? 34 C   A C6     1 
ATOM   1081 H "H5'"  . C   A 1 34 ? -13.052 12.920  -19.408 1.00 0.00 ? 34 C   A "H5'"  1 
ATOM   1082 H "H5''" . C   A 1 34 ? -14.248 14.085  -20.009 1.00 0.00 ? 34 C   A "H5''" 1 
ATOM   1083 H "H4'"  . C   A 1 34 ? -14.337 12.226  -21.495 1.00 0.00 ? 34 C   A "H4'"  1 
ATOM   1084 H "H3'"  . C   A 1 34 ? -16.559 12.379  -19.476 1.00 0.00 ? 34 C   A "H3'"  1 
ATOM   1085 H "HO3'" . C   A 1 34 ? -16.752 12.446  -22.294 1.00 0.00 ? 34 C   A "HO3'" 1 
ATOM   1086 H "H2'"  . C   A 1 34 ? -17.441 10.354  -20.105 1.00 0.00 ? 34 C   A "H2'"  1 
ATOM   1087 H "HO2'" . C   A 1 34 ? -17.377 9.595   -22.180 1.00 0.00 ? 34 C   A "HO2'" 1 
ATOM   1088 H "H1'"  . C   A 1 34 ? -15.083 9.155   -21.116 1.00 0.00 ? 34 C   A "H1'"  1 
ATOM   1089 H H41    . C   A 1 34 ? -16.304 5.732   -15.931 1.00 0.00 ? 34 C   A H41    1 
ATOM   1090 H H42    . C   A 1 34 ? -16.708 7.161   -15.005 1.00 0.00 ? 34 C   A H42    1 
ATOM   1091 H H5     . C   A 1 34 ? -16.626 9.390   -15.914 1.00 0.00 ? 34 C   A H5     1 
ATOM   1092 H H6     . C   A 1 34 ? -16.149 10.731  -17.910 1.00 0.00 ? 34 C   A H6     1 
HETATM 1093 C CA     . GND B 2 .  ? -1.400  0.896   -3.135  1.00 0.00 ? 35 GND A CA     1 
HETATM 1094 C CB     . GND B 2 .  ? -2.580  1.857   -2.984  1.00 0.00 ? 35 GND A CB     1 
HETATM 1095 C CG     . GND B 2 .  ? -2.266  2.877   -1.901  1.00 0.00 ? 35 GND A CG     1 
HETATM 1096 C CD     . GND B 2 .  ? -3.243  4.031   -2.021  1.00 0.00 ? 35 GND A CD     1 
HETATM 1097 N NE     . GND B 2 .  ? -3.257  4.690   -0.693  1.00 0.00 ? 35 GND A NE     1 
HETATM 1098 C CZ     . GND B 2 .  ? -4.174  4.386   0.175   1.00 0.00 ? 35 GND A CZ     1 
HETATM 1099 N NH1    . GND B 2 .  ? -4.267  5.063   1.285   1.00 0.00 ? 35 GND A NH1    1 
HETATM 1100 N NH2    . GND B 2 .  ? -4.974  3.385   -0.045  1.00 0.00 ? 35 GND A NH2    1 
HETATM 1101 C C      . GND B 2 .  ? -1.851  -0.414  -3.787  1.00 0.00 ? 35 GND A C      1 
HETATM 1102 O OXT    . GND B 2 .  ? -3.007  -0.496  -4.168  1.00 0.00 ? 35 GND A OXT    1 
HETATM 1103 O O      . GND B 2 .  ? -1.032  -1.311  -3.893  1.00 0.00 ? 35 GND A O      1 
HETATM 1104 N N      . GND B 2 .  ? -0.436  1.607   -4.024  1.00 0.00 ? 35 GND A N      1 
HETATM 1105 H HA     . GND B 2 .  ? -0.955  0.707   -2.171  1.00 0.00 ? 35 GND A HA     1 
HETATM 1106 H HB1    . GND B 2 .  ? -3.465  1.306   -2.705  1.00 0.00 ? 35 GND A HB1    1 
HETATM 1107 H HB2    . GND B 2 .  ? -2.752  2.371   -3.917  1.00 0.00 ? 35 GND A HB2    1 
HETATM 1108 H HG1    . GND B 2 .  ? -1.262  3.247   -2.035  1.00 0.00 ? 35 GND A HG1    1 
HETATM 1109 H HG2    . GND B 2 .  ? -2.366  2.419   -0.933  1.00 0.00 ? 35 GND A HG2    1 
HETATM 1110 H HD1    . GND B 2 .  ? -4.224  3.660   -2.260  1.00 0.00 ? 35 GND A HD1    1 
HETATM 1111 H HD2    . GND B 2 .  ? -2.902  4.717   -2.772  1.00 0.00 ? 35 GND A HD2    1 
HETATM 1112 H HE     . GND B 2 .  ? -2.610  5.391   -0.490  1.00 0.00 ? 35 GND A HE     1 
HETATM 1113 H HH11   . GND B 2 .  ? -3.638  5.817   1.463   1.00 0.00 ? 35 GND A HH11   1 
HETATM 1114 H HH21   . GND B 2 .  ? -4.886  2.837   -0.873  1.00 0.00 ? 35 GND A HH21   1 
HETATM 1115 H HH22   . GND B 2 .  ? -5.690  3.181   0.610   1.00 0.00 ? 35 GND A HH22   1 
HETATM 1116 H HN1    . GND B 2 .  ? 0.107   2.296   -3.466  1.00 0.00 ? 35 GND A HN1    1 
HETATM 1117 H HN2    . GND B 2 .  ? -0.959  2.103   -4.775  1.00 0.00 ? 35 GND A HN2    1 
HETATM 1118 H HN3    . GND B 2 .  ? 0.215   0.919   -4.451  1.00 0.00 ? 35 GND A HN3    1 
HETATM 1119 H HH12   . GND B 2 .  ? -4.968  4.825   1.958   1.00 0.00 ? 35 GND A HH12   1 
HETATM 1120 C CA     . GND C 2 .  ? 1.400   -0.896  3.135   1.00 0.00 ? 36 GND A CA     1 
HETATM 1121 C CB     . GND C 2 .  ? 2.803   -1.389  3.492   1.00 0.00 ? 36 GND A CB     1 
HETATM 1122 C CG     . GND C 2 .  ? 3.811   -0.840  2.484   1.00 0.00 ? 36 GND A CG     1 
HETATM 1123 C CD     . GND C 2 .  ? 5.211   -0.888  3.097   1.00 0.00 ? 36 GND A CD     1 
HETATM 1124 N NE     . GND C 2 .  ? 6.114   -0.355  2.042   1.00 0.00 ? 36 GND A NE     1 
HETATM 1125 C CZ     . GND C 2 .  ? 6.478   -1.117  1.046   1.00 0.00 ? 36 GND A CZ     1 
HETATM 1126 N NH1    . GND C 2 .  ? 7.306   -0.662  0.146   1.00 0.00 ? 36 GND A NH1    1 
HETATM 1127 N NH2    . GND C 2 .  ? 6.006   -2.330  0.943   1.00 0.00 ? 36 GND A NH2    1 
HETATM 1128 C C      . GND C 2 .  ? 0.352   -1.559  4.034   1.00 0.00 ? 36 GND A C      1 
HETATM 1129 O OXT    . GND C 2 .  ? 0.726   -2.038  5.092   1.00 0.00 ? 36 GND A OXT    1 
HETATM 1130 O O      . GND C 2 .  ? -0.805  -1.576  3.649   1.00 0.00 ? 36 GND A O      1 
HETATM 1131 N N      . GND C 2 .  ? 1.434   0.574   3.381   1.00 0.00 ? 36 GND A N      1 
HETATM 1132 H HA     . GND C 2 .  ? 1.191   -1.100  2.098   1.00 0.00 ? 36 GND A HA     1 
HETATM 1133 H HB1    . GND C 2 .  ? 2.825   -2.468  3.465   1.00 0.00 ? 36 GND A HB1    1 
HETATM 1134 H HB2    . GND C 2 .  ? 3.065   -1.048  4.484   1.00 0.00 ? 36 GND A HB2    1 
HETATM 1135 H HG1    . GND C 2 .  ? 3.561   0.182   2.242   1.00 0.00 ? 36 GND A HG1    1 
HETATM 1136 H HG2    . GND C 2 .  ? 3.788   -1.440  1.586   1.00 0.00 ? 36 GND A HG2    1 
HETATM 1137 H HD1    . GND C 2 .  ? 5.481   -1.905  3.337   1.00 0.00 ? 36 GND A HD1    1 
HETATM 1138 H HD2    . GND C 2 .  ? 5.253   -0.266  3.981   1.00 0.00 ? 36 GND A HD2    1 
HETATM 1139 H HE     . GND C 2 .  ? 6.449   0.563   2.104   1.00 0.00 ? 36 GND A HE     1 
HETATM 1140 H HH11   . GND C 2 .  ? 7.663   0.269   0.220   1.00 0.00 ? 36 GND A HH11   1 
HETATM 1141 H HH21   . GND C 2 .  ? 5.366   -2.679  1.627   1.00 0.00 ? 36 GND A HH21   1 
HETATM 1142 H HH22   . GND C 2 .  ? 6.286   -2.911  0.179   1.00 0.00 ? 36 GND A HH22   1 
HETATM 1143 H HN1    . GND C 2 .  ? 0.476   0.910   3.605   1.00 0.00 ? 36 GND A HN1    1 
HETATM 1144 H HN2    . GND C 2 .  ? 1.783   1.059   2.529   1.00 0.00 ? 36 GND A HN2    1 
HETATM 1145 H HN3    . GND C 2 .  ? 2.066   0.778   4.180   1.00 0.00 ? 36 GND A HN3    1 
HETATM 1146 H HH12   . GND C 2 .  ? 7.586   -1.245  -0.617  1.00 0.00 ? 36 GND A HH12   1 
# 
